data_1J7T
# 
_entry.id   1J7T 
# 
_audit_conform.dict_name       mmcif_pdbx.dic 
_audit_conform.dict_version    5.389 
_audit_conform.dict_location   http://mmcif.pdb.org/dictionaries/ascii/mmcif_pdbx.dic 
# 
loop_
_database_2.database_id 
_database_2.database_code 
_database_2.pdbx_database_accession 
_database_2.pdbx_DOI 
PDB   1J7T         pdb_00001j7t 10.2210/pdb1j7t/pdb 
NDB   DR0006       ?            ?                   
RCSB  RCSB013467   ?            ?                   
WWPDB D_1000013467 ?            ?                   
# 
loop_
_pdbx_audit_revision_history.ordinal 
_pdbx_audit_revision_history.data_content_type 
_pdbx_audit_revision_history.major_revision 
_pdbx_audit_revision_history.minor_revision 
_pdbx_audit_revision_history.revision_date 
1 'Structure model' 1 0 2002-05-18 
2 'Structure model' 1 1 2008-04-27 
3 'Structure model' 1 2 2011-07-13 
4 'Structure model' 1 3 2024-02-07 
5 'Structure model' 1 4 2024-04-03 
# 
_pdbx_audit_revision_details.ordinal             1 
_pdbx_audit_revision_details.revision_ordinal    1 
_pdbx_audit_revision_details.data_content_type   'Structure model' 
_pdbx_audit_revision_details.provider            repository 
_pdbx_audit_revision_details.type                'Initial release' 
_pdbx_audit_revision_details.description         ? 
_pdbx_audit_revision_details.details             ? 
# 
loop_
_pdbx_audit_revision_group.ordinal 
_pdbx_audit_revision_group.revision_ordinal 
_pdbx_audit_revision_group.data_content_type 
_pdbx_audit_revision_group.group 
1 2 'Structure model' 'Version format compliance' 
2 3 'Structure model' 'Version format compliance' 
3 4 'Structure model' 'Data collection'           
4 4 'Structure model' 'Database references'       
5 4 'Structure model' 'Derived calculations'      
6 4 'Structure model' 'Structure summary'         
7 5 'Structure model' 'Refinement description'    
# 
loop_
_pdbx_audit_revision_category.ordinal 
_pdbx_audit_revision_category.revision_ordinal 
_pdbx_audit_revision_category.data_content_type 
_pdbx_audit_revision_category.category 
1 4 'Structure model' chem_comp                     
2 4 'Structure model' chem_comp_atom                
3 4 'Structure model' chem_comp_bond                
4 4 'Structure model' database_2                    
5 4 'Structure model' struct_site                   
6 5 'Structure model' pdbx_initial_refinement_model 
# 
loop_
_pdbx_audit_revision_item.ordinal 
_pdbx_audit_revision_item.revision_ordinal 
_pdbx_audit_revision_item.data_content_type 
_pdbx_audit_revision_item.item 
1 4 'Structure model' '_chem_comp.pdbx_synonyms'            
2 4 'Structure model' '_database_2.pdbx_DOI'                
3 4 'Structure model' '_database_2.pdbx_database_accession' 
4 4 'Structure model' '_struct_site.pdbx_auth_asym_id'      
5 4 'Structure model' '_struct_site.pdbx_auth_comp_id'      
6 4 'Structure model' '_struct_site.pdbx_auth_seq_id'       
# 
_pdbx_database_status.status_code                     REL 
_pdbx_database_status.entry_id                        1J7T 
_pdbx_database_status.recvd_initial_deposition_date   2001-05-18 
_pdbx_database_status.deposit_site                    RCSB 
_pdbx_database_status.process_site                    RCSB 
_pdbx_database_status.status_code_sf                  REL 
_pdbx_database_status.SG_entry                        . 
_pdbx_database_status.pdb_format_compatible           Y 
_pdbx_database_status.status_code_mr                  ? 
_pdbx_database_status.status_code_cs                  ? 
_pdbx_database_status.status_code_nmr_data            ? 
_pdbx_database_status.methods_development_category    ? 
# 
loop_
_audit_author.name 
_audit_author.pdbx_ordinal 
'Vicens, Q.'  1 
'Westhof, E.' 2 
# 
_citation.id                        primary 
_citation.title                     'Crystal structure of paromomycin docked into the eubacterial ribosomal decoding A site.' 
_citation.journal_abbrev            Structure 
_citation.journal_volume            9 
_citation.page_first                647 
_citation.page_last                 658 
_citation.year                      2001 
_citation.journal_id_ASTM           STRUE6 
_citation.country                   UK 
_citation.journal_id_ISSN           0969-2126 
_citation.journal_id_CSD            2005 
_citation.book_publisher            ? 
_citation.pdbx_database_id_PubMed   11587639 
_citation.pdbx_database_id_DOI      '10.1016/S0969-2126(01)00629-3' 
# 
loop_
_citation_author.citation_id 
_citation_author.name 
_citation_author.ordinal 
_citation_author.identifier_ORCID 
primary 'Vicens, Q.'  1 ? 
primary 'Westhof, E.' 2 ? 
# 
loop_
_entity.id 
_entity.type 
_entity.src_method 
_entity.pdbx_description 
_entity.formula_weight 
_entity.pdbx_number_of_molecules 
_entity.pdbx_ec 
_entity.pdbx_mutation 
_entity.pdbx_fragment 
_entity.details 
1 polymer     syn "5'-R(*CP*GP*CP*GP*UP*CP*AP*CP*AP*CP*CP*GP*GP*UP*GP*AP*AP*GP*UP*CP*GP*C)-3'" 7048.259 2  ? ? ? 
'Escherichia coli 16S rRNA A site' 
2 non-polymer syn PAROMOMYCIN                                                                  615.628  2  ? ? ? ? 
3 water       nat water                                                                        18.015   54 ? ? ? ? 
# 
_entity_poly.entity_id                      1 
_entity_poly.type                           polyribonucleotide 
_entity_poly.nstd_linkage                   no 
_entity_poly.nstd_monomer                   no 
_entity_poly.pdbx_seq_one_letter_code       CGCGUCACACCGGUGAAGUCGC 
_entity_poly.pdbx_seq_one_letter_code_can   CGCGUCACACCGGUGAAGUCGC 
_entity_poly.pdbx_strand_id                 A,B 
_entity_poly.pdbx_target_identifier         ? 
# 
loop_
_pdbx_entity_nonpoly.entity_id 
_pdbx_entity_nonpoly.name 
_pdbx_entity_nonpoly.comp_id 
2 PAROMOMYCIN PAR 
3 water       HOH 
# 
loop_
_entity_poly_seq.entity_id 
_entity_poly_seq.num 
_entity_poly_seq.mon_id 
_entity_poly_seq.hetero 
1 1  C n 
1 2  G n 
1 3  C n 
1 4  G n 
1 5  U n 
1 6  C n 
1 7  A n 
1 8  C n 
1 9  A n 
1 10 C n 
1 11 C n 
1 12 G n 
1 13 G n 
1 14 U n 
1 15 G n 
1 16 A n 
1 17 A n 
1 18 G n 
1 19 U n 
1 20 C n 
1 21 G n 
1 22 C n 
# 
loop_
_chem_comp.id 
_chem_comp.type 
_chem_comp.mon_nstd_flag 
_chem_comp.name 
_chem_comp.pdbx_synonyms 
_chem_comp.formula 
_chem_comp.formula_weight 
A   'RNA linking' y "ADENOSINE-5'-MONOPHOSPHATE" ?                                                                             
'C10 H14 N5 O7 P' 347.221 
C   'RNA linking' y "CYTIDINE-5'-MONOPHOSPHATE"  ?                                                                             
'C9 H14 N3 O8 P'  323.197 
G   'RNA linking' y "GUANOSINE-5'-MONOPHOSPHATE" ?                                                                             
'C10 H14 N5 O8 P' 363.221 
HOH non-polymer   . WATER                        ?                                                                             
'H2 O'            18.015  
PAR non-polymer   . PAROMOMYCIN                  'PAROMOMYCIN I; AMMINOSIDIN; CATENULIN; CRESTOMYCIN; MONOMYCIN A; NEOMYCIN E' 
'C23 H45 N5 O14'  615.628 
U   'RNA linking' y "URIDINE-5'-MONOPHOSPHATE"   ?                                                                             
'C9 H13 N2 O9 P'  324.181 
# 
loop_
_pdbx_poly_seq_scheme.asym_id 
_pdbx_poly_seq_scheme.entity_id 
_pdbx_poly_seq_scheme.seq_id 
_pdbx_poly_seq_scheme.mon_id 
_pdbx_poly_seq_scheme.ndb_seq_num 
_pdbx_poly_seq_scheme.pdb_seq_num 
_pdbx_poly_seq_scheme.auth_seq_num 
_pdbx_poly_seq_scheme.pdb_mon_id 
_pdbx_poly_seq_scheme.auth_mon_id 
_pdbx_poly_seq_scheme.pdb_strand_id 
_pdbx_poly_seq_scheme.pdb_ins_code 
_pdbx_poly_seq_scheme.hetero 
A 1 1  C 1  1  ?  ? ? A . n 
A 1 2  G 2  2  1  G G A . n 
A 1 3  C 3  3  2  C C A . n 
A 1 4  G 4  4  3  G G A . n 
A 1 5  U 5  5  4  U U A . n 
A 1 6  C 6  6  5  C C A . n 
A 1 7  A 7  7  6  A A A . n 
A 1 8  C 8  8  7  C C A . n 
A 1 9  A 9  9  8  A A A . n 
A 1 10 C 10 10 9  C C A . n 
A 1 11 C 11 11 10 C C A . n 
A 1 12 G 12 12 11 G G A . n 
A 1 13 G 13 13 12 G G A . n 
A 1 14 U 14 14 13 U U A . n 
A 1 15 G 15 15 14 G G A . n 
A 1 16 A 16 16 15 A A A . n 
A 1 17 A 17 17 16 A A A . n 
A 1 18 G 18 18 17 G G A . n 
A 1 19 U 19 19 18 U U A . n 
A 1 20 C 20 20 19 C C A . n 
A 1 21 G 21 21 20 G G A . n 
A 1 22 C 22 22 21 C C A . n 
B 1 1  C 1  23 ?  ? ? B . n 
B 1 2  G 2  24 22 G G B . n 
B 1 3  C 3  25 23 C C B . n 
B 1 4  G 4  26 24 G G B . n 
B 1 5  U 5  27 25 U U B . n 
B 1 6  C 6  28 26 C C B . n 
B 1 7  A 7  29 27 A A B . n 
B 1 8  C 8  30 28 C C B . n 
B 1 9  A 9  31 29 A A B . n 
B 1 10 C 10 32 30 C C B . n 
B 1 11 C 11 33 31 C C B . n 
B 1 12 G 12 34 32 G G B . n 
B 1 13 G 13 35 33 G G B . n 
B 1 14 U 14 36 34 U U B . n 
B 1 15 G 15 37 35 G G B . n 
B 1 16 A 16 38 36 A A B . n 
B 1 17 A 17 39 37 A A B . n 
B 1 18 G 18 40 38 G G B . n 
B 1 19 U 19 41 39 U U B . n 
B 1 20 C 20 42 40 C C B . n 
B 1 21 G 21 43 41 G G B . n 
B 1 22 C 22 44 42 C C B . n 
# 
loop_
_pdbx_nonpoly_scheme.asym_id 
_pdbx_nonpoly_scheme.entity_id 
_pdbx_nonpoly_scheme.mon_id 
_pdbx_nonpoly_scheme.ndb_seq_num 
_pdbx_nonpoly_scheme.pdb_seq_num 
_pdbx_nonpoly_scheme.auth_seq_num 
_pdbx_nonpoly_scheme.pdb_mon_id 
_pdbx_nonpoly_scheme.auth_mon_id 
_pdbx_nonpoly_scheme.pdb_strand_id 
_pdbx_nonpoly_scheme.pdb_ins_code 
C 2 PAR 1  45  43  PAR PAR A . 
D 2 PAR 1  46  44  PAR PAR B . 
E 3 HOH 1  101 101 HOH HOH A . 
E 3 HOH 2  105 105 HOH HOH A . 
E 3 HOH 3  106 106 HOH HOH A . 
E 3 HOH 4  107 107 HOH HOH A . 
E 3 HOH 5  108 108 HOH HOH A . 
E 3 HOH 6  109 109 HOH HOH A . 
E 3 HOH 7  111 111 HOH HOH A . 
E 3 HOH 8  113 113 HOH HOH A . 
E 3 HOH 9  116 116 HOH HOH A . 
E 3 HOH 10 117 117 HOH HOH A . 
E 3 HOH 11 118 118 HOH HOH A . 
E 3 HOH 12 119 119 HOH HOH A . 
E 3 HOH 13 122 122 HOH HOH A . 
E 3 HOH 14 124 124 HOH HOH A . 
E 3 HOH 15 135 135 HOH HOH A . 
E 3 HOH 16 136 136 HOH HOH A . 
E 3 HOH 17 140 140 HOH HOH A . 
E 3 HOH 18 142 142 HOH HOH A . 
E 3 HOH 19 143 143 HOH HOH A . 
E 3 HOH 20 145 145 HOH HOH A . 
E 3 HOH 21 150 150 HOH HOH A . 
E 3 HOH 22 151 151 HOH HOH A . 
F 3 HOH 1  102 102 HOH HOH B . 
F 3 HOH 2  103 103 HOH HOH B . 
F 3 HOH 3  104 104 HOH HOH B . 
F 3 HOH 4  110 110 HOH HOH B . 
F 3 HOH 5  112 112 HOH HOH B . 
F 3 HOH 6  114 114 HOH HOH B . 
F 3 HOH 7  115 115 HOH HOH B . 
F 3 HOH 8  120 120 HOH HOH B . 
F 3 HOH 9  121 121 HOH HOH B . 
F 3 HOH 10 123 123 HOH HOH B . 
F 3 HOH 11 125 125 HOH HOH B . 
F 3 HOH 12 126 126 HOH HOH B . 
F 3 HOH 13 127 127 HOH HOH B . 
F 3 HOH 14 128 128 HOH HOH B . 
F 3 HOH 15 129 129 HOH HOH B . 
F 3 HOH 16 130 130 HOH HOH B . 
F 3 HOH 17 131 131 HOH HOH B . 
F 3 HOH 18 132 132 HOH HOH B . 
F 3 HOH 19 133 133 HOH HOH B . 
F 3 HOH 20 134 134 HOH HOH B . 
F 3 HOH 21 137 137 HOH HOH B . 
F 3 HOH 22 138 138 HOH HOH B . 
F 3 HOH 23 139 139 HOH HOH B . 
F 3 HOH 24 141 141 HOH HOH B . 
F 3 HOH 25 144 144 HOH HOH B . 
F 3 HOH 26 146 146 HOH HOH B . 
F 3 HOH 27 147 147 HOH HOH B . 
F 3 HOH 28 148 148 HOH HOH B . 
F 3 HOH 29 149 149 HOH HOH B . 
F 3 HOH 30 152 152 HOH HOH B . 
F 3 HOH 31 153 153 HOH HOH B . 
F 3 HOH 32 154 154 HOH HOH B . 
# 
loop_
_software.name 
_software.classification 
_software.version 
_software.citation_id 
_software.pdbx_ordinal 
AMoRE     phasing          .   ? 1 
CNS       refinement       1.0 ? 2 
DENZO     'data reduction' .   ? 3 
SCALEPACK 'data scaling'   .   ? 4 
# 
_cell.entry_id           1J7T 
_cell.length_a           33.000 
_cell.length_b           45.900 
_cell.length_c           95.300 
_cell.angle_alpha        90.00 
_cell.angle_beta         90.00 
_cell.angle_gamma        90.00 
_cell.Z_PDB              8 
_cell.pdbx_unique_axis   ? 
# 
_symmetry.entry_id                         1J7T 
_symmetry.space_group_name_H-M             'P 21 21 21' 
_symmetry.pdbx_full_space_group_name_H-M   ? 
_symmetry.cell_setting                     ? 
_symmetry.Int_Tables_number                19 
# 
_exptl.entry_id          1J7T 
_exptl.method            'X-RAY DIFFRACTION' 
_exptl.crystals_number   1 
# 
_exptl_crystal.id                    1 
_exptl_crystal.density_meas          ? 
_exptl_crystal.density_Matthews      2.56 
_exptl_crystal.density_percent_sol   51.95 
_exptl_crystal.description           ? 
# 
_exptl_crystal_grow.crystal_id      1 
_exptl_crystal_grow.method          'VAPOR DIFFUSION, HANGING DROP' 
_exptl_crystal_grow.temp            310 
_exptl_crystal_grow.temp_details    ? 
_exptl_crystal_grow.pH              6.4 
_exptl_crystal_grow.pdbx_details    
'MPD, NaCl, MgSO4, glycerol, Na cacodylate, pH 6.4, VAPOR DIFFUSION, HANGING DROP, temperature 310K' 
_exptl_crystal_grow.pdbx_pH_range   . 
# 
loop_
_exptl_crystal_grow_comp.crystal_id 
_exptl_crystal_grow_comp.id 
_exptl_crystal_grow_comp.sol_id 
_exptl_crystal_grow_comp.name 
_exptl_crystal_grow_comp.volume 
_exptl_crystal_grow_comp.conc 
_exptl_crystal_grow_comp.details 
1 1 1 MPD                 ? ? ? 
1 2 1 NaCl                ? ? ? 
1 3 1 MgSO4               ? ? ? 
1 4 1 glycerol            ? ? ? 
1 5 1 'sodium cacodylate' ? ? ? 
1 6 2 MPD                 ? ? ? 
# 
_diffrn.id                     1 
_diffrn.ambient_temp           100 
_diffrn.ambient_temp_details   ? 
_diffrn.crystal_id             1 
# 
_diffrn_detector.diffrn_id              1 
_diffrn_detector.detector               CCD 
_diffrn_detector.type                   MARRESEARCH 
_diffrn_detector.pdbx_collection_date   2000-09-28 
_diffrn_detector.details                ? 
# 
_diffrn_radiation.diffrn_id                        1 
_diffrn_radiation.wavelength_id                    1 
_diffrn_radiation.pdbx_monochromatic_or_laue_m_l   M 
_diffrn_radiation.monochromator                    'Diamond (111), Ge(220)' 
_diffrn_radiation.pdbx_diffrn_protocol             'SINGLE WAVELENGTH' 
_diffrn_radiation.pdbx_scattering_type             x-ray 
# 
_diffrn_radiation_wavelength.id           1 
_diffrn_radiation_wavelength.wavelength   0.934 
_diffrn_radiation_wavelength.wt           1.0 
# 
_diffrn_source.diffrn_id                   1 
_diffrn_source.source                      SYNCHROTRON 
_diffrn_source.type                        'ESRF BEAMLINE ID14-1' 
_diffrn_source.pdbx_synchrotron_site       ESRF 
_diffrn_source.pdbx_synchrotron_beamline   ID14-1 
_diffrn_source.pdbx_wavelength             ? 
_diffrn_source.pdbx_wavelength_list        0.934 
# 
_reflns.entry_id                     1J7T 
_reflns.observed_criterion_sigma_I   ? 
_reflns.observed_criterion_sigma_F   ? 
_reflns.d_resolution_low             15.0 
_reflns.d_resolution_high            2.5 
_reflns.number_obs                   5144 
_reflns.number_all                   5144 
_reflns.percent_possible_obs         95.0 
_reflns.pdbx_Rmerge_I_obs            ? 
_reflns.pdbx_Rsym_value              0.0550000 
_reflns.pdbx_netI_over_sigmaI        24.4 
_reflns.B_iso_Wilson_estimate        ? 
_reflns.pdbx_redundancy              9.7 
_reflns.R_free_details               ? 
_reflns.pdbx_diffrn_id               1 
_reflns.pdbx_ordinal                 1 
# 
_reflns_shell.d_res_high             2.50 
_reflns_shell.d_res_low              2.59 
_reflns_shell.percent_possible_all   97.4 
_reflns_shell.Rmerge_I_obs           ? 
_reflns_shell.pdbx_Rsym_value        0.2300000 
_reflns_shell.meanI_over_sigI_obs    6.5 
_reflns_shell.pdbx_redundancy        ? 
_reflns_shell.percent_possible_obs   ? 
_reflns_shell.number_unique_all      ? 
_reflns_shell.pdbx_diffrn_id         ? 
_reflns_shell.pdbx_ordinal           1 
# 
_refine.entry_id                                 1J7T 
_refine.ls_number_reflns_obs                     4772 
_refine.ls_number_reflns_all                     5278 
_refine.pdbx_ls_sigma_I                          ? 
_refine.pdbx_ls_sigma_F                          1.5 
_refine.pdbx_data_cutoff_high_absF               ? 
_refine.pdbx_data_cutoff_low_absF                ? 
_refine.ls_d_res_low                             15 
_refine.ls_d_res_high                            2.5 
_refine.ls_percent_reflns_obs                    90.4 
_refine.ls_R_factor_obs                          ? 
_refine.ls_R_factor_all                          ? 
_refine.ls_R_factor_R_work                       0.2060000 
_refine.ls_R_factor_R_free                       0.2470000 
_refine.ls_R_factor_R_free_error                 ? 
_refine.ls_R_factor_R_free_error_details         ? 
_refine.ls_percent_reflns_R_free                 ? 
_refine.ls_number_reflns_R_free                  395 
_refine.ls_number_parameters                     ? 
_refine.ls_number_restraints                     ? 
_refine.occupancy_min                            ? 
_refine.occupancy_max                            ? 
_refine.B_iso_mean                               52.7 
_refine.aniso_B[1][1]                            ? 
_refine.aniso_B[2][2]                            ? 
_refine.aniso_B[3][3]                            ? 
_refine.aniso_B[1][2]                            ? 
_refine.aniso_B[1][3]                            ? 
_refine.aniso_B[2][3]                            ? 
_refine.solvent_model_details                    ? 
_refine.solvent_model_param_ksol                 ? 
_refine.solvent_model_param_bsol                 ? 
_refine.pdbx_ls_cross_valid_method               ? 
_refine.details                                  ? 
_refine.pdbx_starting_model                      
;Model containing the 16S rRNA A site as solved in the crystallographic structure of the 30S ribosomal particle complexed to paromomycin
;
_refine.pdbx_method_to_determine_struct          'MOLECULAR REPLACEMENT' 
_refine.pdbx_isotropic_thermal_model             isotropic 
_refine.pdbx_stereochemistry_target_values       
;G. Parkinson, J. Vojtechovsky, L. Clowney, A.T. Brunger, H.M. Berman, New Parameters for the Refinement of Nucleic Acid Containing Structures, Acta Cryst. D, 52, 57-64 (1996)
;
_refine.pdbx_stereochem_target_val_spec_case     ? 
_refine.pdbx_R_Free_selection_details            random 
_refine.pdbx_overall_ESU_R_Free                  ? 
_refine.overall_SU_B                             ? 
_refine.ls_redundancy_reflns_obs                 ? 
_refine.correlation_coeff_Fo_to_Fc               ? 
_refine.overall_SU_R_Cruickshank_DPI             ? 
_refine.overall_SU_R_free                        ? 
_refine.overall_SU_ML                            ? 
_refine.pdbx_overall_ESU_R                       ? 
_refine.pdbx_data_cutoff_high_rms_absF           ? 
_refine.correlation_coeff_Fo_to_Fc_free          ? 
_refine.pdbx_solvent_vdw_probe_radii             ? 
_refine.pdbx_solvent_ion_probe_radii             ? 
_refine.pdbx_solvent_shrinkage_radii             ? 
_refine.pdbx_refine_id                           'X-RAY DIFFRACTION' 
_refine.pdbx_diffrn_id                           1 
_refine.pdbx_TLS_residual_ADP_flag               ? 
_refine.pdbx_overall_phase_error                 ? 
_refine.pdbx_overall_SU_R_free_Cruickshank_DPI   ? 
_refine.pdbx_overall_SU_R_Blow_DPI               ? 
_refine.pdbx_overall_SU_R_free_Blow_DPI          ? 
# 
_refine_hist.pdbx_refine_id                   'X-RAY DIFFRACTION' 
_refine_hist.cycle_id                         LAST 
_refine_hist.pdbx_number_atoms_protein        0 
_refine_hist.pdbx_number_atoms_nucleic_acid   898 
_refine_hist.pdbx_number_atoms_ligand         84 
_refine_hist.number_atoms_solvent             54 
_refine_hist.number_atoms_total               1036 
_refine_hist.d_res_high                       2.5 
_refine_hist.d_res_low                        15 
# 
loop_
_refine_ls_restr.type 
_refine_ls_restr.dev_ideal 
_refine_ls_restr.dev_ideal_target 
_refine_ls_restr.weight 
_refine_ls_restr.number 
_refine_ls_restr.pdbx_refine_id 
_refine_ls_restr.pdbx_restraint_function 
c_bond_d           0.011222 ? ? ? 'X-RAY DIFFRACTION' ? 
c_angle_deg        1.64474  ? ? ? 'X-RAY DIFFRACTION' ? 
c_dihedral_angle_d 10.12787 ? ? ? 'X-RAY DIFFRACTION' ? 
c_improper_angle_d 1.57160  ? ? ? 'X-RAY DIFFRACTION' ? 
# 
_struct.entry_id                  1J7T 
_struct.title                     'Complex between Paromomycin and the 16S-rRNA A-site at 2.5 A resolution' 
_struct.pdbx_model_details        ? 
_struct.pdbx_CASP_flag            ? 
_struct.pdbx_model_type_details   ? 
# 
_struct_keywords.entry_id        1J7T 
_struct_keywords.pdbx_keywords   RNA 
_struct_keywords.text            'RNA-aminoglycoside interactions, A site, UoU pairs, AA bulges, RNA' 
# 
loop_
_struct_asym.id 
_struct_asym.pdbx_blank_PDB_chainid_flag 
_struct_asym.pdbx_modified 
_struct_asym.entity_id 
_struct_asym.details 
A N N 1 ? 
B N N 1 ? 
C N N 2 ? 
D N N 2 ? 
E N N 3 ? 
F N N 3 ? 
# 
_struct_ref.id                         1 
_struct_ref.entity_id                  1 
_struct_ref.db_name                    PDB 
_struct_ref.db_code                    1J7T 
_struct_ref.pdbx_db_accession          1J7T 
_struct_ref.pdbx_db_isoform            ? 
_struct_ref.pdbx_seq_one_letter_code   ? 
_struct_ref.pdbx_align_begin           ? 
# 
loop_
_struct_ref_seq.align_id 
_struct_ref_seq.ref_id 
_struct_ref_seq.pdbx_PDB_id_code 
_struct_ref_seq.pdbx_strand_id 
_struct_ref_seq.seq_align_beg 
_struct_ref_seq.pdbx_seq_align_beg_ins_code 
_struct_ref_seq.seq_align_end 
_struct_ref_seq.pdbx_seq_align_end_ins_code 
_struct_ref_seq.pdbx_db_accession 
_struct_ref_seq.db_align_beg 
_struct_ref_seq.pdbx_db_align_beg_ins_code 
_struct_ref_seq.db_align_end 
_struct_ref_seq.pdbx_db_align_end_ins_code 
_struct_ref_seq.pdbx_auth_seq_align_beg 
_struct_ref_seq.pdbx_auth_seq_align_end 
1 1 1J7T A 1 ? 22 ? 1J7T 1  ? 22 ? 1  22 
2 1 1J7T B 1 ? 22 ? 1J7T 23 ? 44 ? 23 44 
# 
_pdbx_struct_assembly.id                   1 
_pdbx_struct_assembly.details              author_defined_assembly 
_pdbx_struct_assembly.method_details       ? 
_pdbx_struct_assembly.oligomeric_details   dimeric 
_pdbx_struct_assembly.oligomeric_count     2 
# 
_pdbx_struct_assembly_gen.assembly_id       1 
_pdbx_struct_assembly_gen.oper_expression   1 
_pdbx_struct_assembly_gen.asym_id_list      A,B,C,D,E,F 
# 
_pdbx_struct_oper_list.id                   1 
_pdbx_struct_oper_list.type                 'identity operation' 
_pdbx_struct_oper_list.name                 1_555 
_pdbx_struct_oper_list.symmetry_operation   x,y,z 
_pdbx_struct_oper_list.matrix[1][1]         1.0000000000 
_pdbx_struct_oper_list.matrix[1][2]         0.0000000000 
_pdbx_struct_oper_list.matrix[1][3]         0.0000000000 
_pdbx_struct_oper_list.vector[1]            0.0000000000 
_pdbx_struct_oper_list.matrix[2][1]         0.0000000000 
_pdbx_struct_oper_list.matrix[2][2]         1.0000000000 
_pdbx_struct_oper_list.matrix[2][3]         0.0000000000 
_pdbx_struct_oper_list.vector[2]            0.0000000000 
_pdbx_struct_oper_list.matrix[3][1]         0.0000000000 
_pdbx_struct_oper_list.matrix[3][2]         0.0000000000 
_pdbx_struct_oper_list.matrix[3][3]         1.0000000000 
_pdbx_struct_oper_list.vector[3]            0.0000000000 
# 
loop_
_struct_conn.id 
_struct_conn.conn_type_id 
_struct_conn.pdbx_leaving_atom_flag 
_struct_conn.pdbx_PDB_id 
_struct_conn.ptnr1_label_asym_id 
_struct_conn.ptnr1_label_comp_id 
_struct_conn.ptnr1_label_seq_id 
_struct_conn.ptnr1_label_atom_id 
_struct_conn.pdbx_ptnr1_label_alt_id 
_struct_conn.pdbx_ptnr1_PDB_ins_code 
_struct_conn.pdbx_ptnr1_standard_comp_id 
_struct_conn.ptnr1_symmetry 
_struct_conn.ptnr2_label_asym_id 
_struct_conn.ptnr2_label_comp_id 
_struct_conn.ptnr2_label_seq_id 
_struct_conn.ptnr2_label_atom_id 
_struct_conn.pdbx_ptnr2_label_alt_id 
_struct_conn.pdbx_ptnr2_PDB_ins_code 
_struct_conn.ptnr1_auth_asym_id 
_struct_conn.ptnr1_auth_comp_id 
_struct_conn.ptnr1_auth_seq_id 
_struct_conn.ptnr2_auth_asym_id 
_struct_conn.ptnr2_auth_comp_id 
_struct_conn.ptnr2_auth_seq_id 
_struct_conn.ptnr2_symmetry 
_struct_conn.pdbx_ptnr3_label_atom_id 
_struct_conn.pdbx_ptnr3_label_seq_id 
_struct_conn.pdbx_ptnr3_label_comp_id 
_struct_conn.pdbx_ptnr3_label_asym_id 
_struct_conn.pdbx_ptnr3_label_alt_id 
_struct_conn.pdbx_ptnr3_PDB_ins_code 
_struct_conn.details 
_struct_conn.pdbx_dist_value 
_struct_conn.pdbx_value_order 
_struct_conn.pdbx_role 
hydrog1  hydrog ? ? A G 2  N1 ? ? ? 1_555 B C 22 N3 ? ? A G 2  B C 44 1_555 ? ? ? ? ? ? WATSON-CRICK  ? ? ? 
hydrog2  hydrog ? ? A G 2  N2 ? ? ? 1_555 B C 22 O2 ? ? A G 2  B C 44 1_555 ? ? ? ? ? ? WATSON-CRICK  ? ? ? 
hydrog3  hydrog ? ? A G 2  O6 ? ? ? 1_555 B C 22 N4 ? ? A G 2  B C 44 1_555 ? ? ? ? ? ? WATSON-CRICK  ? ? ? 
hydrog4  hydrog ? ? A C 3  N3 ? ? ? 1_555 B G 21 N1 ? ? A C 3  B G 43 1_555 ? ? ? ? ? ? WATSON-CRICK  ? ? ? 
hydrog5  hydrog ? ? A C 3  N4 ? ? ? 1_555 B G 21 O6 ? ? A C 3  B G 43 1_555 ? ? ? ? ? ? WATSON-CRICK  ? ? ? 
hydrog6  hydrog ? ? A C 3  O2 ? ? ? 1_555 B G 21 N2 ? ? A C 3  B G 43 1_555 ? ? ? ? ? ? WATSON-CRICK  ? ? ? 
hydrog7  hydrog ? ? A G 4  N1 ? ? ? 1_555 B C 20 N3 ? ? A G 4  B C 42 1_555 ? ? ? ? ? ? WATSON-CRICK  ? ? ? 
hydrog8  hydrog ? ? A G 4  N2 ? ? ? 1_555 B C 20 O2 ? ? A G 4  B C 42 1_555 ? ? ? ? ? ? WATSON-CRICK  ? ? ? 
hydrog9  hydrog ? ? A G 4  O6 ? ? ? 1_555 B C 20 N4 ? ? A G 4  B C 42 1_555 ? ? ? ? ? ? WATSON-CRICK  ? ? ? 
hydrog10 hydrog ? ? A U 5  O4 ? ? ? 1_555 B U 19 N3 ? ? A U 5  B U 41 1_555 ? ? ? ? ? ? 'U-U MISPAIR' ? ? ? 
hydrog11 hydrog ? ? A C 6  N3 ? ? ? 1_555 B G 18 N1 ? ? A C 6  B G 40 1_555 ? ? ? ? ? ? WATSON-CRICK  ? ? ? 
hydrog12 hydrog ? ? A C 6  N4 ? ? ? 1_555 B G 18 O6 ? ? A C 6  B G 40 1_555 ? ? ? ? ? ? WATSON-CRICK  ? ? ? 
hydrog13 hydrog ? ? A C 6  O2 ? ? ? 1_555 B G 18 N2 ? ? A C 6  B G 40 1_555 ? ? ? ? ? ? WATSON-CRICK  ? ? ? 
hydrog14 hydrog ? ? A C 8  N3 ? ? ? 1_555 B G 15 N1 ? ? A C 8  B G 37 1_555 ? ? ? ? ? ? WATSON-CRICK  ? ? ? 
hydrog15 hydrog ? ? A C 8  N4 ? ? ? 1_555 B G 15 O6 ? ? A C 8  B G 37 1_555 ? ? ? ? ? ? WATSON-CRICK  ? ? ? 
hydrog16 hydrog ? ? A C 8  O2 ? ? ? 1_555 B G 15 N2 ? ? A C 8  B G 37 1_555 ? ? ? ? ? ? WATSON-CRICK  ? ? ? 
hydrog17 hydrog ? ? A A 9  N1 ? ? ? 1_555 B U 14 N3 ? ? A A 9  B U 36 1_555 ? ? ? ? ? ? WATSON-CRICK  ? ? ? 
hydrog18 hydrog ? ? A A 9  N6 ? ? ? 1_555 B U 14 O4 ? ? A A 9  B U 36 1_555 ? ? ? ? ? ? WATSON-CRICK  ? ? ? 
hydrog19 hydrog ? ? A C 10 N3 ? ? ? 1_555 B G 13 N1 ? ? A C 10 B G 35 1_555 ? ? ? ? ? ? WATSON-CRICK  ? ? ? 
hydrog20 hydrog ? ? A C 10 N4 ? ? ? 1_555 B G 13 O6 ? ? A C 10 B G 35 1_555 ? ? ? ? ? ? WATSON-CRICK  ? ? ? 
hydrog21 hydrog ? ? A C 10 O2 ? ? ? 1_555 B G 13 N2 ? ? A C 10 B G 35 1_555 ? ? ? ? ? ? WATSON-CRICK  ? ? ? 
hydrog22 hydrog ? ? A C 11 N3 ? ? ? 1_555 B G 12 N1 ? ? A C 11 B G 34 1_555 ? ? ? ? ? ? WATSON-CRICK  ? ? ? 
hydrog23 hydrog ? ? A C 11 N4 ? ? ? 1_555 B G 12 O6 ? ? A C 11 B G 34 1_555 ? ? ? ? ? ? WATSON-CRICK  ? ? ? 
hydrog24 hydrog ? ? A C 11 O2 ? ? ? 1_555 B G 12 N2 ? ? A C 11 B G 34 1_555 ? ? ? ? ? ? WATSON-CRICK  ? ? ? 
hydrog25 hydrog ? ? A G 12 N1 ? ? ? 1_555 B C 11 N3 ? ? A G 12 B C 33 1_555 ? ? ? ? ? ? WATSON-CRICK  ? ? ? 
hydrog26 hydrog ? ? A G 12 N2 ? ? ? 1_555 B C 11 O2 ? ? A G 12 B C 33 1_555 ? ? ? ? ? ? WATSON-CRICK  ? ? ? 
hydrog27 hydrog ? ? A G 12 O6 ? ? ? 1_555 B C 11 N4 ? ? A G 12 B C 33 1_555 ? ? ? ? ? ? WATSON-CRICK  ? ? ? 
hydrog28 hydrog ? ? A G 13 N1 ? ? ? 1_555 B C 10 N3 ? ? A G 13 B C 32 1_555 ? ? ? ? ? ? WATSON-CRICK  ? ? ? 
hydrog29 hydrog ? ? A G 13 N2 ? ? ? 1_555 B C 10 O2 ? ? A G 13 B C 32 1_555 ? ? ? ? ? ? WATSON-CRICK  ? ? ? 
hydrog30 hydrog ? ? A G 13 O6 ? ? ? 1_555 B C 10 N4 ? ? A G 13 B C 32 1_555 ? ? ? ? ? ? WATSON-CRICK  ? ? ? 
hydrog31 hydrog ? ? A U 14 N3 ? ? ? 1_555 B A 9  N1 ? ? A U 14 B A 31 1_555 ? ? ? ? ? ? WATSON-CRICK  ? ? ? 
hydrog32 hydrog ? ? A U 14 O4 ? ? ? 1_555 B A 9  N6 ? ? A U 14 B A 31 1_555 ? ? ? ? ? ? WATSON-CRICK  ? ? ? 
hydrog33 hydrog ? ? A G 15 N1 ? ? ? 1_555 B C 8  N3 ? ? A G 15 B C 30 1_555 ? ? ? ? ? ? WATSON-CRICK  ? ? ? 
hydrog34 hydrog ? ? A G 15 N2 ? ? ? 1_555 B C 8  O2 ? ? A G 15 B C 30 1_555 ? ? ? ? ? ? WATSON-CRICK  ? ? ? 
hydrog35 hydrog ? ? A G 15 O6 ? ? ? 1_555 B C 8  N4 ? ? A G 15 B C 30 1_555 ? ? ? ? ? ? WATSON-CRICK  ? ? ? 
hydrog36 hydrog ? ? A G 18 N1 ? ? ? 1_555 B C 6  N3 ? ? A G 18 B C 28 1_555 ? ? ? ? ? ? WATSON-CRICK  ? ? ? 
hydrog37 hydrog ? ? A G 18 N2 ? ? ? 1_555 B C 6  O2 ? ? A G 18 B C 28 1_555 ? ? ? ? ? ? WATSON-CRICK  ? ? ? 
hydrog38 hydrog ? ? A G 18 O6 ? ? ? 1_555 B C 6  N4 ? ? A G 18 B C 28 1_555 ? ? ? ? ? ? WATSON-CRICK  ? ? ? 
hydrog39 hydrog ? ? A U 19 N3 ? ? ? 1_555 B U 5  O4 ? ? A U 19 B U 27 1_555 ? ? ? ? ? ? 'U-U MISPAIR' ? ? ? 
hydrog40 hydrog ? ? A C 20 N3 ? ? ? 1_555 B G 4  N1 ? ? A C 20 B G 26 1_555 ? ? ? ? ? ? WATSON-CRICK  ? ? ? 
hydrog41 hydrog ? ? A C 20 N4 ? ? ? 1_555 B G 4  O6 ? ? A C 20 B G 26 1_555 ? ? ? ? ? ? WATSON-CRICK  ? ? ? 
hydrog42 hydrog ? ? A C 20 O2 ? ? ? 1_555 B G 4  N2 ? ? A C 20 B G 26 1_555 ? ? ? ? ? ? WATSON-CRICK  ? ? ? 
hydrog43 hydrog ? ? A G 21 N1 ? ? ? 1_555 B C 3  N3 ? ? A G 21 B C 25 1_555 ? ? ? ? ? ? WATSON-CRICK  ? ? ? 
hydrog44 hydrog ? ? A G 21 N2 ? ? ? 1_555 B C 3  O2 ? ? A G 21 B C 25 1_555 ? ? ? ? ? ? WATSON-CRICK  ? ? ? 
hydrog45 hydrog ? ? A G 21 O6 ? ? ? 1_555 B C 3  N4 ? ? A G 21 B C 25 1_555 ? ? ? ? ? ? WATSON-CRICK  ? ? ? 
hydrog46 hydrog ? ? A C 22 N3 ? ? ? 1_555 B G 2  N1 ? ? A C 22 B G 24 1_555 ? ? ? ? ? ? WATSON-CRICK  ? ? ? 
hydrog47 hydrog ? ? A C 22 N4 ? ? ? 1_555 B G 2  O6 ? ? A C 22 B G 24 1_555 ? ? ? ? ? ? WATSON-CRICK  ? ? ? 
hydrog48 hydrog ? ? A C 22 O2 ? ? ? 1_555 B G 2  N2 ? ? A C 22 B G 24 1_555 ? ? ? ? ? ? WATSON-CRICK  ? ? ? 
# 
_struct_conn_type.id          hydrog 
_struct_conn_type.criteria    ? 
_struct_conn_type.reference   ? 
# 
loop_
_struct_site.id 
_struct_site.pdbx_evidence_code 
_struct_site.pdbx_auth_asym_id 
_struct_site.pdbx_auth_comp_id 
_struct_site.pdbx_auth_seq_id 
_struct_site.pdbx_auth_ins_code 
_struct_site.pdbx_num_residues 
_struct_site.details 
AC1 Software A PAR 45 ? 12 'BINDING SITE FOR RESIDUE PAR A 45' 
AC2 Software B PAR 46 ? 14 'BINDING SITE FOR RESIDUE PAR B 46' 
1   ?        ? ?   ?  ? ?  ?                                   
# 
loop_
_struct_site_gen.id 
_struct_site_gen.site_id 
_struct_site_gen.pdbx_num_res 
_struct_site_gen.label_comp_id 
_struct_site_gen.label_asym_id 
_struct_site_gen.label_seq_id 
_struct_site_gen.pdbx_auth_ins_code 
_struct_site_gen.auth_comp_id 
_struct_site_gen.auth_asym_id 
_struct_site_gen.auth_seq_id 
_struct_site_gen.label_atom_id 
_struct_site_gen.label_alt_id 
_struct_site_gen.symmetry 
_struct_site_gen.details 
1  AC1 12 U   A 14 ? U   A 14  . ? 1_555 ? 
2  AC1 12 G   A 15 ? G   A 15  . ? 1_555 ? 
3  AC1 12 A   A 16 ? A   A 16  . ? 1_555 ? 
4  AC1 12 A   A 17 ? A   A 17  . ? 1_555 ? 
5  AC1 12 G   A 18 ? G   A 18  . ? 1_555 ? 
6  AC1 12 U   A 19 ? U   A 19  . ? 1_555 ? 
7  AC1 12 G   B 4  ? G   B 26  . ? 1_555 ? 
8  AC1 12 U   B 5  ? U   B 27  . ? 1_555 ? 
9  AC1 12 C   B 6  ? C   B 28  . ? 1_555 ? 
10 AC1 12 A   B 7  ? A   B 29  . ? 1_555 ? 
11 AC1 12 C   B 8  ? C   B 30  . ? 1_555 ? 
12 AC1 12 HOH F .  ? HOH B 154 . ? 1_555 ? 
13 AC2 14 G   A 4  ? G   A 4   . ? 1_555 ? 
14 AC2 14 U   A 5  ? U   A 5   . ? 1_555 ? 
15 AC2 14 C   A 6  ? C   A 6   . ? 1_555 ? 
16 AC2 14 A   A 7  ? A   A 7   . ? 1_555 ? 
17 AC2 14 HOH E .  ? HOH A 108 . ? 1_555 ? 
18 AC2 14 HOH E .  ? HOH A 113 . ? 1_555 ? 
19 AC2 14 U   B 14 ? U   B 36  . ? 1_555 ? 
20 AC2 14 G   B 15 ? G   B 37  . ? 1_555 ? 
21 AC2 14 A   B 16 ? A   B 38  . ? 1_555 ? 
22 AC2 14 A   B 17 ? A   B 39  . ? 1_555 ? 
23 AC2 14 G   B 18 ? G   B 40  . ? 1_555 ? 
24 AC2 14 U   B 19 ? U   B 41  . ? 1_555 ? 
25 AC2 14 HOH F .  ? HOH B 120 . ? 1_555 ? 
26 AC2 14 HOH F .  ? HOH B 132 . ? 1_555 ? 
# 
_pdbx_validate_rmsd_angle.id                         1 
_pdbx_validate_rmsd_angle.PDB_model_num              1 
_pdbx_validate_rmsd_angle.auth_atom_id_1             "O5'" 
_pdbx_validate_rmsd_angle.auth_asym_id_1             B 
_pdbx_validate_rmsd_angle.auth_comp_id_1             A 
_pdbx_validate_rmsd_angle.auth_seq_id_1              38 
_pdbx_validate_rmsd_angle.PDB_ins_code_1             ? 
_pdbx_validate_rmsd_angle.label_alt_id_1             ? 
_pdbx_validate_rmsd_angle.auth_atom_id_2             P 
_pdbx_validate_rmsd_angle.auth_asym_id_2             B 
_pdbx_validate_rmsd_angle.auth_comp_id_2             A 
_pdbx_validate_rmsd_angle.auth_seq_id_2              38 
_pdbx_validate_rmsd_angle.PDB_ins_code_2             ? 
_pdbx_validate_rmsd_angle.label_alt_id_2             ? 
_pdbx_validate_rmsd_angle.auth_atom_id_3             OP1 
_pdbx_validate_rmsd_angle.auth_asym_id_3             B 
_pdbx_validate_rmsd_angle.auth_comp_id_3             A 
_pdbx_validate_rmsd_angle.auth_seq_id_3              38 
_pdbx_validate_rmsd_angle.PDB_ins_code_3             ? 
_pdbx_validate_rmsd_angle.label_alt_id_3             ? 
_pdbx_validate_rmsd_angle.angle_value                99.57 
_pdbx_validate_rmsd_angle.angle_target_value         105.70 
_pdbx_validate_rmsd_angle.angle_deviation            -6.13 
_pdbx_validate_rmsd_angle.angle_standard_deviation   0.90 
_pdbx_validate_rmsd_angle.linker_flag                N 
# 
loop_
_pdbx_validate_planes.id 
_pdbx_validate_planes.PDB_model_num 
_pdbx_validate_planes.auth_comp_id 
_pdbx_validate_planes.auth_asym_id 
_pdbx_validate_planes.auth_seq_id 
_pdbx_validate_planes.PDB_ins_code 
_pdbx_validate_planes.label_alt_id 
_pdbx_validate_planes.rmsd 
_pdbx_validate_planes.type 
1 1 U A 5  ? ? 0.065 'SIDE CHAIN' 
2 1 U B 36 ? ? 0.071 'SIDE CHAIN' 
# 
_struct_site_keywords.site_id   1 
_struct_site_keywords.text      INTERCALATION 
# 
loop_
_pdbx_unobs_or_zero_occ_residues.id 
_pdbx_unobs_or_zero_occ_residues.PDB_model_num 
_pdbx_unobs_or_zero_occ_residues.polymer_flag 
_pdbx_unobs_or_zero_occ_residues.occupancy_flag 
_pdbx_unobs_or_zero_occ_residues.auth_asym_id 
_pdbx_unobs_or_zero_occ_residues.auth_comp_id 
_pdbx_unobs_or_zero_occ_residues.auth_seq_id 
_pdbx_unobs_or_zero_occ_residues.PDB_ins_code 
_pdbx_unobs_or_zero_occ_residues.label_asym_id 
_pdbx_unobs_or_zero_occ_residues.label_comp_id 
_pdbx_unobs_or_zero_occ_residues.label_seq_id 
1 1 Y 1 A C 1  ? A C 1 
2 1 Y 1 B C 23 ? B C 1 
# 
loop_
_chem_comp_atom.comp_id 
_chem_comp_atom.atom_id 
_chem_comp_atom.type_symbol 
_chem_comp_atom.pdbx_aromatic_flag 
_chem_comp_atom.pdbx_stereo_config 
_chem_comp_atom.pdbx_ordinal 
A   OP3    O N N 1   
A   P      P N N 2   
A   OP1    O N N 3   
A   OP2    O N N 4   
A   "O5'"  O N N 5   
A   "C5'"  C N N 6   
A   "C4'"  C N R 7   
A   "O4'"  O N N 8   
A   "C3'"  C N S 9   
A   "O3'"  O N N 10  
A   "C2'"  C N R 11  
A   "O2'"  O N N 12  
A   "C1'"  C N R 13  
A   N9     N Y N 14  
A   C8     C Y N 15  
A   N7     N Y N 16  
A   C5     C Y N 17  
A   C6     C Y N 18  
A   N6     N N N 19  
A   N1     N Y N 20  
A   C2     C Y N 21  
A   N3     N Y N 22  
A   C4     C Y N 23  
A   HOP3   H N N 24  
A   HOP2   H N N 25  
A   "H5'"  H N N 26  
A   "H5''" H N N 27  
A   "H4'"  H N N 28  
A   "H3'"  H N N 29  
A   "HO3'" H N N 30  
A   "H2'"  H N N 31  
A   "HO2'" H N N 32  
A   "H1'"  H N N 33  
A   H8     H N N 34  
A   H61    H N N 35  
A   H62    H N N 36  
A   H2     H N N 37  
C   OP3    O N N 38  
C   P      P N N 39  
C   OP1    O N N 40  
C   OP2    O N N 41  
C   "O5'"  O N N 42  
C   "C5'"  C N N 43  
C   "C4'"  C N R 44  
C   "O4'"  O N N 45  
C   "C3'"  C N S 46  
C   "O3'"  O N N 47  
C   "C2'"  C N R 48  
C   "O2'"  O N N 49  
C   "C1'"  C N R 50  
C   N1     N N N 51  
C   C2     C N N 52  
C   O2     O N N 53  
C   N3     N N N 54  
C   C4     C N N 55  
C   N4     N N N 56  
C   C5     C N N 57  
C   C6     C N N 58  
C   HOP3   H N N 59  
C   HOP2   H N N 60  
C   "H5'"  H N N 61  
C   "H5''" H N N 62  
C   "H4'"  H N N 63  
C   "H3'"  H N N 64  
C   "HO3'" H N N 65  
C   "H2'"  H N N 66  
C   "HO2'" H N N 67  
C   "H1'"  H N N 68  
C   H41    H N N 69  
C   H42    H N N 70  
C   H5     H N N 71  
C   H6     H N N 72  
G   OP3    O N N 73  
G   P      P N N 74  
G   OP1    O N N 75  
G   OP2    O N N 76  
G   "O5'"  O N N 77  
G   "C5'"  C N N 78  
G   "C4'"  C N R 79  
G   "O4'"  O N N 80  
G   "C3'"  C N S 81  
G   "O3'"  O N N 82  
G   "C2'"  C N R 83  
G   "O2'"  O N N 84  
G   "C1'"  C N R 85  
G   N9     N Y N 86  
G   C8     C Y N 87  
G   N7     N Y N 88  
G   C5     C Y N 89  
G   C6     C N N 90  
G   O6     O N N 91  
G   N1     N N N 92  
G   C2     C N N 93  
G   N2     N N N 94  
G   N3     N N N 95  
G   C4     C Y N 96  
G   HOP3   H N N 97  
G   HOP2   H N N 98  
G   "H5'"  H N N 99  
G   "H5''" H N N 100 
G   "H4'"  H N N 101 
G   "H3'"  H N N 102 
G   "HO3'" H N N 103 
G   "H2'"  H N N 104 
G   "HO2'" H N N 105 
G   "H1'"  H N N 106 
G   H8     H N N 107 
G   H1     H N N 108 
G   H21    H N N 109 
G   H22    H N N 110 
HOH O      O N N 111 
HOH H1     H N N 112 
HOH H2     H N N 113 
PAR C11    C N S 114 
PAR O11    O N N 115 
PAR C21    C N R 116 
PAR N21    N N N 117 
PAR C31    C N R 118 
PAR O31    O N N 119 
PAR C41    C N S 120 
PAR O41    O N N 121 
PAR C51    C N R 122 
PAR O51    O N N 123 
PAR C61    C N N 124 
PAR O61    O N N 125 
PAR C12    C N R 126 
PAR N12    N N N 127 
PAR C22    C N N 128 
PAR C32    C N S 129 
PAR N32    N N N 130 
PAR C42    C N R 131 
PAR C52    C N R 132 
PAR O52    O N N 133 
PAR C62    C N S 134 
PAR O62    O N N 135 
PAR C13    C N S 136 
PAR C23    C N R 137 
PAR O23    O N N 138 
PAR C33    C N S 139 
PAR O33    O N N 140 
PAR C43    C N R 141 
PAR O43    O N N 142 
PAR C53    C N N 143 
PAR O53    O N N 144 
PAR C14    C N R 145 
PAR C24    C N R 146 
PAR N24    N N N 147 
PAR C34    C N R 148 
PAR O34    O N N 149 
PAR C44    C N S 150 
PAR O44    O N N 151 
PAR C54    C N S 152 
PAR O54    O N N 153 
PAR C64    C N N 154 
PAR N64    N N N 155 
PAR H11    H N N 156 
PAR H21    H N N 157 
PAR HN21   H N N 158 
PAR HN22   H N N 159 
PAR H31    H N N 160 
PAR HO31   H N N 161 
PAR H41    H N N 162 
PAR HO41   H N N 163 
PAR H51    H N N 164 
PAR H611   H N N 165 
PAR H612   H N N 166 
PAR HO61   H N N 167 
PAR H12    H N N 168 
PAR H121   H N N 169 
PAR H122   H N N 170 
PAR H221   H N N 171 
PAR H222   H N N 172 
PAR H32    H N N 173 
PAR H321   H N N 174 
PAR H322   H N N 175 
PAR H42    H N N 176 
PAR H52    H N N 177 
PAR H62    H N N 178 
PAR HO62   H N N 179 
PAR H13    H N N 180 
PAR H23    H N N 181 
PAR HO23   H N N 182 
PAR H33    H N N 183 
PAR H43    H N N 184 
PAR H531   H N N 185 
PAR H532   H N N 186 
PAR HO53   H N N 187 
PAR H14    H N N 188 
PAR H24    H N N 189 
PAR H241   H N N 190 
PAR H242   H N N 191 
PAR H34    H N N 192 
PAR HO34   H N N 193 
PAR H44    H N N 194 
PAR HO44   H N N 195 
PAR H54    H N N 196 
PAR H641   H N N 197 
PAR H642   H N N 198 
PAR HN61   H N N 199 
PAR HN62   H N N 200 
U   OP3    O N N 201 
U   P      P N N 202 
U   OP1    O N N 203 
U   OP2    O N N 204 
U   "O5'"  O N N 205 
U   "C5'"  C N N 206 
U   "C4'"  C N R 207 
U   "O4'"  O N N 208 
U   "C3'"  C N S 209 
U   "O3'"  O N N 210 
U   "C2'"  C N R 211 
U   "O2'"  O N N 212 
U   "C1'"  C N R 213 
U   N1     N N N 214 
U   C2     C N N 215 
U   O2     O N N 216 
U   N3     N N N 217 
U   C4     C N N 218 
U   O4     O N N 219 
U   C5     C N N 220 
U   C6     C N N 221 
U   HOP3   H N N 222 
U   HOP2   H N N 223 
U   "H5'"  H N N 224 
U   "H5''" H N N 225 
U   "H4'"  H N N 226 
U   "H3'"  H N N 227 
U   "HO3'" H N N 228 
U   "H2'"  H N N 229 
U   "HO2'" H N N 230 
U   "H1'"  H N N 231 
U   H3     H N N 232 
U   H5     H N N 233 
U   H6     H N N 234 
# 
loop_
_chem_comp_bond.comp_id 
_chem_comp_bond.atom_id_1 
_chem_comp_bond.atom_id_2 
_chem_comp_bond.value_order 
_chem_comp_bond.pdbx_aromatic_flag 
_chem_comp_bond.pdbx_stereo_config 
_chem_comp_bond.pdbx_ordinal 
A   OP3   P      sing N N 1   
A   OP3   HOP3   sing N N 2   
A   P     OP1    doub N N 3   
A   P     OP2    sing N N 4   
A   P     "O5'"  sing N N 5   
A   OP2   HOP2   sing N N 6   
A   "O5'" "C5'"  sing N N 7   
A   "C5'" "C4'"  sing N N 8   
A   "C5'" "H5'"  sing N N 9   
A   "C5'" "H5''" sing N N 10  
A   "C4'" "O4'"  sing N N 11  
A   "C4'" "C3'"  sing N N 12  
A   "C4'" "H4'"  sing N N 13  
A   "O4'" "C1'"  sing N N 14  
A   "C3'" "O3'"  sing N N 15  
A   "C3'" "C2'"  sing N N 16  
A   "C3'" "H3'"  sing N N 17  
A   "O3'" "HO3'" sing N N 18  
A   "C2'" "O2'"  sing N N 19  
A   "C2'" "C1'"  sing N N 20  
A   "C2'" "H2'"  sing N N 21  
A   "O2'" "HO2'" sing N N 22  
A   "C1'" N9     sing N N 23  
A   "C1'" "H1'"  sing N N 24  
A   N9    C8     sing Y N 25  
A   N9    C4     sing Y N 26  
A   C8    N7     doub Y N 27  
A   C8    H8     sing N N 28  
A   N7    C5     sing Y N 29  
A   C5    C6     sing Y N 30  
A   C5    C4     doub Y N 31  
A   C6    N6     sing N N 32  
A   C6    N1     doub Y N 33  
A   N6    H61    sing N N 34  
A   N6    H62    sing N N 35  
A   N1    C2     sing Y N 36  
A   C2    N3     doub Y N 37  
A   C2    H2     sing N N 38  
A   N3    C4     sing Y N 39  
C   OP3   P      sing N N 40  
C   OP3   HOP3   sing N N 41  
C   P     OP1    doub N N 42  
C   P     OP2    sing N N 43  
C   P     "O5'"  sing N N 44  
C   OP2   HOP2   sing N N 45  
C   "O5'" "C5'"  sing N N 46  
C   "C5'" "C4'"  sing N N 47  
C   "C5'" "H5'"  sing N N 48  
C   "C5'" "H5''" sing N N 49  
C   "C4'" "O4'"  sing N N 50  
C   "C4'" "C3'"  sing N N 51  
C   "C4'" "H4'"  sing N N 52  
C   "O4'" "C1'"  sing N N 53  
C   "C3'" "O3'"  sing N N 54  
C   "C3'" "C2'"  sing N N 55  
C   "C3'" "H3'"  sing N N 56  
C   "O3'" "HO3'" sing N N 57  
C   "C2'" "O2'"  sing N N 58  
C   "C2'" "C1'"  sing N N 59  
C   "C2'" "H2'"  sing N N 60  
C   "O2'" "HO2'" sing N N 61  
C   "C1'" N1     sing N N 62  
C   "C1'" "H1'"  sing N N 63  
C   N1    C2     sing N N 64  
C   N1    C6     sing N N 65  
C   C2    O2     doub N N 66  
C   C2    N3     sing N N 67  
C   N3    C4     doub N N 68  
C   C4    N4     sing N N 69  
C   C4    C5     sing N N 70  
C   N4    H41    sing N N 71  
C   N4    H42    sing N N 72  
C   C5    C6     doub N N 73  
C   C5    H5     sing N N 74  
C   C6    H6     sing N N 75  
G   OP3   P      sing N N 76  
G   OP3   HOP3   sing N N 77  
G   P     OP1    doub N N 78  
G   P     OP2    sing N N 79  
G   P     "O5'"  sing N N 80  
G   OP2   HOP2   sing N N 81  
G   "O5'" "C5'"  sing N N 82  
G   "C5'" "C4'"  sing N N 83  
G   "C5'" "H5'"  sing N N 84  
G   "C5'" "H5''" sing N N 85  
G   "C4'" "O4'"  sing N N 86  
G   "C4'" "C3'"  sing N N 87  
G   "C4'" "H4'"  sing N N 88  
G   "O4'" "C1'"  sing N N 89  
G   "C3'" "O3'"  sing N N 90  
G   "C3'" "C2'"  sing N N 91  
G   "C3'" "H3'"  sing N N 92  
G   "O3'" "HO3'" sing N N 93  
G   "C2'" "O2'"  sing N N 94  
G   "C2'" "C1'"  sing N N 95  
G   "C2'" "H2'"  sing N N 96  
G   "O2'" "HO2'" sing N N 97  
G   "C1'" N9     sing N N 98  
G   "C1'" "H1'"  sing N N 99  
G   N9    C8     sing Y N 100 
G   N9    C4     sing Y N 101 
G   C8    N7     doub Y N 102 
G   C8    H8     sing N N 103 
G   N7    C5     sing Y N 104 
G   C5    C6     sing N N 105 
G   C5    C4     doub Y N 106 
G   C6    O6     doub N N 107 
G   C6    N1     sing N N 108 
G   N1    C2     sing N N 109 
G   N1    H1     sing N N 110 
G   C2    N2     sing N N 111 
G   C2    N3     doub N N 112 
G   N2    H21    sing N N 113 
G   N2    H22    sing N N 114 
G   N3    C4     sing N N 115 
HOH O     H1     sing N N 116 
HOH O     H2     sing N N 117 
PAR C11   O11    sing N N 118 
PAR C11   C21    sing N N 119 
PAR C11   O51    sing N N 120 
PAR C11   H11    sing N N 121 
PAR O11   C42    sing N N 122 
PAR C21   N21    sing N N 123 
PAR C21   C31    sing N N 124 
PAR C21   H21    sing N N 125 
PAR N21   HN21   sing N N 126 
PAR N21   HN22   sing N N 127 
PAR C31   O31    sing N N 128 
PAR C31   C41    sing N N 129 
PAR C31   H31    sing N N 130 
PAR O31   HO31   sing N N 131 
PAR C41   O41    sing N N 132 
PAR C41   C51    sing N N 133 
PAR C41   H41    sing N N 134 
PAR O41   HO41   sing N N 135 
PAR C51   O51    sing N N 136 
PAR C51   C61    sing N N 137 
PAR C51   H51    sing N N 138 
PAR C61   O61    sing N N 139 
PAR C61   H611   sing N N 140 
PAR C61   H612   sing N N 141 
PAR O61   HO61   sing N N 142 
PAR C12   N12    sing N N 143 
PAR C12   C22    sing N N 144 
PAR C12   C62    sing N N 145 
PAR C12   H12    sing N N 146 
PAR N12   H121   sing N N 147 
PAR N12   H122   sing N N 148 
PAR C22   C32    sing N N 149 
PAR C22   H221   sing N N 150 
PAR C22   H222   sing N N 151 
PAR C32   N32    sing N N 152 
PAR C32   C42    sing N N 153 
PAR C32   H32    sing N N 154 
PAR N32   H321   sing N N 155 
PAR N32   H322   sing N N 156 
PAR C42   C52    sing N N 157 
PAR C42   H42    sing N N 158 
PAR C52   O52    sing N N 159 
PAR C52   C62    sing N N 160 
PAR C52   H52    sing N N 161 
PAR O52   C13    sing N N 162 
PAR C62   O62    sing N N 163 
PAR C62   H62    sing N N 164 
PAR O62   HO62   sing N N 165 
PAR C13   C23    sing N N 166 
PAR C13   O43    sing N N 167 
PAR C13   H13    sing N N 168 
PAR C23   O23    sing N N 169 
PAR C23   C33    sing N N 170 
PAR C23   H23    sing N N 171 
PAR O23   HO23   sing N N 172 
PAR C33   O33    sing N N 173 
PAR C33   C43    sing N N 174 
PAR C33   H33    sing N N 175 
PAR O33   C14    sing N N 176 
PAR C43   O43    sing N N 177 
PAR C43   C53    sing N N 178 
PAR C43   H43    sing N N 179 
PAR C53   O53    sing N N 180 
PAR C53   H531   sing N N 181 
PAR C53   H532   sing N N 182 
PAR O53   HO53   sing N N 183 
PAR C14   C24    sing N N 184 
PAR C14   O54    sing N N 185 
PAR C14   H14    sing N N 186 
PAR C24   N24    sing N N 187 
PAR C24   C34    sing N N 188 
PAR C24   H24    sing N N 189 
PAR N24   H241   sing N N 190 
PAR N24   H242   sing N N 191 
PAR C34   O34    sing N N 192 
PAR C34   C44    sing N N 193 
PAR C34   H34    sing N N 194 
PAR O34   HO34   sing N N 195 
PAR C44   O44    sing N N 196 
PAR C44   C54    sing N N 197 
PAR C44   H44    sing N N 198 
PAR O44   HO44   sing N N 199 
PAR C54   O54    sing N N 200 
PAR C54   C64    sing N N 201 
PAR C54   H54    sing N N 202 
PAR C64   N64    sing N N 203 
PAR C64   H641   sing N N 204 
PAR C64   H642   sing N N 205 
PAR N64   HN61   sing N N 206 
PAR N64   HN62   sing N N 207 
U   OP3   P      sing N N 208 
U   OP3   HOP3   sing N N 209 
U   P     OP1    doub N N 210 
U   P     OP2    sing N N 211 
U   P     "O5'"  sing N N 212 
U   OP2   HOP2   sing N N 213 
U   "O5'" "C5'"  sing N N 214 
U   "C5'" "C4'"  sing N N 215 
U   "C5'" "H5'"  sing N N 216 
U   "C5'" "H5''" sing N N 217 
U   "C4'" "O4'"  sing N N 218 
U   "C4'" "C3'"  sing N N 219 
U   "C4'" "H4'"  sing N N 220 
U   "O4'" "C1'"  sing N N 221 
U   "C3'" "O3'"  sing N N 222 
U   "C3'" "C2'"  sing N N 223 
U   "C3'" "H3'"  sing N N 224 
U   "O3'" "HO3'" sing N N 225 
U   "C2'" "O2'"  sing N N 226 
U   "C2'" "C1'"  sing N N 227 
U   "C2'" "H2'"  sing N N 228 
U   "O2'" "HO2'" sing N N 229 
U   "C1'" N1     sing N N 230 
U   "C1'" "H1'"  sing N N 231 
U   N1    C2     sing N N 232 
U   N1    C6     sing N N 233 
U   C2    O2     doub N N 234 
U   C2    N3     sing N N 235 
U   N3    C4     sing N N 236 
U   N3    H3     sing N N 237 
U   C4    O4     doub N N 238 
U   C4    C5     sing N N 239 
U   C5    C6     doub N N 240 
U   C5    H5     sing N N 241 
U   C6    H6     sing N N 242 
# 
loop_
_ndb_struct_conf_na.entry_id 
_ndb_struct_conf_na.feature 
1J7T 'double helix'         
1J7T 'a-form double helix'  
1J7T 'mismatched base pair' 
1J7T 'internal loop'        
# 
loop_
_ndb_struct_na_base_pair.model_number 
_ndb_struct_na_base_pair.i_label_asym_id 
_ndb_struct_na_base_pair.i_label_comp_id 
_ndb_struct_na_base_pair.i_label_seq_id 
_ndb_struct_na_base_pair.i_symmetry 
_ndb_struct_na_base_pair.j_label_asym_id 
_ndb_struct_na_base_pair.j_label_comp_id 
_ndb_struct_na_base_pair.j_label_seq_id 
_ndb_struct_na_base_pair.j_symmetry 
_ndb_struct_na_base_pair.shear 
_ndb_struct_na_base_pair.stretch 
_ndb_struct_na_base_pair.stagger 
_ndb_struct_na_base_pair.buckle 
_ndb_struct_na_base_pair.propeller 
_ndb_struct_na_base_pair.opening 
_ndb_struct_na_base_pair.pair_number 
_ndb_struct_na_base_pair.pair_name 
_ndb_struct_na_base_pair.i_auth_asym_id 
_ndb_struct_na_base_pair.i_auth_seq_id 
_ndb_struct_na_base_pair.i_PDB_ins_code 
_ndb_struct_na_base_pair.j_auth_asym_id 
_ndb_struct_na_base_pair.j_auth_seq_id 
_ndb_struct_na_base_pair.j_PDB_ins_code 
_ndb_struct_na_base_pair.hbond_type_28 
_ndb_struct_na_base_pair.hbond_type_12 
1 A G 2  1_555 B C 22 1_555 -0.588 0.057  -0.336 -1.748  1.038   6.585   1  A_G2:C44_B  A 2  ? B 44 ? 19 1 
1 A C 3  1_555 B G 21 1_555 0.151  -0.215 0.395  -0.581  -0.222  -0.885  2  A_C3:G43_B  A 3  ? B 43 ? 19 1 
1 A G 4  1_555 B C 20 1_555 0.404  -0.031 -0.119 -1.749  -4.453  8.874   3  A_G4:C42_B  A 4  ? B 42 ? 19 1 
1 A U 5  1_555 B U 19 1_555 -2.091 -1.282 -0.274 -0.660  -4.899  -22.862 4  A_U5:U41_B  A 5  ? B 41 ? ?  ? 
1 A C 6  1_555 B G 18 1_555 0.537  -0.505 -0.409 3.071   -4.755  5.745   5  A_C6:G40_B  A 6  ? B 40 ? 19 1 
1 A C 8  1_555 B G 15 1_555 0.262  -0.091 0.551  1.071   -20.942 0.600   6  A_C8:G37_B  A 8  ? B 37 ? 19 1 
1 A A 9  1_555 B U 14 1_555 -0.096 -0.213 0.066  -1.594  -16.721 0.425   7  A_A9:U36_B  A 9  ? B 36 ? 20 1 
1 A C 10 1_555 B G 13 1_555 0.164  -0.219 0.248  8.054   -17.354 0.839   8  A_C10:G35_B A 10 ? B 35 ? 19 1 
1 A C 11 1_555 B G 12 1_555 -0.104 -0.301 0.100  -0.053  -9.867  -5.015  9  A_C11:G34_B A 11 ? B 34 ? 19 1 
1 A G 12 1_555 B C 11 1_555 -0.061 -0.325 0.225  0.970   -11.209 -1.110  10 A_G12:C33_B A 12 ? B 33 ? 19 1 
1 A G 13 1_555 B C 10 1_555 -0.598 -0.460 0.014  -2.635  -20.316 0.107   11 A_G13:C32_B A 13 ? B 32 ? 19 1 
1 A U 14 1_555 B A 9  1_555 0.040  -0.238 0.159  -0.457  -18.813 -0.024  12 A_U14:A31_B A 14 ? B 31 ? 20 1 
1 A G 15 1_555 B C 8  1_555 -0.287 -0.383 -0.305 -12.064 -23.876 2.079   13 A_G15:C30_B A 15 ? B 30 ? 19 1 
1 A G 18 1_555 B C 6  1_555 -0.044 -0.362 0.434  1.175   -4.897  -1.031  14 A_G18:C28_B A 18 ? B 28 ? 19 1 
1 A U 19 1_555 B U 5  1_555 1.538  -1.151 -0.151 -2.476  -5.115  -26.574 15 A_U19:U27_B A 19 ? B 27 ? ?  ? 
1 A C 20 1_555 B G 4  1_555 0.606  -0.429 0.751  -7.638  -6.225  -4.437  16 A_C20:G26_B A 20 ? B 26 ? 19 1 
1 A G 21 1_555 B C 3  1_555 -0.027 -0.117 0.144  -8.868  -2.324  0.222   17 A_G21:C25_B A 21 ? B 25 ? 19 1 
1 A C 22 1_555 B G 2  1_555 -0.076 0.095  -0.360 8.755   5.121   6.068   18 A_C22:G24_B A 22 ? B 24 ? 19 1 
# 
loop_
_ndb_struct_na_base_pair_step.model_number 
_ndb_struct_na_base_pair_step.i_label_asym_id_1 
_ndb_struct_na_base_pair_step.i_label_comp_id_1 
_ndb_struct_na_base_pair_step.i_label_seq_id_1 
_ndb_struct_na_base_pair_step.i_symmetry_1 
_ndb_struct_na_base_pair_step.j_label_asym_id_1 
_ndb_struct_na_base_pair_step.j_label_comp_id_1 
_ndb_struct_na_base_pair_step.j_label_seq_id_1 
_ndb_struct_na_base_pair_step.j_symmetry_1 
_ndb_struct_na_base_pair_step.i_label_asym_id_2 
_ndb_struct_na_base_pair_step.i_label_comp_id_2 
_ndb_struct_na_base_pair_step.i_label_seq_id_2 
_ndb_struct_na_base_pair_step.i_symmetry_2 
_ndb_struct_na_base_pair_step.j_label_asym_id_2 
_ndb_struct_na_base_pair_step.j_label_comp_id_2 
_ndb_struct_na_base_pair_step.j_label_seq_id_2 
_ndb_struct_na_base_pair_step.j_symmetry_2 
_ndb_struct_na_base_pair_step.shift 
_ndb_struct_na_base_pair_step.slide 
_ndb_struct_na_base_pair_step.rise 
_ndb_struct_na_base_pair_step.tilt 
_ndb_struct_na_base_pair_step.roll 
_ndb_struct_na_base_pair_step.twist 
_ndb_struct_na_base_pair_step.x_displacement 
_ndb_struct_na_base_pair_step.y_displacement 
_ndb_struct_na_base_pair_step.helical_rise 
_ndb_struct_na_base_pair_step.inclination 
_ndb_struct_na_base_pair_step.tip 
_ndb_struct_na_base_pair_step.helical_twist 
_ndb_struct_na_base_pair_step.step_number 
_ndb_struct_na_base_pair_step.step_name 
_ndb_struct_na_base_pair_step.i_auth_asym_id_1 
_ndb_struct_na_base_pair_step.i_auth_seq_id_1 
_ndb_struct_na_base_pair_step.i_PDB_ins_code_1 
_ndb_struct_na_base_pair_step.j_auth_asym_id_1 
_ndb_struct_na_base_pair_step.j_auth_seq_id_1 
_ndb_struct_na_base_pair_step.j_PDB_ins_code_1 
_ndb_struct_na_base_pair_step.i_auth_asym_id_2 
_ndb_struct_na_base_pair_step.i_auth_seq_id_2 
_ndb_struct_na_base_pair_step.i_PDB_ins_code_2 
_ndb_struct_na_base_pair_step.j_auth_asym_id_2 
_ndb_struct_na_base_pair_step.j_auth_seq_id_2 
_ndb_struct_na_base_pair_step.j_PDB_ins_code_2 
1 A G 2  1_555 B C 22 1_555 A C 3  1_555 B G 21 1_555 -0.831 -1.925 3.327 -8.278 1.246  32.197 -3.582 0.015  3.357 2.200  14.619  
33.240 1  AA_G2C3:G43C44_BB   A 2  ? B 44 ? A 3  ? B 43 ? 
1 A C 3  1_555 B G 21 1_555 A G 4  1_555 B C 20 1_555 -0.019 -1.883 3.093 4.371  8.560  32.280 -4.475 0.657  2.503 14.985 -7.653  
33.644 2  AA_C3G4:C42G43_BB   A 3  ? B 43 ? A 4  ? B 42 ? 
1 A G 4  1_555 B C 20 1_555 A U 5  1_555 B U 19 1_555 -1.376 -1.980 3.220 -3.009 3.779  21.104 -6.718 2.513  2.988 10.147 8.080   
21.644 3  AA_G4U5:U41C42_BB   A 4  ? B 42 ? A 5  ? B 41 ? 
1 A U 5  1_555 B U 19 1_555 A C 6  1_555 B G 18 1_555 1.976  -2.538 3.357 2.216  -1.946 44.679 -3.145 -2.381 3.548 -2.556 -2.911  
44.771 4  AA_U5C6:G40U41_BB   A 5  ? B 41 ? A 6  ? B 40 ? 
1 A C 8  1_555 B G 15 1_555 A A 9  1_555 B U 14 1_555 -0.073 -1.707 3.086 2.598  10.927 30.607 -4.678 0.518  2.341 19.879 -4.726  
32.556 5  AA_C8A9:U36G37_BB   A 8  ? B 37 ? A 9  ? B 36 ? 
1 A A 9  1_555 B U 14 1_555 A C 10 1_555 B G 13 1_555 0.548  -1.637 3.018 -1.326 0.638  29.842 -3.295 -1.315 2.957 1.237  2.572   
29.878 6  AA_A9C10:G35U36_BB  A 9  ? B 36 ? A 10 ? B 35 ? 
1 A C 10 1_555 B G 13 1_555 A C 11 1_555 B G 12 1_555 -0.613 -1.933 3.314 -0.924 6.586  34.969 -4.087 0.874  2.928 10.839 1.520   
35.577 7  AA_C10C11:G34G35_BB A 10 ? B 35 ? A 11 ? B 34 ? 
1 A C 11 1_555 B G 12 1_555 A G 12 1_555 B C 11 1_555 -0.379 -1.824 3.143 -1.980 8.292  27.274 -5.368 0.370  2.511 17.064 4.076   
28.551 8  AA_C11G12:C33G34_BB A 11 ? B 34 ? A 12 ? B 33 ? 
1 A G 12 1_555 B C 11 1_555 A G 13 1_555 B C 10 1_555 0.041  -1.591 3.372 1.148  7.834  30.402 -4.371 0.134  2.882 14.629 -2.144  
31.392 9  AA_G12G13:C32C33_BB A 12 ? B 33 ? A 13 ? B 32 ? 
1 A G 13 1_555 B C 10 1_555 A U 14 1_555 B A 9  1_555 0.404  -1.124 3.146 -1.131 5.229  34.216 -2.641 -0.842 2.933 8.821  1.907   
34.619 10 AA_G13U14:A31C32_BB A 13 ? B 32 ? A 14 ? B 31 ? 
1 A U 14 1_555 B A 9  1_555 A G 15 1_555 B C 8  1_555 0.038  -1.467 3.507 4.102  11.406 31.478 -4.390 0.602  2.804 20.114 -7.233  
33.676 11 AA_U14G15:C30A31_BB A 14 ? B 31 ? A 15 ? B 30 ? 
1 A G 15 1_555 B C 8  1_555 A G 18 1_555 B C 6  1_555 -1.054 -3.782 6.187 7.166  16.520 80.039 -3.640 1.131  5.370 12.699 -5.509  
81.706 12 AA_G15G18:C28C30_BB A 15 ? B 30 ? A 18 ? B 28 ? 
1 A G 18 1_555 B C 6  1_555 A U 19 1_555 B U 5  1_555 -1.900 -2.739 3.298 3.024  1.451  37.185 -4.465 3.356  3.035 2.270  -4.730  
37.331 13 AA_G18U19:U27C28_BB A 18 ? B 28 ? A 19 ? B 27 ? 
1 A U 19 1_555 B U 5  1_555 A C 20 1_555 B G 4  1_555 1.107  -2.284 3.219 -4.389 4.931  31.487 -4.925 -2.713 2.665 8.962  7.979   
32.155 14 AA_U19C20:G26U27_BB A 19 ? B 27 ? A 20 ? B 26 ? 
1 A C 20 1_555 B G 4  1_555 A G 21 1_555 B C 3  1_555 -0.013 -2.187 3.041 2.547  3.936  24.846 -6.004 0.681  2.653 9.044  -5.853  
25.277 15 AA_C20G21:C25G26_BB A 20 ? B 26 ? A 21 ? B 25 ? 
1 A G 21 1_555 B C 3  1_555 A C 22 1_555 B G 2  1_555 0.880  -2.413 2.923 6.966  -1.160 29.250 -4.427 -0.355 3.135 -2.256 -13.546 
30.073 16 AA_G21C22:G24C25_BB A 21 ? B 25 ? A 22 ? B 24 ? 
# 
_pdbx_initial_refinement_model.accession_code   ? 
_pdbx_initial_refinement_model.id               1 
_pdbx_initial_refinement_model.entity_id_list   ? 
_pdbx_initial_refinement_model.type             'experimental model' 
_pdbx_initial_refinement_model.source_name      Other 
_pdbx_initial_refinement_model.details          
;Model containing the 16S rRNA A site as solved in the crystallographic structure of the 30S ribosomal particle complexed to paromomycin
;
# 
_atom_sites.entry_id                    1J7T 
_atom_sites.fract_transf_matrix[1][1]   -0.01483980 
_atom_sites.fract_transf_matrix[1][2]   -0.00936829 
_atom_sites.fract_transf_matrix[1][3]   -0.02470399 
_atom_sites.fract_transf_matrix[2][1]   -0.01894415 
_atom_sites.fract_transf_matrix[2][2]   0.00229111 
_atom_sites.fract_transf_matrix[2][3]   0.01051188 
_atom_sites.fract_transf_matrix[3][1]   -0.00066504 
_atom_sites.fract_transf_matrix[3][2]   0.00991784 
_atom_sites.fract_transf_matrix[3][3]   -0.00336114 
_atom_sites.fract_transf_vector[1]      0.725816 
_atom_sites.fract_transf_vector[2]      0.430728 
_atom_sites.fract_transf_vector[3]      0.621057 
# 
loop_
_atom_type.symbol 
C 
N 
O 
P 
# 
loop_
_atom_site.group_PDB 
_atom_site.id 
_atom_site.type_symbol 
_atom_site.label_atom_id 
_atom_site.label_alt_id 
_atom_site.label_comp_id 
_atom_site.label_asym_id 
_atom_site.label_entity_id 
_atom_site.label_seq_id 
_atom_site.pdbx_PDB_ins_code 
_atom_site.Cartn_x 
_atom_site.Cartn_y 
_atom_site.Cartn_z 
_atom_site.occupancy 
_atom_site.B_iso_or_equiv 
_atom_site.pdbx_formal_charge 
_atom_site.auth_seq_id 
_atom_site.auth_comp_id 
_atom_site.auth_asym_id 
_atom_site.auth_atom_id 
_atom_site.pdbx_PDB_model_num 
ATOM   1    P P     . G   A 1 2  ? 17.032  -11.796 -15.744 1.00 85.07 ? 2   G   A P     1 
ATOM   2    O OP1   . G   A 1 2  ? 17.707  -12.863 -16.631 1.00 84.31 ? 2   G   A OP1   1 
ATOM   3    O OP2   . G   A 1 2  ? 17.579  -11.759 -14.312 1.00 83.74 ? 2   G   A OP2   1 
ATOM   4    O "O5'" . G   A 1 2  ? 17.398  -10.332 -16.385 1.00 82.92 ? 2   G   A "O5'" 1 
ATOM   5    C "C5'" . G   A 1 2  ? 18.763  -9.849  -16.475 1.00 78.77 ? 2   G   A "C5'" 1 
ATOM   6    C "C4'" . G   A 1 2  ? 18.776  -8.461  -17.075 1.00 75.61 ? 2   G   A "C4'" 1 
ATOM   7    O "O4'" . G   A 1 2  ? 18.588  -8.547  -18.515 1.00 74.00 ? 2   G   A "O4'" 1 
ATOM   8    C "C3'" . G   A 1 2  ? 17.625  -7.588  -16.606 1.00 74.75 ? 2   G   A "C3'" 1 
ATOM   9    O "O3'" . G   A 1 2  ? 17.909  -6.945  -15.380 1.00 73.71 ? 2   G   A "O3'" 1 
ATOM   10   C "C2'" . G   A 1 2  ? 17.465  -6.599  -17.753 1.00 73.83 ? 2   G   A "C2'" 1 
ATOM   11   O "O2'" . G   A 1 2  ? 18.416  -5.562  -17.727 1.00 72.58 ? 2   G   A "O2'" 1 
ATOM   12   C "C1'" . G   A 1 2  ? 17.721  -7.506  -18.953 1.00 73.31 ? 2   G   A "C1'" 1 
ATOM   13   N N9    . G   A 1 2  ? 16.493  -8.114  -19.467 1.00 72.73 ? 2   G   A N9    1 
ATOM   14   C C8    . G   A 1 2  ? 16.064  -9.406  -19.267 1.00 72.08 ? 2   G   A C8    1 
ATOM   15   N N7    . G   A 1 2  ? 14.943  -9.680  -19.887 1.00 72.14 ? 2   G   A N7    1 
ATOM   16   C C5    . G   A 1 2  ? 14.601  -8.495  -20.528 1.00 71.33 ? 2   G   A C5    1 
ATOM   17   C C6    . G   A 1 2  ? 13.492  -8.188  -21.373 1.00 70.93 ? 2   G   A C6    1 
ATOM   18   O O6    . G   A 1 2  ? 12.556  -8.926  -21.726 1.00 69.83 ? 2   G   A O6    1 
ATOM   19   N N1    . G   A 1 2  ? 13.545  -6.872  -21.825 1.00 71.12 ? 2   G   A N1    1 
ATOM   20   C C2    . G   A 1 2  ? 14.533  -5.963  -21.510 1.00 71.14 ? 2   G   A C2    1 
ATOM   21   N N2    . G   A 1 2  ? 14.418  -4.754  -22.076 1.00 69.95 ? 2   G   A N2    1 
ATOM   22   N N3    . G   A 1 2  ? 15.562  -6.227  -20.711 1.00 70.99 ? 2   G   A N3    1 
ATOM   23   C C4    . G   A 1 2  ? 15.538  -7.507  -20.269 1.00 71.88 ? 2   G   A C4    1 
ATOM   24   P P     . C   A 1 3  ? 16.811  -5.969  -14.737 1.00 73.07 ? 3   C   A P     1 
ATOM   25   O OP1   . C   A 1 3  ? 17.287  -5.536  -13.397 1.00 72.79 ? 3   C   A OP1   1 
ATOM   26   O OP2   . C   A 1 3  ? 15.467  -6.593  -14.877 1.00 73.55 ? 3   C   A OP2   1 
ATOM   27   O "O5'" . C   A 1 3  ? 16.837  -4.697  -15.679 1.00 70.15 ? 3   C   A "O5'" 1 
ATOM   28   C "C5'" . C   A 1 3  ? 16.069  -3.581  -15.339 1.00 66.48 ? 3   C   A "C5'" 1 
ATOM   29   C "C4'" . C   A 1 3  ? 15.890  -2.680  -16.525 1.00 65.41 ? 3   C   A "C4'" 1 
ATOM   30   O "O4'" . C   A 1 3  ? 15.809  -3.409  -17.783 1.00 64.19 ? 3   C   A "O4'" 1 
ATOM   31   C "C3'" . C   A 1 3  ? 14.549  -2.021  -16.385 1.00 65.08 ? 3   C   A "C3'" 1 
ATOM   32   O "O3'" . C   A 1 3  ? 14.644  -0.970  -15.460 1.00 67.18 ? 3   C   A "O3'" 1 
ATOM   33   C "C2'" . C   A 1 3  ? 14.147  -1.710  -17.810 1.00 63.26 ? 3   C   A "C2'" 1 
ATOM   34   O "O2'" . C   A 1 3  ? 14.702  -0.525  -18.306 1.00 62.88 ? 3   C   A "O2'" 1 
ATOM   35   C "C1'" . C   A 1 3  ? 14.702  -2.934  -18.541 1.00 62.80 ? 3   C   A "C1'" 1 
ATOM   36   N N1    . C   A 1 3  ? 13.731  -4.041  -18.639 1.00 61.92 ? 3   C   A N1    1 
ATOM   37   C C2    . C   A 1 3  ? 12.499  -3.823  -19.255 1.00 61.35 ? 3   C   A C2    1 
ATOM   38   O O2    . C   A 1 3  ? 12.213  -2.680  -19.635 1.00 61.48 ? 3   C   A O2    1 
ATOM   39   N N3    . C   A 1 3  ? 11.639  -4.863  -19.396 1.00 60.89 ? 3   C   A N3    1 
ATOM   40   C C4    . C   A 1 3  ? 11.956  -6.064  -18.903 1.00 60.34 ? 3   C   A C4    1 
ATOM   41   N N4    . C   A 1 3  ? 11.080  -7.065  -19.047 1.00 59.56 ? 3   C   A N4    1 
ATOM   42   C C5    . C   A 1 3  ? 13.184  -6.296  -18.237 1.00 60.58 ? 3   C   A C5    1 
ATOM   43   C C6    . C   A 1 3  ? 14.038  -5.272  -18.138 1.00 61.73 ? 3   C   A C6    1 
ATOM   44   P P     . G   A 1 4  ? 13.605  -0.929  -14.246 1.00 69.54 ? 4   G   A P     1 
ATOM   45   O OP1   . G   A 1 4  ? 14.099  0.029   -13.224 1.00 70.03 ? 4   G   A OP1   1 
ATOM   46   O OP2   . G   A 1 4  ? 13.319  -2.341  -13.860 1.00 69.30 ? 4   G   A OP2   1 
ATOM   47   O "O5'" . G   A 1 4  ? 12.339  -0.285  -14.957 1.00 67.71 ? 4   G   A "O5'" 1 
ATOM   48   C "C5'" . G   A 1 4  ? 12.537  0.780   -15.874 1.00 66.69 ? 4   G   A "C5'" 1 
ATOM   49   C "C4'" . G   A 1 4  ? 11.259  1.092   -16.573 1.00 67.48 ? 4   G   A "C4'" 1 
ATOM   50   O "O4'" . G   A 1 4  ? 11.024  0.153   -17.651 1.00 67.45 ? 4   G   A "O4'" 1 
ATOM   51   C "C3'" . G   A 1 4  ? 10.079  0.900   -15.660 1.00 68.22 ? 4   G   A "C3'" 1 
ATOM   52   O "O3'" . G   A 1 4  ? 9.904   2.011   -14.817 1.00 68.89 ? 4   G   A "O3'" 1 
ATOM   53   C "C2'" . G   A 1 4  ? 8.940   0.676   -16.639 1.00 67.79 ? 4   G   A "C2'" 1 
ATOM   54   O "O2'" . G   A 1 4  ? 8.453   1.890   -17.165 1.00 66.88 ? 4   G   A "O2'" 1 
ATOM   55   C "C1'" . G   A 1 4  ? 9.640   -0.165  -17.714 1.00 66.90 ? 4   G   A "C1'" 1 
ATOM   56   N N9    . G   A 1 4  ? 9.525   -1.609  -17.528 1.00 65.41 ? 4   G   A N9    1 
ATOM   57   C C8    . G   A 1 4  ? 10.449  -2.417  -16.915 1.00 65.41 ? 4   G   A C8    1 
ATOM   58   N N7    . G   A 1 4  ? 10.106  -3.679  -16.914 1.00 64.66 ? 4   G   A N7    1 
ATOM   59   C C5    . G   A 1 4  ? 8.876   -3.704  -17.558 1.00 64.49 ? 4   G   A C5    1 
ATOM   60   C C6    . G   A 1 4  ? 8.015   -4.801  -17.863 1.00 63.69 ? 4   G   A C6    1 
ATOM   61   O O6    . G   A 1 4  ? 8.165   -6.000  -17.598 1.00 63.10 ? 4   G   A O6    1 
ATOM   62   N N1    . G   A 1 4  ? 6.882   -4.386  -18.542 1.00 63.01 ? 4   G   A N1    1 
ATOM   63   C C2    . G   A 1 4  ? 6.595   -3.091  -18.867 1.00 64.41 ? 4   G   A C2    1 
ATOM   64   N N2    . G   A 1 4  ? 5.437   -2.895  -19.498 1.00 64.93 ? 4   G   A N2    1 
ATOM   65   N N3    . G   A 1 4  ? 7.380   -2.057  -18.589 1.00 65.01 ? 4   G   A N3    1 
ATOM   66   C C4    . G   A 1 4  ? 8.499   -2.435  -17.939 1.00 65.02 ? 4   G   A C4    1 
ATOM   67   P P     . U   A 1 5  ? 8.844   1.904   -13.628 1.00 72.10 ? 5   U   A P     1 
ATOM   68   O OP1   . U   A 1 5  ? 8.912   3.126   -12.761 1.00 71.61 ? 5   U   A OP1   1 
ATOM   69   O OP2   . U   A 1 5  ? 9.054   0.558   -13.018 1.00 71.61 ? 5   U   A OP2   1 
ATOM   70   O "O5'" . U   A 1 5  ? 7.474   1.933   -14.444 1.00 70.33 ? 5   U   A "O5'" 1 
ATOM   71   C "C5'" . U   A 1 5  ? 6.243   1.594   -13.840 1.00 68.36 ? 5   U   A "C5'" 1 
ATOM   72   C "C4'" . U   A 1 5  ? 5.144   1.681   -14.859 1.00 66.52 ? 5   U   A "C4'" 1 
ATOM   73   O "O4'" . U   A 1 5  ? 5.509   0.909   -16.049 1.00 66.54 ? 5   U   A "O4'" 1 
ATOM   74   C "C3'" . U   A 1 5  ? 3.857   1.035   -14.412 1.00 65.86 ? 5   U   A "C3'" 1 
ATOM   75   O "O3'" . U   A 1 5  ? 3.113   1.847   -13.530 1.00 65.13 ? 5   U   A "O3'" 1 
ATOM   76   C "C2'" . U   A 1 5  ? 3.165   0.773   -15.739 1.00 65.80 ? 5   U   A "C2'" 1 
ATOM   77   O "O2'" . U   A 1 5  ? 2.629   1.952   -16.292 1.00 66.93 ? 5   U   A "O2'" 1 
ATOM   78   C "C1'" . U   A 1 5  ? 4.343   0.289   -16.590 1.00 64.38 ? 5   U   A "C1'" 1 
ATOM   79   N N1    . U   A 1 5  ? 4.486   -1.167  -16.467 1.00 61.47 ? 5   U   A N1    1 
ATOM   80   C C2    . U   A 1 5  ? 3.421   -1.943  -16.903 1.00 60.43 ? 5   U   A C2    1 
ATOM   81   O O2    . U   A 1 5  ? 2.437   -1.474  -17.451 1.00 59.81 ? 5   U   A O2    1 
ATOM   82   N N3    . U   A 1 5  ? 3.553   -3.283  -16.683 1.00 58.46 ? 5   U   A N3    1 
ATOM   83   C C4    . U   A 1 5  ? 4.620   -3.921  -16.103 1.00 59.75 ? 5   U   A C4    1 
ATOM   84   O O4    . U   A 1 5  ? 4.518   -5.118  -15.832 1.00 60.57 ? 5   U   A O4    1 
ATOM   85   C C5    . U   A 1 5  ? 5.713   -3.058  -15.728 1.00 59.18 ? 5   U   A C5    1 
ATOM   86   C C6    . U   A 1 5  ? 5.607   -1.743  -15.919 1.00 59.55 ? 5   U   A C6    1 
ATOM   87   P P     . C   A 1 6  ? 2.314   1.138   -12.333 1.00 65.82 ? 6   C   A P     1 
ATOM   88   O OP1   . C   A 1 6  ? 1.266   2.022   -11.771 1.00 66.37 ? 6   C   A OP1   1 
ATOM   89   O OP2   . C   A 1 6  ? 3.331   0.517   -11.427 1.00 66.10 ? 6   C   A OP2   1 
ATOM   90   O "O5'" . C   A 1 6  ? 1.533   -0.033  -13.069 1.00 63.24 ? 6   C   A "O5'" 1 
ATOM   91   C "C5'" . C   A 1 6  ? 0.424   0.250   -13.878 1.00 57.86 ? 6   C   A "C5'" 1 
ATOM   92   C "C4'" . C   A 1 6  ? -0.327  -1.010  -14.131 1.00 55.93 ? 6   C   A "C4'" 1 
ATOM   93   O "O4'" . C   A 1 6  ? 0.561   -1.956  -14.792 1.00 54.50 ? 6   C   A "O4'" 1 
ATOM   94   C "C3'" . C   A 1 6  ? -0.709  -1.764  -12.884 1.00 54.95 ? 6   C   A "C3'" 1 
ATOM   95   O "O3'" . C   A 1 6  ? -1.862  -1.221  -12.287 1.00 56.29 ? 6   C   A "O3'" 1 
ATOM   96   C "C2'" . C   A 1 6  ? -0.965  -3.154  -13.440 1.00 53.63 ? 6   C   A "C2'" 1 
ATOM   97   O "O2'" . C   A 1 6  ? -2.204  -3.212  -14.100 1.00 54.09 ? 6   C   A "O2'" 1 
ATOM   98   C "C1'" . C   A 1 6  ? 0.171   -3.283  -14.461 1.00 51.46 ? 6   C   A "C1'" 1 
ATOM   99   N N1    . C   A 1 6  ? 1.334   -3.953  -13.886 1.00 46.88 ? 6   C   A N1    1 
ATOM   100  C C2    . C   A 1 6  ? 1.380   -5.352  -13.851 1.00 45.47 ? 6   C   A C2    1 
ATOM   101  O O2    . C   A 1 6  ? 0.445   -6.005  -14.341 1.00 40.15 ? 6   C   A O2    1 
ATOM   102  N N3    . C   A 1 6  ? 2.448   -5.956  -13.287 1.00 46.06 ? 6   C   A N3    1 
ATOM   103  C C4    . C   A 1 6  ? 3.442   -5.217  -12.781 1.00 46.44 ? 6   C   A C4    1 
ATOM   104  N N4    . C   A 1 6  ? 4.488   -5.842  -12.244 1.00 45.60 ? 6   C   A N4    1 
ATOM   105  C C5    . C   A 1 6  ? 3.412   -3.794  -12.812 1.00 46.84 ? 6   C   A C5    1 
ATOM   106  C C6    . C   A 1 6  ? 2.352   -3.212  -13.371 1.00 45.47 ? 6   C   A C6    1 
ATOM   107  P P     . A   A 1 7  ? -2.101  -1.423  -10.713 1.00 57.50 ? 7   A   A P     1 
ATOM   108  O OP1   . A   A 1 7  ? -3.308  -0.603  -10.413 1.00 57.66 ? 7   A   A OP1   1 
ATOM   109  O OP2   . A   A 1 7  ? -0.843  -1.211  -9.939  1.00 55.45 ? 7   A   A OP2   1 
ATOM   110  O "O5'" . A   A 1 7  ? -2.504  -2.953  -10.622 1.00 54.68 ? 7   A   A "O5'" 1 
ATOM   111  C "C5'" . A   A 1 7  ? -3.500  -3.445  -11.489 1.00 51.19 ? 7   A   A "C5'" 1 
ATOM   112  C "C4'" . A   A 1 7  ? -3.544  -4.937  -11.421 1.00 49.37 ? 7   A   A "C4'" 1 
ATOM   113  O "O4'" . A   A 1 7  ? -2.364  -5.510  -12.030 1.00 47.71 ? 7   A   A "O4'" 1 
ATOM   114  C "C3'" . A   A 1 7  ? -3.489  -5.487  -10.021 1.00 48.89 ? 7   A   A "C3'" 1 
ATOM   115  O "O3'" . A   A 1 7  ? -4.770  -5.387  -9.467  1.00 51.79 ? 7   A   A "O3'" 1 
ATOM   116  C "C2'" . A   A 1 7  ? -3.101  -6.922  -10.295 1.00 46.18 ? 7   A   A "C2'" 1 
ATOM   117  O "O2'" . A   A 1 7  ? -4.182  -7.593  -10.883 1.00 44.53 ? 7   A   A "O2'" 1 
ATOM   118  C "C1'" . A   A 1 7  ? -2.031  -6.723  -11.366 1.00 44.38 ? 7   A   A "C1'" 1 
ATOM   119  N N9    . A   A 1 7  ? -0.690  -6.569  -10.804 1.00 39.48 ? 7   A   A N9    1 
ATOM   120  C C8    . A   A 1 7  ? 0.007   -5.402  -10.618 1.00 38.81 ? 7   A   A C8    1 
ATOM   121  N N7    . A   A 1 7  ? 1.192   -5.578  -10.086 1.00 37.30 ? 7   A   A N7    1 
ATOM   122  C C5    . A   A 1 7  ? 1.273   -6.950  -9.923  1.00 34.83 ? 7   A   A C5    1 
ATOM   123  C C6    . A   A 1 7  ? 2.282   -7.763  -9.426  1.00 35.20 ? 7   A   A C6    1 
ATOM   124  N N6    . A   A 1 7  ? 3.442   -7.291  -8.977  1.00 35.07 ? 7   A   A N6    1 
ATOM   125  N N1    . A   A 1 7  ? 2.067   -9.094  -9.397  1.00 34.41 ? 7   A   A N1    1 
ATOM   126  C C2    . A   A 1 7  ? 0.893   -9.552  -9.837  1.00 34.65 ? 7   A   A C2    1 
ATOM   127  N N3    . A   A 1 7  ? -0.143  -8.869  -10.336 1.00 35.89 ? 7   A   A N3    1 
ATOM   128  C C4    . A   A 1 7  ? 0.122   -7.565  -10.353 1.00 35.15 ? 7   A   A C4    1 
ATOM   129  P P     . C   A 1 8  ? -4.938  -5.073  -7.905  1.00 52.78 ? 8   C   A P     1 
ATOM   130  O OP1   . C   A 1 8  ? -6.424  -4.996  -7.786  1.00 51.70 ? 8   C   A OP1   1 
ATOM   131  O OP2   . C   A 1 8  ? -4.086  -3.907  -7.497  1.00 50.09 ? 8   C   A OP2   1 
ATOM   132  O "O5'" . C   A 1 8  ? -4.450  -6.424  -7.219  1.00 49.71 ? 8   C   A "O5'" 1 
ATOM   133  C "C5'" . C   A 1 8  ? -5.133  -7.650  -7.479  1.00 46.67 ? 8   C   A "C5'" 1 
ATOM   134  C "C4'" . C   A 1 8  ? -4.340  -8.815  -6.925  1.00 47.34 ? 8   C   A "C4'" 1 
ATOM   135  O "O4'" . C   A 1 8  ? -3.077  -8.976  -7.653  1.00 45.52 ? 8   C   A "O4'" 1 
ATOM   136  C "C3'" . C   A 1 8  ? -3.868  -8.619  -5.507  1.00 47.73 ? 8   C   A "C3'" 1 
ATOM   137  O "O3'" . C   A 1 8  ? -4.908  -8.792  -4.545  1.00 50.81 ? 8   C   A "O3'" 1 
ATOM   138  C "C2'" . C   A 1 8  ? -2.723  -9.614  -5.424  1.00 44.09 ? 8   C   A "C2'" 1 
ATOM   139  O "O2'" . C   A 1 8  ? -3.190  -10.934 -5.323  1.00 45.11 ? 8   C   A "O2'" 1 
ATOM   140  C "C1'" . C   A 1 8  ? -2.060  -9.394  -6.774  1.00 40.30 ? 8   C   A "C1'" 1 
ATOM   141  N N1    . C   A 1 8  ? -1.036  -8.337  -6.729  1.00 38.27 ? 8   C   A N1    1 
ATOM   142  C C2    . C   A 1 8  ? 0.166   -8.633  -6.120  1.00 36.10 ? 8   C   A C2    1 
ATOM   143  O O2    . C   A 1 8  ? 0.334   -9.777  -5.663  1.00 37.40 ? 8   C   A O2    1 
ATOM   144  N N3    . C   A 1 8  ? 1.117   -7.700  -6.034  1.00 35.27 ? 8   C   A N3    1 
ATOM   145  C C4    . C   A 1 8  ? 0.918   -6.493  -6.556  1.00 37.42 ? 8   C   A C4    1 
ATOM   146  N N4    . C   A 1 8  ? 1.940   -5.599  -6.474  1.00 33.51 ? 8   C   A N4    1 
ATOM   147  C C5    . C   A 1 8  ? -0.318  -6.145  -7.195  1.00 35.58 ? 8   C   A C5    1 
ATOM   148  C C6    . C   A 1 8  ? -1.257  -7.095  -7.257  1.00 36.71 ? 8   C   A C6    1 
ATOM   149  P P     . A   A 1 9  ? -5.025  -7.719  -3.349  1.00 55.42 ? 9   A   A P     1 
ATOM   150  O OP1   . A   A 1 9  ? -6.329  -7.965  -2.653  1.00 56.96 ? 9   A   A OP1   1 
ATOM   151  O OP2   . A   A 1 9  ? -4.707  -6.343  -3.876  1.00 50.96 ? 9   A   A OP2   1 
ATOM   152  O "O5'" . A   A 1 9  ? -3.901  -8.221  -2.337  1.00 52.59 ? 9   A   A "O5'" 1 
ATOM   153  C "C5'" . A   A 1 9  ? -3.880  -9.606  -1.954  1.00 49.49 ? 9   A   A "C5'" 1 
ATOM   154  C "C4'" . A   A 1 9  ? -2.588  -9.951  -1.229  1.00 48.70 ? 9   A   A "C4'" 1 
ATOM   155  O "O4'" . A   A 1 9  ? -1.471  -9.958  -2.156  1.00 44.73 ? 9   A   A "O4'" 1 
ATOM   156  C "C3'" . A   A 1 9  ? -2.134  -8.989  -0.137  1.00 47.67 ? 9   A   A "C3'" 1 
ATOM   157  O "O3'" . A   A 1 9  ? -2.766  -9.305  1.080   1.00 49.22 ? 9   A   A "O3'" 1 
ATOM   158  C "C2'" . A   A 1 9  ? -0.659  -9.330  -0.015  1.00 44.85 ? 9   A   A "C2'" 1 
ATOM   159  O "O2'" . A   A 1 9  ? -0.463  -10.507 0.731   1.00 46.10 ? 9   A   A "O2'" 1 
ATOM   160  C "C1'" . A   A 1 9  ? -0.299  -9.568  -1.475  1.00 41.17 ? 9   A   A "C1'" 1 
ATOM   161  N N9    . A   A 1 9  ? 0.171   -8.339  -2.086  1.00 34.64 ? 9   A   A N9    1 
ATOM   162  C C8    . A   A 1 9  ? -0.488  -7.442  -2.881  1.00 32.75 ? 9   A   A C8    1 
ATOM   163  N N7    . A   A 1 9  ? 0.263   -6.437  -3.273  1.00 31.90 ? 9   A   A N7    1 
ATOM   164  C C5    . A   A 1 9  ? 1.497   -6.710  -2.684  1.00 29.42 ? 9   A   A C5    1 
ATOM   165  C C6    . A   A 1 9  ? 2.691   -6.068  -2.734  1.00 25.87 ? 9   A   A C6    1 
ATOM   166  N N6    . A   A 1 9  ? 2.889   -4.975  -3.435  1.00 26.87 ? 9   A   A N6    1 
ATOM   167  N N1    . A   A 1 9  ? 3.716   -6.591  -2.052  1.00 28.03 ? 9   A   A N1    1 
ATOM   168  C C2    . A   A 1 9  ? 3.533   -7.723  -1.373  1.00 28.65 ? 9   A   A C2    1 
ATOM   169  N N3    . A   A 1 9  ? 2.447   -8.448  -1.263  1.00 29.25 ? 9   A   A N3    1 
ATOM   170  C C4    . A   A 1 9  ? 1.447   -7.871  -1.954  1.00 31.07 ? 9   A   A C4    1 
ATOM   171  P P     . C   A 1 10 ? -3.264  -8.159  2.114   1.00 50.64 ? 10  C   A P     1 
ATOM   172  O OP1   . C   A 1 10 ? -4.219  -8.859  3.014   1.00 51.24 ? 10  C   A OP1   1 
ATOM   173  O OP2   . C   A 1 10 ? -3.705  -7.014  1.254   1.00 50.69 ? 10  C   A OP2   1 
ATOM   174  O "O5'" . C   A 1 10 ? -1.963  -7.671  2.880   1.00 43.29 ? 10  C   A "O5'" 1 
ATOM   175  C "C5'" . C   A 1 10 ? -1.157  -8.606  3.520   1.00 37.04 ? 10  C   A "C5'" 1 
ATOM   176  C "C4'" . C   A 1 10 ? 0.273   -8.158  3.491   1.00 35.06 ? 10  C   A "C4'" 1 
ATOM   177  O "O4'" . C   A 1 10 ? 0.778   -7.949  2.134   1.00 30.84 ? 10  C   A "O4'" 1 
ATOM   178  C "C3'" . C   A 1 10 ? 0.598   -6.841  4.149   1.00 33.06 ? 10  C   A "C3'" 1 
ATOM   179  O "O3'" . C   A 1 10 ? 0.534   -6.999  5.554   1.00 32.36 ? 10  C   A "O3'" 1 
ATOM   180  C "C2'" . C   A 1 10 ? 2.039   -6.652  3.654   1.00 32.37 ? 10  C   A "C2'" 1 
ATOM   181  O "O2'" . C   A 1 10 ? 2.917   -7.493  4.355   1.00 31.16 ? 10  C   A "O2'" 1 
ATOM   182  C "C1'" . C   A 1 10 ? 1.935   -7.157  2.212   1.00 29.95 ? 10  C   A "C1'" 1 
ATOM   183  N N1    . C   A 1 10 ? 1.786   -6.046  1.293   1.00 29.34 ? 10  C   A N1    1 
ATOM   184  C C2    . C   A 1 10 ? 2.921   -5.338  0.954   1.00 31.43 ? 10  C   A C2    1 
ATOM   185  O O2    . C   A 1 10 ? 4.034   -5.742  1.394   1.00 34.29 ? 10  C   A O2    1 
ATOM   186  N N3    . C   A 1 10 ? 2.822   -4.269  0.157   1.00 27.48 ? 10  C   A N3    1 
ATOM   187  C C4    . C   A 1 10 ? 1.658   -3.937  -0.366  1.00 28.88 ? 10  C   A C4    1 
ATOM   188  N N4    . C   A 1 10 ? 1.641   -2.914  -1.231  1.00 29.25 ? 10  C   A N4    1 
ATOM   189  C C5    . C   A 1 10 ? 0.466   -4.642  -0.055  1.00 29.07 ? 10  C   A C5    1 
ATOM   190  C C6    . C   A 1 10 ? 0.576   -5.689  0.784   1.00 31.22 ? 10  C   A C6    1 
ATOM   191  P P     . C   A 1 11 ? 0.503   -5.695  6.514   1.00 35.42 ? 11  C   A P     1 
ATOM   192  O OP1   . C   A 1 11 ? 0.255   -6.163  7.902   1.00 35.11 ? 11  C   A OP1   1 
ATOM   193  O OP2   . C   A 1 11 ? -0.373  -4.686  5.903   1.00 33.84 ? 11  C   A OP2   1 
ATOM   194  O "O5'" . C   A 1 11 ? 1.967   -5.033  6.474   1.00 36.00 ? 11  C   A "O5'" 1 
ATOM   195  C "C5'" . C   A 1 11 ? 3.137   -5.719  6.947   1.00 34.47 ? 11  C   A "C5'" 1 
ATOM   196  C "C4'" . C   A 1 11 ? 4.362   -4.836  6.761   1.00 34.35 ? 11  C   A "C4'" 1 
ATOM   197  O "O4'" . C   A 1 11 ? 4.725   -4.747  5.354   1.00 34.18 ? 11  C   A "O4'" 1 
ATOM   198  C "C3'" . C   A 1 11 ? 4.179   -3.376  7.133   1.00 33.69 ? 11  C   A "C3'" 1 
ATOM   199  O "O3'" . C   A 1 11 ? 4.294   -3.193  8.526   1.00 36.18 ? 11  C   A "O3'" 1 
ATOM   200  C "C2'" . C   A 1 11 ? 5.348   -2.728  6.413   1.00 32.52 ? 11  C   A "C2'" 1 
ATOM   201  O "O2'" . C   A 1 11 ? 6.551   -2.997  7.062   1.00 33.13 ? 11  C   A "O2'" 1 
ATOM   202  C "C1'" . C   A 1 11 ? 5.334   -3.481  5.090   1.00 30.88 ? 11  C   A "C1'" 1 
ATOM   203  N N1    . C   A 1 11 ? 4.510   -2.762  4.119   1.00 29.52 ? 11  C   A N1    1 
ATOM   204  C C2    . C   A 1 11 ? 5.060   -1.694  3.441   1.00 28.86 ? 11  C   A C2    1 
ATOM   205  O O2    . C   A 1 11 ? 6.173   -1.291  3.765   1.00 30.77 ? 11  C   A O2    1 
ATOM   206  N N3    . C   A 1 11 ? 4.360   -1.083  2.483   1.00 29.53 ? 11  C   A N3    1 
ATOM   207  C C4    . C   A 1 11 ? 3.103   -1.450  2.240   1.00 31.42 ? 11  C   A C4    1 
ATOM   208  N N4    . C   A 1 11 ? 2.428   -0.783  1.274   1.00 31.29 ? 11  C   A N4    1 
ATOM   209  C C5    . C   A 1 11 ? 2.476   -2.500  2.967   1.00 29.90 ? 11  C   A C5    1 
ATOM   210  C C6    . C   A 1 11 ? 3.217   -3.135  3.883   1.00 31.41 ? 11  C   A C6    1 
ATOM   211  P P     . G   A 1 12 ? 3.763   -1.824  9.218   1.00 36.04 ? 12  G   A P     1 
ATOM   212  O OP1   . G   A 1 12 ? 4.095   -1.979  10.667  1.00 39.43 ? 12  G   A OP1   1 
ATOM   213  O OP2   . G   A 1 12 ? 2.360   -1.559  8.799   1.00 34.21 ? 12  G   A OP2   1 
ATOM   214  O "O5'" . G   A 1 12 ? 4.708   -0.680  8.638   1.00 35.72 ? 12  G   A "O5'" 1 
ATOM   215  C "C5'" . G   A 1 12 ? 6.066   -0.589  9.033   1.00 33.35 ? 12  G   A "C5'" 1 
ATOM   216  C "C4'" . G   A 1 12 ? 6.710   0.582   8.355   1.00 33.00 ? 12  G   A "C4'" 1 
ATOM   217  O "O4'" . G   A 1 12 ? 6.599   0.387   6.923   1.00 31.54 ? 12  G   A "O4'" 1 
ATOM   218  C "C3'" . G   A 1 12 ? 6.003   1.916   8.534   1.00 32.87 ? 12  G   A "C3'" 1 
ATOM   219  O "O3'" . G   A 1 12 ? 6.320   2.563   9.741   1.00 36.36 ? 12  G   A "O3'" 1 
ATOM   220  C "C2'" . G   A 1 12 ? 6.545   2.726   7.378   1.00 31.84 ? 12  G   A "C2'" 1 
ATOM   221  O "O2'" . G   A 1 12 ? 7.855   3.191   7.631   1.00 33.76 ? 12  G   A "O2'" 1 
ATOM   222  C "C1'" . G   A 1 12 ? 6.576   1.671   6.282   1.00 30.16 ? 12  G   A "C1'" 1 
ATOM   223  N N9    . G   A 1 12 ? 5.371   1.758   5.484   1.00 25.16 ? 12  G   A N9    1 
ATOM   224  C C8    . G   A 1 12 ? 4.281   0.939   5.561   1.00 23.53 ? 12  G   A C8    1 
ATOM   225  N N7    . G   A 1 12 ? 3.377   1.214   4.662   1.00 24.25 ? 12  G   A N7    1 
ATOM   226  C C5    . G   A 1 12 ? 3.894   2.290   3.972   1.00 23.34 ? 12  G   A C5    1 
ATOM   227  C C6    . G   A 1 12 ? 3.363   2.992   2.886   1.00 25.48 ? 12  G   A C6    1 
ATOM   228  O O6    . G   A 1 12 ? 2.269   2.812   2.311   1.00 27.00 ? 12  G   A O6    1 
ATOM   229  N N1    . G   A 1 12 ? 4.224   4.006   2.462   1.00 26.45 ? 12  G   A N1    1 
ATOM   230  C C2    . G   A 1 12 ? 5.439   4.312   3.062   1.00 26.28 ? 12  G   A C2    1 
ATOM   231  N N2    . G   A 1 12 ? 6.099   5.392   2.554   1.00 25.46 ? 12  G   A N2    1 
ATOM   232  N N3    . G   A 1 12 ? 5.947   3.640   4.084   1.00 22.57 ? 12  G   A N3    1 
ATOM   233  C C4    . G   A 1 12 ? 5.122   2.652   4.482   1.00 24.14 ? 12  G   A C4    1 
ATOM   234  P P     . G   A 1 13 ? 5.264   3.616   10.361  1.00 38.55 ? 13  G   A P     1 
ATOM   235  O OP1   . G   A 1 13 ? 5.737   3.751   11.763  1.00 41.68 ? 13  G   A OP1   1 
ATOM   236  O OP2   . G   A 1 13 ? 3.867   3.212   10.099  1.00 38.02 ? 13  G   A OP2   1 
ATOM   237  O "O5'" . G   A 1 13 ? 5.474   4.948   9.512   1.00 38.06 ? 13  G   A "O5'" 1 
ATOM   238  C "C5'" . G   A 1 13 ? 6.748   5.550   9.383   1.00 37.41 ? 13  G   A "C5'" 1 
ATOM   239  C "C4'" . G   A 1 13 ? 6.697   6.613   8.322   1.00 37.66 ? 13  G   A "C4'" 1 
ATOM   240  O "O4'" . G   A 1 13 ? 6.299   6.019   7.058   1.00 37.37 ? 13  G   A "O4'" 1 
ATOM   241  C "C3'" . G   A 1 13 ? 5.607   7.628   8.514   1.00 39.04 ? 13  G   A "C3'" 1 
ATOM   242  O "O3'" . G   A 1 13 ? 5.950   8.594   9.467   1.00 42.29 ? 13  G   A "O3'" 1 
ATOM   243  C "C2'" . G   A 1 13 ? 5.516   8.243   7.133   1.00 39.04 ? 13  G   A "C2'" 1 
ATOM   244  O "O2'" . G   A 1 13 ? 6.594   9.138   6.932   1.00 39.83 ? 13  G   A "O2'" 1 
ATOM   245  C "C1'" . G   A 1 13 ? 5.646   6.996   6.252   1.00 36.79 ? 13  G   A "C1'" 1 
ATOM   246  N N9    . G   A 1 13 ? 4.368   6.438   5.815   1.00 33.38 ? 13  G   A N9    1 
ATOM   247  C C8    . G   A 1 13 ? 3.717   5.370   6.386   1.00 33.08 ? 13  G   A C8    1 
ATOM   248  N N7    . G   A 1 13 ? 2.604   5.057   5.779   1.00 30.78 ? 13  G   A N7    1 
ATOM   249  C C5    . G   A 1 13 ? 2.507   5.966   4.742   1.00 29.41 ? 13  G   A C5    1 
ATOM   250  C C6    . G   A 1 13 ? 1.537   6.067   3.736   1.00 31.58 ? 13  G   A C6    1 
ATOM   251  O O6    . G   A 1 13 ? 0.525   5.338   3.560   1.00 28.64 ? 13  G   A O6    1 
ATOM   252  N N1    . G   A 1 13 ? 1.815   7.125   2.857   1.00 31.41 ? 13  G   A N1    1 
ATOM   253  C C2    . G   A 1 13 ? 2.910   7.959   2.949   1.00 31.07 ? 13  G   A C2    1 
ATOM   254  N N2    . G   A 1 13 ? 2.985   8.895   2.018   1.00 31.74 ? 13  G   A N2    1 
ATOM   255  N N3    . G   A 1 13 ? 3.845   7.865   3.891   1.00 30.38 ? 13  G   A N3    1 
ATOM   256  C C4    . G   A 1 13 ? 3.579   6.844   4.752   1.00 31.91 ? 13  G   A C4    1 
ATOM   257  P P     . U   A 1 14 ? 4.776   9.370   10.253  1.00 44.71 ? 14  U   A P     1 
ATOM   258  O OP1   . U   A 1 14 ? 5.519   10.380  11.048  1.00 48.00 ? 14  U   A OP1   1 
ATOM   259  O OP2   . U   A 1 14 ? 3.853   8.410   10.926  1.00 43.24 ? 14  U   A OP2   1 
ATOM   260  O "O5'" . U   A 1 14 ? 4.009   10.166  9.123   1.00 41.32 ? 14  U   A "O5'" 1 
ATOM   261  C "C5'" . U   A 1 14 ? 4.627   11.271  8.523   1.00 38.00 ? 14  U   A "C5'" 1 
ATOM   262  C "C4'" . U   A 1 14 ? 3.799   11.755  7.366   1.00 38.99 ? 14  U   A "C4'" 1 
ATOM   263  O "O4'" . U   A 1 14 ? 3.607   10.646  6.455   1.00 37.58 ? 14  U   A "O4'" 1 
ATOM   264  C "C3'" . U   A 1 14 ? 2.368   12.179  7.648   1.00 39.85 ? 14  U   A "C3'" 1 
ATOM   265  O "O3'" . U   A 1 14 ? 2.261   13.480  8.216   1.00 40.59 ? 14  U   A "O3'" 1 
ATOM   266  C "C2'" . U   A 1 14 ? 1.771   12.119  6.248   1.00 38.73 ? 14  U   A "C2'" 1 
ATOM   267  O "O2'" . U   A 1 14 ? 2.173   13.200  5.447   1.00 37.16 ? 14  U   A "O2'" 1 
ATOM   268  C "C1'" . U   A 1 14 ? 2.407   10.837  5.719   1.00 38.03 ? 14  U   A "C1'" 1 
ATOM   269  N N1    . U   A 1 14 ? 1.528   9.674   5.940   1.00 37.27 ? 14  U   A N1    1 
ATOM   270  C C2    . U   A 1 14 ? 0.541   9.499   5.038   1.00 36.18 ? 14  U   A C2    1 
ATOM   271  O O2    . U   A 1 14 ? 0.364   10.297  4.134   1.00 37.63 ? 14  U   A O2    1 
ATOM   272  N N3    . U   A 1 14 ? -0.242  8.384   5.226   1.00 36.09 ? 14  U   A N3    1 
ATOM   273  C C4    . U   A 1 14 ? -0.140  7.463   6.249   1.00 37.30 ? 14  U   A C4    1 
ATOM   274  O O4    . U   A 1 14 ? -0.894  6.491   6.272   1.00 37.47 ? 14  U   A O4    1 
ATOM   275  C C5    . U   A 1 14 ? 0.900   7.737   7.183   1.00 37.05 ? 14  U   A C5    1 
ATOM   276  C C6    . U   A 1 14 ? 1.689   8.805   6.998   1.00 37.10 ? 14  U   A C6    1 
ATOM   277  P P     . G   A 1 15 ? 0.930   13.876  9.040   1.00 41.69 ? 15  G   A P     1 
ATOM   278  O OP1   . G   A 1 15 ? 1.232   15.205  9.586   1.00 44.87 ? 15  G   A OP1   1 
ATOM   279  O OP2   . G   A 1 15 ? 0.600   12.779  9.967   1.00 41.31 ? 15  G   A OP2   1 
ATOM   280  O "O5'" . G   A 1 15 ? -0.207  14.007  7.935   1.00 38.71 ? 15  G   A "O5'" 1 
ATOM   281  C "C5'" . G   A 1 15 ? -0.107  14.956  6.896   1.00 38.50 ? 15  G   A "C5'" 1 
ATOM   282  C "C4'" . G   A 1 15 ? -1.249  14.775  5.923   1.00 41.28 ? 15  G   A "C4'" 1 
ATOM   283  O "O4'" . G   A 1 15 ? -1.195  13.458  5.310   1.00 41.07 ? 15  G   A "O4'" 1 
ATOM   284  C "C3'" . G   A 1 15 ? -2.640  14.807  6.535   1.00 42.55 ? 15  G   A "C3'" 1 
ATOM   285  O "O3'" . G   A 1 15 ? -3.042  16.141  6.757   1.00 47.63 ? 15  G   A "O3'" 1 
ATOM   286  C "C2'" . G   A 1 15 ? -3.493  14.082  5.495   1.00 41.79 ? 15  G   A "C2'" 1 
ATOM   287  O "O2'" . G   A 1 15 ? -3.854  14.851  4.376   1.00 42.20 ? 15  G   A "O2'" 1 
ATOM   288  C "C1'" . G   A 1 15 ? -2.523  13.011  5.004   1.00 40.44 ? 15  G   A "C1'" 1 
ATOM   289  N N9    . G   A 1 15 ? -2.753  11.732  5.667   1.00 37.70 ? 15  G   A N9    1 
ATOM   290  C C8    . G   A 1 15 ? -2.095  11.239  6.768   1.00 36.91 ? 15  G   A C8    1 
ATOM   291  N N7    . G   A 1 15 ? -2.515  10.051  7.117   1.00 36.13 ? 15  G   A N7    1 
ATOM   292  C C5    . G   A 1 15 ? -3.506  9.749   6.192   1.00 34.56 ? 15  G   A C5    1 
ATOM   293  C C6    . G   A 1 15 ? -4.319  8.606   6.068   1.00 33.80 ? 15  G   A C6    1 
ATOM   294  O O6    . G   A 1 15 ? -4.306  7.573   6.753   1.00 35.12 ? 15  G   A O6    1 
ATOM   295  N N1    . G   A 1 15 ? -5.215  8.728   5.018   1.00 31.91 ? 15  G   A N1    1 
ATOM   296  C C2    . G   A 1 15 ? -5.302  9.803   4.185   1.00 31.64 ? 15  G   A C2    1 
ATOM   297  N N2    . G   A 1 15 ? -6.232  9.752   3.240   1.00 32.29 ? 15  G   A N2    1 
ATOM   298  N N3    . G   A 1 15 ? -4.532  10.864  4.271   1.00 34.78 ? 15  G   A N3    1 
ATOM   299  C C4    . G   A 1 15 ? -3.668  10.775  5.298   1.00 35.39 ? 15  G   A C4    1 
ATOM   300  P P     . A   A 1 16 ? -3.569  16.563  8.219   1.00 51.89 ? 16  A   A P     1 
ATOM   301  O OP1   . A   A 1 16 ? -3.237  17.980  8.350   1.00 52.71 ? 16  A   A OP1   1 
ATOM   302  O OP2   . A   A 1 16 ? -3.110  15.610  9.266   1.00 50.86 ? 16  A   A OP2   1 
ATOM   303  O "O5'" . A   A 1 16 ? -5.141  16.347  8.096   1.00 52.73 ? 16  A   A "O5'" 1 
ATOM   304  C "C5'" . A   A 1 16 ? -5.982  17.414  7.754   1.00 53.99 ? 16  A   A "C5'" 1 
ATOM   305  C "C4'" . A   A 1 16 ? -6.961  17.659  8.862   1.00 54.48 ? 16  A   A "C4'" 1 
ATOM   306  O "O4'" . A   A 1 16 ? -7.386  19.041  8.793   1.00 55.01 ? 16  A   A "O4'" 1 
ATOM   307  C "C3'" . A   A 1 16 ? -8.242  16.834  8.809   1.00 55.03 ? 16  A   A "C3'" 1 
ATOM   308  O "O3'" . A   A 1 16 ? -8.080  15.585  9.470   1.00 56.75 ? 16  A   A "O3'" 1 
ATOM   309  C "C2'" . A   A 1 16 ? -9.204  17.725  9.578   1.00 54.10 ? 16  A   A "C2'" 1 
ATOM   310  O "O2'" . A   A 1 16 ? -8.996  17.574  10.971  1.00 50.45 ? 16  A   A "O2'" 1 
ATOM   311  C "C1'" . A   A 1 16 ? -8.760  19.120  9.110   1.00 55.50 ? 16  A   A "C1'" 1 
ATOM   312  N N9    . A   A 1 16 ? -9.461  19.660  7.942   1.00 56.42 ? 16  A   A N9    1 
ATOM   313  C C8    . A   A 1 16 ? -9.076  19.692  6.611   1.00 56.72 ? 16  A   A C8    1 
ATOM   314  N N7    . A   A 1 16 ? -9.944  20.296  5.820   1.00 55.70 ? 16  A   A N7    1 
ATOM   315  C C5    . A   A 1 16 ? -10.961 20.683  6.686   1.00 57.21 ? 16  A   A C5    1 
ATOM   316  C C6    . A   A 1 16 ? -12.167 21.377  6.483   1.00 57.69 ? 16  A   A C6    1 
ATOM   317  N N6    . A   A 1 16 ? -12.560 21.858  5.308   1.00 58.88 ? 16  A   A N6    1 
ATOM   318  N N1    . A   A 1 16 ? -12.967 21.572  7.555   1.00 58.90 ? 16  A   A N1    1 
ATOM   319  C C2    . A   A 1 16 ? -12.568 21.112  8.754   1.00 58.46 ? 16  A   A C2    1 
ATOM   320  N N3    . A   A 1 16 ? -11.457 20.469  9.077   1.00 57.31 ? 16  A   A N3    1 
ATOM   321  C C4    . A   A 1 16 ? -10.685 20.281  7.988   1.00 57.21 ? 16  A   A C4    1 
ATOM   322  P P     . A   A 1 17 ? -9.082  14.363  9.145   1.00 58.21 ? 17  A   A P     1 
ATOM   323  O OP1   . A   A 1 17 ? -8.759  13.340  10.175  1.00 57.44 ? 17  A   A OP1   1 
ATOM   324  O OP2   . A   A 1 17 ? -9.071  13.992  7.715   1.00 57.96 ? 17  A   A OP2   1 
ATOM   325  O "O5'" . A   A 1 17 ? -10.536 14.975  9.361   1.00 63.02 ? 17  A   A "O5'" 1 
ATOM   326  C "C5'" . A   A 1 17 ? -11.246 14.874  10.602  1.00 67.45 ? 17  A   A "C5'" 1 
ATOM   327  C "C4'" . A   A 1 17 ? -12.636 15.429  10.412  1.00 71.50 ? 17  A   A "C4'" 1 
ATOM   328  O "O4'" . A   A 1 17 ? -12.449 16.681  9.721   1.00 71.86 ? 17  A   A "O4'" 1 
ATOM   329  C "C3'" . A   A 1 17 ? -13.566 14.605  9.520   1.00 74.28 ? 17  A   A "C3'" 1 
ATOM   330  O "O3'" . A   A 1 17 ? -14.501 13.900  10.341  1.00 77.57 ? 17  A   A "O3'" 1 
ATOM   331  C "C2'" . A   A 1 17 ? -14.424 15.671  8.840   1.00 75.91 ? 17  A   A "C2'" 1 
ATOM   332  O "O2'" . A   A 1 17 ? -15.575 16.007  9.602   1.00 79.06 ? 17  A   A "O2'" 1 
ATOM   333  C "C1'" . A   A 1 17 ? -13.508 16.894  8.828   1.00 75.06 ? 17  A   A "C1'" 1 
ATOM   334  N N9    . A   A 1 17 ? -12.965 17.277  7.529   1.00 75.67 ? 17  A   A N9    1 
ATOM   335  C C8    . A   A 1 17 ? -11.732 16.993  6.988   1.00 76.17 ? 17  A   A C8    1 
ATOM   336  N N7    . A   A 1 17 ? -11.542 17.523  5.802   1.00 75.86 ? 17  A   A N7    1 
ATOM   337  C C5    . A   A 1 17 ? -12.731 18.190  5.543   1.00 76.33 ? 17  A   A C5    1 
ATOM   338  C C6    . A   A 1 17 ? -13.162 18.951  4.450   1.00 76.96 ? 17  A   A C6    1 
ATOM   339  N N6    . A   A 1 17 ? -12.396 19.189  3.374   1.00 78.42 ? 17  A   A N6    1 
ATOM   340  N N1    . A   A 1 17 ? -14.417 19.475  4.498   1.00 76.22 ? 17  A   A N1    1 
ATOM   341  C C2    . A   A 1 17 ? -15.165 19.243  5.585   1.00 75.84 ? 17  A   A C2    1 
ATOM   342  N N3    . A   A 1 17 ? -14.864 18.547  6.680   1.00 76.03 ? 17  A   A N3    1 
ATOM   343  C C4    . A   A 1 17 ? -13.619 18.040  6.594   1.00 76.22 ? 17  A   A C4    1 
ATOM   344  P P     . G   A 1 18 ? -14.201 12.400  10.858  1.00 80.92 ? 18  G   A P     1 
ATOM   345  O OP1   . G   A 1 18 ? -15.232 12.080  11.904  1.00 79.27 ? 18  G   A OP1   1 
ATOM   346  O OP2   . G   A 1 18 ? -12.749 12.303  11.212  1.00 80.27 ? 18  G   A OP2   1 
ATOM   347  O "O5'" . G   A 1 18 ? -14.514 11.478  9.592   1.00 77.65 ? 18  G   A "O5'" 1 
ATOM   348  C "C5'" . G   A 1 18 ? -15.833 11.385  9.061   1.00 73.62 ? 18  G   A "C5'" 1 
ATOM   349  C "C4'" . G   A 1 18 ? -16.133 9.965   8.654   1.00 71.67 ? 18  G   A "C4'" 1 
ATOM   350  O "O4'" . G   A 1 18 ? -15.095 9.493   7.744   1.00 70.93 ? 18  G   A "O4'" 1 
ATOM   351  C "C3'" . G   A 1 18 ? -16.127 8.943   9.776   1.00 70.91 ? 18  G   A "C3'" 1 
ATOM   352  O "O3'" . G   A 1 18 ? -17.414 8.902   10.370  1.00 71.61 ? 18  G   A "O3'" 1 
ATOM   353  C "C2'" . G   A 1 18 ? -15.866 7.665   8.997   1.00 70.13 ? 18  G   A "C2'" 1 
ATOM   354  O "O2'" . G   A 1 18 ? -17.003 7.287   8.251   1.00 69.83 ? 18  G   A "O2'" 1 
ATOM   355  C "C1'" . G   A 1 18 ? -14.782 8.136   8.027   1.00 69.39 ? 18  G   A "C1'" 1 
ATOM   356  N N9    . G   A 1 18 ? -13.465 8.085   8.661   1.00 66.56 ? 18  G   A N9    1 
ATOM   357  C C8    . G   A 1 18 ? -12.683 9.149   9.038   1.00 65.87 ? 18  G   A C8    1 
ATOM   358  N N7    . G   A 1 18 ? -11.596 8.795   9.664   1.00 64.28 ? 18  G   A N7    1 
ATOM   359  C C5    . G   A 1 18 ? -11.647 7.411   9.674   1.00 64.94 ? 18  G   A C5    1 
ATOM   360  C C6    . G   A 1 18 ? -10.730 6.462   10.210  1.00 65.01 ? 18  G   A C6    1 
ATOM   361  O O6    . G   A 1 18 ? -9.635  6.667   10.783  1.00 64.75 ? 18  G   A O6    1 
ATOM   362  N N1    . G   A 1 18 ? -11.185 5.162   10.027  1.00 64.28 ? 18  G   A N1    1 
ATOM   363  C C2    . G   A 1 18 ? -12.359 4.816   9.392   1.00 64.87 ? 18  G   A C2    1 
ATOM   364  N N2    . G   A 1 18 ? -12.636 3.495   9.338   1.00 63.58 ? 18  G   A N2    1 
ATOM   365  N N3    . G   A 1 18 ? -13.202 5.692   8.859   1.00 64.28 ? 18  G   A N3    1 
ATOM   366  C C4    . G   A 1 18 ? -12.790 6.959   9.046   1.00 65.06 ? 18  G   A C4    1 
ATOM   367  P P     . U   A 1 19 ? -17.599 8.355   11.874  1.00 71.52 ? 19  U   A P     1 
ATOM   368  O OP1   . U   A 1 19 ? -19.062 8.438   12.029  1.00 72.97 ? 19  U   A OP1   1 
ATOM   369  O OP2   . U   A 1 19 ? -16.713 9.030   12.863  1.00 71.18 ? 19  U   A OP2   1 
ATOM   370  O "O5'" . U   A 1 19 ? -17.206 6.814   11.813  1.00 69.99 ? 19  U   A "O5'" 1 
ATOM   371  C "C5'" . U   A 1 19 ? -18.017 5.893   11.103  1.00 69.00 ? 19  U   A "C5'" 1 
ATOM   372  C "C4'" . U   A 1 19 ? -17.492 4.498   11.292  1.00 68.79 ? 19  U   A "C4'" 1 
ATOM   373  O "O4'" . U   A 1 19 ? -16.127 4.435   10.788  1.00 68.77 ? 19  U   A "O4'" 1 
ATOM   374  C "C3'" . U   A 1 19 ? -17.304 4.075   12.731  1.00 69.98 ? 19  U   A "C3'" 1 
ATOM   375  O "O3'" . U   A 1 19 ? -18.524 3.693   13.352  1.00 71.74 ? 19  U   A "O3'" 1 
ATOM   376  C "C2'" . U   A 1 19 ? -16.347 2.902   12.580  1.00 68.90 ? 19  U   A "C2'" 1 
ATOM   377  O "O2'" . U   A 1 19 ? -17.022 1.736   12.137  1.00 69.40 ? 19  U   A "O2'" 1 
ATOM   378  C "C1'" . U   A 1 19 ? -15.406 3.434   11.491  1.00 66.77 ? 19  U   A "C1'" 1 
ATOM   379  N N1    . U   A 1 19 ? -14.186 4.029   12.048  1.00 62.48 ? 19  U   A N1    1 
ATOM   380  C C2    . U   A 1 19 ? -13.235 3.156   12.525  1.00 61.03 ? 19  U   A C2    1 
ATOM   381  O O2    . U   A 1 19 ? -13.374 1.950   12.476  1.00 60.48 ? 19  U   A O2    1 
ATOM   382  N N3    . U   A 1 19 ? -12.119 3.740   13.063  1.00 59.52 ? 19  U   A N3    1 
ATOM   383  C C4    . U   A 1 19 ? -11.857 5.085   13.165  1.00 60.19 ? 19  U   A C4    1 
ATOM   384  O O4    . U   A 1 19 ? -10.787 5.458   13.674  1.00 60.13 ? 19  U   A O4    1 
ATOM   385  C C5    . U   A 1 19 ? -12.895 5.935   12.643  1.00 60.15 ? 19  U   A C5    1 
ATOM   386  C C6    . U   A 1 19 ? -13.995 5.387   12.112  1.00 60.94 ? 19  U   A C6    1 
ATOM   387  P P     . C   A 1 20 ? -18.642 3.752   14.960  1.00 72.06 ? 20  C   A P     1 
ATOM   388  O OP1   . C   A 1 20 ? -20.067 3.468   15.205  1.00 73.35 ? 20  C   A OP1   1 
ATOM   389  O OP2   . C   A 1 20 ? -18.057 5.023   15.467  1.00 71.58 ? 20  C   A OP2   1 
ATOM   390  O "O5'" . C   A 1 20 ? -17.728 2.549   15.483  1.00 70.54 ? 20  C   A "O5'" 1 
ATOM   391  C "C5'" . C   A 1 20 ? -17.968 1.205   15.080  1.00 69.15 ? 20  C   A "C5'" 1 
ATOM   392  C "C4'" . C   A 1 20 ? -16.873 0.314   15.603  1.00 69.57 ? 20  C   A "C4'" 1 
ATOM   393  O "O4'" . C   A 1 20 ? -15.648 0.602   14.886  1.00 67.41 ? 20  C   A "O4'" 1 
ATOM   394  C "C3'" . C   A 1 20 ? -16.491 0.532   17.058  1.00 71.03 ? 20  C   A "C3'" 1 
ATOM   395  O "O3'" . C   A 1 20 ? -17.383 -0.125  17.966  1.00 76.11 ? 20  C   A "O3'" 1 
ATOM   396  C "C2'" . C   A 1 20 ? -15.071 -0.027  17.097  1.00 69.24 ? 20  C   A "C2'" 1 
ATOM   397  O "O2'" . C   A 1 20 ? -14.934 -1.427  17.193  1.00 68.44 ? 20  C   A "O2'" 1 
ATOM   398  C "C1'" . C   A 1 20 ? -14.537 0.442   15.750  1.00 66.43 ? 20  C   A "C1'" 1 
ATOM   399  N N1    . C   A 1 20 ? -13.916 1.748   15.939  1.00 64.02 ? 20  C   A N1    1 
ATOM   400  C C2    . C   A 1 20 ? -12.703 1.827   16.647  1.00 62.52 ? 20  C   A C2    1 
ATOM   401  O O2    . C   A 1 20 ? -12.159 0.781   17.044  1.00 59.70 ? 20  C   A O2    1 
ATOM   402  N N3    . C   A 1 20 ? -12.157 3.033   16.881  1.00 61.69 ? 20  C   A N3    1 
ATOM   403  C C4    . C   A 1 20 ? -12.760 4.132   16.431  1.00 62.32 ? 20  C   A C4    1 
ATOM   404  N N4    . C   A 1 20 ? -12.195 5.311   16.711  1.00 63.28 ? 20  C   A N4    1 
ATOM   405  C C5    . C   A 1 20 ? -13.974 4.079   15.684  1.00 62.73 ? 20  C   A C5    1 
ATOM   406  C C6    . C   A 1 20 ? -14.513 2.875   15.464  1.00 62.99 ? 20  C   A C6    1 
ATOM   407  P P     . G   A 1 21 ? -17.553 0.420   19.492  1.00 79.37 ? 21  G   A P     1 
ATOM   408  O OP1   . G   A 1 21 ? -18.513 -0.547  20.088  1.00 79.32 ? 21  G   A OP1   1 
ATOM   409  O OP2   . G   A 1 21 ? -17.849 1.890   19.539  1.00 78.70 ? 21  G   A OP2   1 
ATOM   410  O "O5'" . G   A 1 21 ? -16.168 0.130   20.212  1.00 77.19 ? 21  G   A "O5'" 1 
ATOM   411  C "C5'" . G   A 1 21 ? -15.889 -1.185  20.627  1.00 78.06 ? 21  G   A "C5'" 1 
ATOM   412  C "C4'" . G   A 1 21 ? -14.477 -1.288  21.065  1.00 78.64 ? 21  G   A "C4'" 1 
ATOM   413  O "O4'" . G   A 1 21 ? -13.625 -0.786  20.007  1.00 77.60 ? 21  G   A "O4'" 1 
ATOM   414  C "C3'" . G   A 1 21 ? -14.133 -0.391  22.229  1.00 79.48 ? 21  G   A "C3'" 1 
ATOM   415  O "O3'" . G   A 1 21 ? -14.608 -0.973  23.433  1.00 82.59 ? 21  G   A "O3'" 1 
ATOM   416  C "C2'" . G   A 1 21 ? -12.611 -0.292  22.100  1.00 78.24 ? 21  G   A "C2'" 1 
ATOM   417  O "O2'" . G   A 1 21 ? -11.824 -1.356  22.588  1.00 78.28 ? 21  G   A "O2'" 1 
ATOM   418  C "C1'" . G   A 1 21 ? -12.464 -0.215  20.585  1.00 76.59 ? 21  G   A "C1'" 1 
ATOM   419  N N9    . G   A 1 21 ? -12.439 1.198   20.269  1.00 74.68 ? 21  G   A N9    1 
ATOM   420  C C8    . G   A 1 21 ? -13.361 1.948   19.570  1.00 73.30 ? 21  G   A C8    1 
ATOM   421  N N7    . G   A 1 21 ? -13.043 3.215   19.518  1.00 72.60 ? 21  G   A N7    1 
ATOM   422  C C5    . G   A 1 21 ? -11.842 3.295   20.222  1.00 71.34 ? 21  G   A C5    1 
ATOM   423  C C6    . G   A 1 21 ? -11.014 4.405   20.509  1.00 69.98 ? 21  G   A C6    1 
ATOM   424  O O6    . G   A 1 21 ? -11.186 5.584   20.203  1.00 69.25 ? 21  G   A O6    1 
ATOM   425  N N1    . G   A 1 21 ? -9.879  4.031   21.234  1.00 69.86 ? 21  G   A N1    1 
ATOM   426  C C2    . G   A 1 21 ? -9.579  2.747   21.631  1.00 70.24 ? 21  G   A C2    1 
ATOM   427  N N2    . G   A 1 21 ? -8.419  2.580   22.278  1.00 69.49 ? 21  G   A N2    1 
ATOM   428  N N3    . G   A 1 21 ? -10.358 1.706   21.392  1.00 70.70 ? 21  G   A N3    1 
ATOM   429  C C4    . G   A 1 21 ? -11.458 2.054   20.680  1.00 72.46 ? 21  G   A C4    1 
ATOM   430  P P     . C   A 1 22 ? -15.148 -0.031  24.628  1.00 84.86 ? 22  C   A P     1 
ATOM   431  O OP1   . C   A 1 22 ? -15.608 -1.001  25.657  1.00 86.01 ? 22  C   A OP1   1 
ATOM   432  O OP2   . C   A 1 22 ? -16.097 1.000   24.114  1.00 84.29 ? 22  C   A OP2   1 
ATOM   433  O "O5'" . C   A 1 22 ? -13.832 0.652   25.221  1.00 83.73 ? 22  C   A "O5'" 1 
ATOM   434  C "C5'" . C   A 1 22 ? -12.878 -0.149  25.914  1.00 84.24 ? 22  C   A "C5'" 1 
ATOM   435  C "C4'" . C   A 1 22 ? -11.684 0.675   26.321  1.00 84.87 ? 22  C   A "C4'" 1 
ATOM   436  O "O4'" . C   A 1 22 ? -11.126 1.303   25.138  1.00 84.81 ? 22  C   A "O4'" 1 
ATOM   437  C "C3'" . C   A 1 22 ? -11.930 1.849   27.263  1.00 85.20 ? 22  C   A "C3'" 1 
ATOM   438  O "O3'" . C   A 1 22 ? -12.153 1.544   28.662  1.00 84.97 ? 22  C   A "O3'" 1 
ATOM   439  C "C2'" . C   A 1 22 ? -10.698 2.722   27.016  1.00 85.27 ? 22  C   A "C2'" 1 
ATOM   440  O "O2'" . C   A 1 22 ? -9.542  2.371   27.763  1.00 86.09 ? 22  C   A "O2'" 1 
ATOM   441  C "C1'" . C   A 1 22 ? -10.457 2.496   25.518  1.00 83.80 ? 22  C   A "C1'" 1 
ATOM   442  N N1    . C   A 1 22 ? -10.993 3.607   24.732  1.00 81.15 ? 22  C   A N1    1 
ATOM   443  C C2    . C   A 1 22 ? -10.181 4.721   24.547  1.00 79.39 ? 22  C   A C2    1 
ATOM   444  O O2    . C   A 1 22 ? -9.020  4.693   24.996  1.00 77.15 ? 22  C   A O2    1 
ATOM   445  N N3    . C   A 1 22 ? -10.670 5.786   23.877  1.00 78.45 ? 22  C   A N3    1 
ATOM   446  C C4    . C   A 1 22 ? -11.908 5.751   23.380  1.00 77.87 ? 22  C   A C4    1 
ATOM   447  N N4    . C   A 1 22 ? -12.349 6.833   22.725  1.00 77.09 ? 22  C   A N4    1 
ATOM   448  C C5    . C   A 1 22 ? -12.748 4.608   23.529  1.00 78.02 ? 22  C   A C5    1 
ATOM   449  C C6    . C   A 1 22 ? -12.257 3.568   24.208  1.00 79.58 ? 22  C   A C6    1 
ATOM   450  P P     . G   B 1 2  ? -6.110  15.383  20.676  1.00 94.45 ? 24  G   B P     1 
ATOM   451  O OP1   . G   B 1 2  ? -6.218  16.470  21.746  1.00 94.30 ? 24  G   B OP1   1 
ATOM   452  O OP2   . G   B 1 2  ? -5.231  15.793  19.503  1.00 94.42 ? 24  G   B OP2   1 
ATOM   453  O "O5'" . G   B 1 2  ? -5.306  14.170  21.424  1.00 93.22 ? 24  G   B "O5'" 1 
ATOM   454  C "C5'" . G   B 1 2  ? -4.214  14.453  22.337  1.00 90.80 ? 24  G   B "C5'" 1 
ATOM   455  C "C4'" . G   B 1 2  ? -3.948  13.262  23.235  1.00 88.71 ? 24  G   B "C4'" 1 
ATOM   456  O "O4'" . G   B 1 2  ? -5.013  13.118  24.222  1.00 87.40 ? 24  G   B "O4'" 1 
ATOM   457  C "C3'" . G   B 1 2  ? -3.898  11.925  22.521  1.00 87.90 ? 24  G   B "C3'" 1 
ATOM   458  O "O3'" . G   B 1 2  ? -2.608  11.700  21.951  1.00 88.48 ? 24  G   B "O3'" 1 
ATOM   459  C "C2'" . G   B 1 2  ? -4.251  10.946  23.641  1.00 86.84 ? 24  G   B "C2'" 1 
ATOM   460  O "O2'" . G   B 1 2  ? -3.141  10.645  24.469  1.00 85.52 ? 24  G   B "O2'" 1 
ATOM   461  C "C1'" . G   B 1 2  ? -5.310  11.739  24.423  1.00 85.46 ? 24  G   B "C1'" 1 
ATOM   462  N N9    . G   B 1 2  ? -6.699  11.514  24.003  1.00 83.17 ? 24  G   B N9    1 
ATOM   463  C C8    . G   B 1 2  ? -7.548  12.464  23.475  1.00 82.91 ? 24  G   B C8    1 
ATOM   464  N N7    . G   B 1 2  ? -8.719  11.984  23.135  1.00 81.65 ? 24  G   B N7    1 
ATOM   465  C C5    . G   B 1 2  ? -8.650  10.635  23.467  1.00 80.72 ? 24  G   B C5    1 
ATOM   466  C C6    . G   B 1 2  ? -9.612  9.607   23.316  1.00 79.14 ? 24  G   B C6    1 
ATOM   467  O O6    . G   B 1 2  ? -10.743 9.681   22.830  1.00 78.59 ? 24  G   B O6    1 
ATOM   468  N N1    . G   B 1 2  ? -9.141  8.393   23.796  1.00 77.60 ? 24  G   B N1    1 
ATOM   469  C C2    . G   B 1 2  ? -7.913  8.190   24.351  1.00 77.42 ? 24  G   B C2    1 
ATOM   470  N N2    . G   B 1 2  ? -7.667  6.959   24.762  1.00 77.10 ? 24  G   B N2    1 
ATOM   471  N N3    . G   B 1 2  ? -6.995  9.128   24.491  1.00 79.49 ? 24  G   B N3    1 
ATOM   472  C C4    . G   B 1 2  ? -7.422  10.324  24.026  1.00 81.41 ? 24  G   B C4    1 
ATOM   473  P P     . C   B 1 3  ? -2.433  10.603  20.786  1.00 88.69 ? 25  C   B P     1 
ATOM   474  O OP1   . C   B 1 3  ? -0.993  10.500  20.392  1.00 88.68 ? 25  C   B OP1   1 
ATOM   475  O OP2   . C   B 1 3  ? -3.469  10.881  19.754  1.00 88.43 ? 25  C   B OP2   1 
ATOM   476  O "O5'" . C   B 1 3  ? -2.792  9.235   21.503  1.00 87.40 ? 25  C   B "O5'" 1 
ATOM   477  C "C5'" . C   B 1 3  ? -1.963  8.726   22.528  1.00 86.38 ? 25  C   B "C5'" 1 
ATOM   478  C "C4'" . C   B 1 3  ? -2.340  7.308   22.803  1.00 86.34 ? 25  C   B "C4'" 1 
ATOM   479  O "O4'" . C   B 1 3  ? -3.646  7.260   23.433  1.00 85.76 ? 25  C   B "O4'" 1 
ATOM   480  C "C3'" . C   B 1 3  ? -2.532  6.494   21.548  1.00 86.25 ? 25  C   B "C3'" 1 
ATOM   481  O "O3'" . C   B 1 3  ? -1.275  6.044   21.073  1.00 87.92 ? 25  C   B "O3'" 1 
ATOM   482  C "C2'" . C   B 1 3  ? -3.407  5.359   22.053  1.00 85.75 ? 25  C   B "C2'" 1 
ATOM   483  O "O2'" . C   B 1 3  ? -2.657  4.428   22.793  1.00 87.00 ? 25  C   B "O2'" 1 
ATOM   484  C "C1'" . C   B 1 3  ? -4.333  6.097   23.014  1.00 84.44 ? 25  C   B "C1'" 1 
ATOM   485  N N1    . C   B 1 3  ? -5.576  6.510   22.365  1.00 82.65 ? 25  C   B N1    1 
ATOM   486  C C2    . C   B 1 3  ? -6.601  5.574   22.215  1.00 81.73 ? 25  C   B C2    1 
ATOM   487  O O2    . C   B 1 3  ? -6.444  4.438   22.673  1.00 80.77 ? 25  C   B O2    1 
ATOM   488  N N3    . C   B 1 3  ? -7.735  5.934   21.578  1.00 81.01 ? 25  C   B N3    1 
ATOM   489  C C4    . C   B 1 3  ? -7.861  7.175   21.101  1.00 81.45 ? 25  C   B C4    1 
ATOM   490  N N4    . C   B 1 3  ? -8.974  7.482   20.442  1.00 81.17 ? 25  C   B N4    1 
ATOM   491  C C5    . C   B 1 3  ? -6.842  8.158   21.268  1.00 81.44 ? 25  C   B C5    1 
ATOM   492  C C6    . C   B 1 3  ? -5.727  7.784   21.901  1.00 81.63 ? 25  C   B C6    1 
ATOM   493  P P     . G   B 1 4  ? -1.090  5.709   19.509  1.00 89.52 ? 26  G   B P     1 
ATOM   494  O OP1   . G   B 1 4  ? 0.377   5.541   19.259  1.00 90.26 ? 26  G   B OP1   1 
ATOM   495  O OP2   . G   B 1 4  ? -1.857  6.732   18.742  1.00 89.91 ? 26  G   B OP2   1 
ATOM   496  O "O5'" . G   B 1 4  ? -1.791  4.289   19.332  1.00 86.92 ? 26  G   B "O5'" 1 
ATOM   497  C "C5'" . G   B 1 4  ? -1.630  3.297   20.338  1.00 85.44 ? 26  G   B "C5'" 1 
ATOM   498  C "C4'" . G   B 1 4  ? -2.700  2.248   20.218  1.00 84.03 ? 26  G   B "C4'" 1 
ATOM   499  O "O4'" . G   B 1 4  ? -3.998  2.738   20.646  1.00 83.27 ? 26  G   B "O4'" 1 
ATOM   500  C "C3'" . G   B 1 4  ? -2.953  1.819   18.798  1.00 83.47 ? 26  G   B "C3'" 1 
ATOM   501  O "O3'" . G   B 1 4  ? -1.954  0.921   18.391  1.00 84.49 ? 26  G   B "O3'" 1 
ATOM   502  C "C2'" . G   B 1 4  ? -4.318  1.154   18.896  1.00 82.72 ? 26  G   B "C2'" 1 
ATOM   503  O "O2'" . G   B 1 4  ? -4.255  -0.175  19.356  1.00 83.32 ? 26  G   B "O2'" 1 
ATOM   504  C "C1'" . G   B 1 4  ? -5.008  2.026   19.944  1.00 81.39 ? 26  G   B "C1'" 1 
ATOM   505  N N9    . G   B 1 4  ? -5.905  2.974   19.304  1.00 78.67 ? 26  G   B N9    1 
ATOM   506  C C8    . G   B 1 4  ? -5.711  4.318   19.083  1.00 77.73 ? 26  G   B C8    1 
ATOM   507  N N7    . G   B 1 4  ? -6.720  4.884   18.473  1.00 76.81 ? 26  G   B N7    1 
ATOM   508  C C5    . G   B 1 4  ? -7.629  3.846   18.284  1.00 75.66 ? 26  G   B C5    1 
ATOM   509  C C6    . G   B 1 4  ? -8.920  3.842   17.677  1.00 74.29 ? 26  G   B C6    1 
ATOM   510  O O6    . G   B 1 4  ? -9.530  4.782   17.141  1.00 72.39 ? 26  G   B O6    1 
ATOM   511  N N1    . G   B 1 4  ? -9.496  2.573   17.723  1.00 73.84 ? 26  G   B N1    1 
ATOM   512  C C2    . G   B 1 4  ? -8.903  1.448   18.260  1.00 74.83 ? 26  G   B C2    1 
ATOM   513  N N2    . G   B 1 4  ? -9.613  0.303   18.198  1.00 74.63 ? 26  G   B N2    1 
ATOM   514  N N3    . G   B 1 4  ? -7.700  1.442   18.813  1.00 75.11 ? 26  G   B N3    1 
ATOM   515  C C4    . G   B 1 4  ? -7.132  2.664   18.793  1.00 76.51 ? 26  G   B C4    1 
ATOM   516  P P     . U   B 1 5  ? -1.873  0.517   16.854  1.00 85.33 ? 27  U   B P     1 
ATOM   517  O OP1   . U   B 1 5  ? -0.882  -0.575  16.698  1.00 85.26 ? 27  U   B OP1   1 
ATOM   518  O OP2   . U   B 1 5  ? -1.759  1.761   16.041  1.00 84.81 ? 27  U   B OP2   1 
ATOM   519  O "O5'" . U   B 1 5  ? -3.305  -0.085  16.610  1.00 83.06 ? 27  U   B "O5'" 1 
ATOM   520  C "C5'" . U   B 1 5  ? -3.744  -0.324  15.322  1.00 81.27 ? 27  U   B "C5'" 1 
ATOM   521  C "C4'" . U   B 1 5  ? -4.746  -1.417  15.360  1.00 80.24 ? 27  U   B "C4'" 1 
ATOM   522  O "O4'" . U   B 1 5  ? -5.821  -1.065  16.270  1.00 79.94 ? 27  U   B "O4'" 1 
ATOM   523  C "C3'" . U   B 1 5  ? -5.409  -1.603  14.023  1.00 79.59 ? 27  U   B "C3'" 1 
ATOM   524  O "O3'" . U   B 1 5  ? -4.568  -2.406  13.207  1.00 76.37 ? 27  U   B "O3'" 1 
ATOM   525  C "C2'" . U   B 1 5  ? -6.748  -2.205  14.420  1.00 79.70 ? 27  U   B "C2'" 1 
ATOM   526  O "O2'" . U   B 1 5  ? -6.633  -3.579  14.761  1.00 81.03 ? 27  U   B "O2'" 1 
ATOM   527  C "C1'" . U   B 1 5  ? -7.070  -1.363  15.663  1.00 78.79 ? 27  U   B "C1'" 1 
ATOM   528  N N1    . U   B 1 5  ? -7.719  -0.081  15.341  1.00 76.40 ? 27  U   B N1    1 
ATOM   529  C C2    . U   B 1 5  ? -9.007  -0.115  14.847  1.00 76.21 ? 27  U   B C2    1 
ATOM   530  O O2    . U   B 1 5  ? -9.646  -1.148  14.726  1.00 77.37 ? 27  U   B O2    1 
ATOM   531  N N3    . U   B 1 5  ? -9.529  1.106   14.507  1.00 75.06 ? 27  U   B N3    1 
ATOM   532  C C4    . U   B 1 5  ? -8.920  2.330   14.631  1.00 74.37 ? 27  U   B C4    1 
ATOM   533  O O4    . U   B 1 5  ? -9.512  3.341   14.232  1.00 73.15 ? 27  U   B O4    1 
ATOM   534  C C5    . U   B 1 5  ? -7.598  2.284   15.189  1.00 73.74 ? 27  U   B C5    1 
ATOM   535  C C6    . U   B 1 5  ? -7.058  1.112   15.512  1.00 74.89 ? 27  U   B C6    1 
ATOM   536  P P     . C   B 1 6  ? -4.570  -2.166  11.632  1.00 74.35 ? 28  C   B P     1 
ATOM   537  O OP1   . C   B 1 6  ? -3.735  -3.234  11.003  1.00 74.97 ? 28  C   B OP1   1 
ATOM   538  O OP2   . C   B 1 6  ? -4.300  -0.721  11.334  1.00 71.37 ? 28  C   B OP2   1 
ATOM   539  O "O5'" . C   B 1 6  ? -6.084  -2.482  11.284  1.00 69.99 ? 28  C   B "O5'" 1 
ATOM   540  C "C5'" . C   B 1 6  ? -6.615  -2.079  10.064  1.00 64.16 ? 28  C   B "C5'" 1 
ATOM   541  C "C4'" . C   B 1 6  ? -8.094  -2.104  10.140  1.00 60.72 ? 28  C   B "C4'" 1 
ATOM   542  O "O4'" . C   B 1 6  ? -8.559  -1.385  11.310  1.00 58.49 ? 28  C   B "O4'" 1 
ATOM   543  C "C3'" . C   B 1 6  ? -8.651  -1.343  8.978   1.00 59.99 ? 28  C   B "C3'" 1 
ATOM   544  O "O3'" . C   B 1 6  ? -8.683  -2.218  7.885   1.00 60.89 ? 28  C   B "O3'" 1 
ATOM   545  C "C2'" . C   B 1 6  ? -9.998  -0.909  9.501   1.00 58.83 ? 28  C   B "C2'" 1 
ATOM   546  O "O2'" . C   B 1 6  ? -10.900 -1.984  9.477   1.00 59.23 ? 28  C   B "O2'" 1 
ATOM   547  C "C1'" . C   B 1 6  ? -9.626  -0.530  10.936  1.00 56.81 ? 28  C   B "C1'" 1 
ATOM   548  N N1    . C   B 1 6  ? -9.138  0.857   11.034  1.00 54.25 ? 28  C   B N1    1 
ATOM   549  C C2    . C   B 1 6  ? -9.931  1.882   10.540  1.00 52.65 ? 28  C   B C2    1 
ATOM   550  O O2    . C   B 1 6  ? -11.012 1.601   10.025  1.00 51.78 ? 28  C   B O2    1 
ATOM   551  N N3    . C   B 1 6  ? -9.492  3.162   10.620  1.00 53.04 ? 28  C   B N3    1 
ATOM   552  C C4    . C   B 1 6  ? -8.300  3.426   11.162  1.00 52.89 ? 28  C   B C4    1 
ATOM   553  N N4    . C   B 1 6  ? -7.908  4.709   11.215  1.00 51.49 ? 28  C   B N4    1 
ATOM   554  C C5    . C   B 1 6  ? -7.461  2.391   11.671  1.00 51.63 ? 28  C   B C5    1 
ATOM   555  C C6    . C   B 1 6  ? -7.918  1.134   11.593  1.00 52.92 ? 28  C   B C6    1 
ATOM   556  P P     . A   B 1 7  ? -7.760  -1.906  6.619   1.00 59.44 ? 29  A   B P     1 
ATOM   557  O OP1   . A   B 1 7  ? -7.645  -3.210  5.921   1.00 61.66 ? 29  A   B OP1   1 
ATOM   558  O OP2   . A   B 1 7  ? -6.542  -1.219  7.116   1.00 58.89 ? 29  A   B OP2   1 
ATOM   559  O "O5'" . A   B 1 7  ? -8.655  -0.911  5.748   1.00 58.01 ? 29  A   B "O5'" 1 
ATOM   560  C "C5'" . A   B 1 7  ? -10.033 -1.194  5.544   1.00 53.68 ? 29  A   B "C5'" 1 
ATOM   561  C "C4'" . A   B 1 7  ? -10.840 0.076   5.416   1.00 52.47 ? 29  A   B "C4'" 1 
ATOM   562  O "O4'" . A   B 1 7  ? -10.845 0.888   6.619   1.00 51.53 ? 29  A   B "O4'" 1 
ATOM   563  C "C3'" . A   B 1 7  ? -10.363 1.037   4.372   1.00 52.48 ? 29  A   B "C3'" 1 
ATOM   564  O "O3'" . A   B 1 7  ? -10.744 0.516   3.127   1.00 53.73 ? 29  A   B "O3'" 1 
ATOM   565  C "C2'" . A   B 1 7  ? -11.122 2.305   4.743   1.00 51.89 ? 29  A   B "C2'" 1 
ATOM   566  O "O2'" . A   B 1 7  ? -12.486 2.257   4.389   1.00 54.06 ? 29  A   B "O2'" 1 
ATOM   567  C "C1'" . A   B 1 7  ? -11.062 2.248   6.260   1.00 50.22 ? 29  A   B "C1'" 1 
ATOM   568  N N9    . A   B 1 7  ? -9.968  3.056   6.784   1.00 48.70 ? 29  A   B N9    1 
ATOM   569  C C8    . A   B 1 7  ? -8.830  2.621   7.408   1.00 49.28 ? 29  A   B C8    1 
ATOM   570  N N7    . A   B 1 7  ? -8.039  3.589   7.803   1.00 48.25 ? 29  A   B N7    1 
ATOM   571  C C5    . A   B 1 7  ? -8.700  4.738   7.399   1.00 45.77 ? 29  A   B C5    1 
ATOM   572  C C6    . A   B 1 7  ? -8.382  6.091   7.509   1.00 43.92 ? 29  A   B C6    1 
ATOM   573  N N6    . A   B 1 7  ? -7.260  6.555   8.062   1.00 39.92 ? 29  A   B N6    1 
ATOM   574  N N1    . A   B 1 7  ? -9.262  6.971   7.015   1.00 44.36 ? 29  A   B N1    1 
ATOM   575  C C2    . A   B 1 7  ? -10.366 6.519   6.431   1.00 43.83 ? 29  A   B C2    1 
ATOM   576  N N3    . A   B 1 7  ? -10.765 5.277   6.247   1.00 46.06 ? 29  A   B N3    1 
ATOM   577  C C4    . A   B 1 7  ? -9.882  4.422   6.764   1.00 46.20 ? 29  A   B C4    1 
ATOM   578  P P     . C   B 1 8  ? -9.752  0.678   1.903   1.00 54.97 ? 30  C   B P     1 
ATOM   579  O OP1   . C   B 1 8  ? -10.386 0.063   0.702   1.00 55.46 ? 30  C   B OP1   1 
ATOM   580  O OP2   . C   B 1 8  ? -8.422  0.201   2.374   1.00 54.34 ? 30  C   B OP2   1 
ATOM   581  O "O5'" . C   B 1 8  ? -9.736  2.247   1.683   1.00 52.38 ? 30  C   B "O5'" 1 
ATOM   582  C "C5'" . C   B 1 8  ? -10.873 2.864   1.131   1.00 51.62 ? 30  C   B "C5'" 1 
ATOM   583  C "C4'" . C   B 1 8  ? -10.696 4.347   1.120   1.00 50.81 ? 30  C   B "C4'" 1 
ATOM   584  O "O4'" . C   B 1 8  ? -10.486 4.821   2.480   1.00 50.97 ? 30  C   B "O4'" 1 
ATOM   585  C "C3'" . C   B 1 8  ? -9.461  4.832   0.402   1.00 49.76 ? 30  C   B "C3'" 1 
ATOM   586  O "O3'" . C   B 1 8  ? -9.657  4.801   -1.003  1.00 50.41 ? 30  C   B "O3'" 1 
ATOM   587  C "C2'" . C   B 1 8  ? -9.313  6.237   0.986   1.00 49.61 ? 30  C   B "C2'" 1 
ATOM   588  O "O2'" . C   B 1 8  ? -10.233 7.171   0.454   1.00 48.63 ? 30  C   B "O2'" 1 
ATOM   589  C "C1'" . C   B 1 8  ? -9.662  5.981   2.453   1.00 46.80 ? 30  C   B "C1'" 1 
ATOM   590  N N1    . C   B 1 8  ? -8.488  5.730   3.299   1.00 41.99 ? 30  C   B N1    1 
ATOM   591  C C2    . C   B 1 8  ? -7.833  6.800   3.798   1.00 40.56 ? 30  C   B C2    1 
ATOM   592  O O2    . C   B 1 8  ? -8.196  7.920   3.428   1.00 41.60 ? 30  C   B O2    1 
ATOM   593  N N3    . C   B 1 8  ? -6.805  6.616   4.654   1.00 37.68 ? 30  C   B N3    1 
ATOM   594  C C4    . C   B 1 8  ? -6.419  5.386   4.958   1.00 35.96 ? 30  C   B C4    1 
ATOM   595  N N4    . C   B 1 8  ? -5.391  5.235   5.809   1.00 34.20 ? 30  C   B N4    1 
ATOM   596  C C5    . C   B 1 8  ? -7.057  4.253   4.414   1.00 35.12 ? 30  C   B C5    1 
ATOM   597  C C6    . C   B 1 8  ? -8.080  4.467   3.597   1.00 38.88 ? 30  C   B C6    1 
ATOM   598  P P     . A   B 1 9  ? -8.425  4.379   -1.964  1.00 52.53 ? 31  A   B P     1 
ATOM   599  O OP1   . A   B 1 9  ? -8.918  4.344   -3.378  1.00 52.62 ? 31  A   B OP1   1 
ATOM   600  O OP2   . A   B 1 9  ? -7.705  3.204   -1.400  1.00 50.63 ? 31  A   B OP2   1 
ATOM   601  O "O5'" . A   B 1 9  ? -7.498  5.652   -1.897  1.00 49.67 ? 31  A   B "O5'" 1 
ATOM   602  C "C5'" . A   B 1 9  ? -8.030  6.868   -2.331  1.00 47.10 ? 31  A   B "C5'" 1 
ATOM   603  C "C4'" . A   B 1 9  ? -7.124  7.983   -1.947  1.00 46.71 ? 31  A   B "C4'" 1 
ATOM   604  O "O4'" . A   B 1 9  ? -7.083  8.120   -0.505  1.00 42.91 ? 31  A   B "O4'" 1 
ATOM   605  C "C3'" . A   B 1 9  ? -5.674  7.795   -2.326  1.00 46.15 ? 31  A   B "C3'" 1 
ATOM   606  O "O3'" . A   B 1 9  ? -5.516  8.092   -3.700  1.00 48.50 ? 31  A   B "O3'" 1 
ATOM   607  C "C2'" . A   B 1 9  ? -5.040  8.852   -1.442  1.00 44.58 ? 31  A   B "C2'" 1 
ATOM   608  O "O2'" . A   B 1 9  ? -5.332  10.105  -2.004  1.00 45.14 ? 31  A   B "O2'" 1 
ATOM   609  C "C1'" . A   B 1 9  ? -5.836  8.665   -0.142  1.00 40.91 ? 31  A   B "C1'" 1 
ATOM   610  N N9    . A   B 1 9  ? -5.206  7.707   0.744   1.00 35.19 ? 31  A   B N9    1 
ATOM   611  C C8    . A   B 1 9  ? -5.482  6.383   0.934   1.00 34.49 ? 31  A   B C8    1 
ATOM   612  N N7    . A   B 1 9  ? -4.721  5.813   1.847   1.00 34.37 ? 31  A   B N7    1 
ATOM   613  C C5    . A   B 1 9  ? -3.897  6.847   2.276   1.00 31.45 ? 31  A   B C5    1 
ATOM   614  C C6    . A   B 1 9  ? -2.883  6.916   3.228   1.00 31.02 ? 31  A   B C6    1 
ATOM   615  N N6    . A   B 1 9  ? -2.507  5.909   4.014   1.00 30.60 ? 31  A   B N6    1 
ATOM   616  N N1    . A   B 1 9  ? -2.251  8.083   3.376   1.00 32.60 ? 31  A   B N1    1 
ATOM   617  C C2    . A   B 1 9  ? -2.623  9.115   2.622   1.00 33.39 ? 31  A   B C2    1 
ATOM   618  N N3    . A   B 1 9  ? -3.573  9.180   1.703   1.00 33.89 ? 31  A   B N3    1 
ATOM   619  C C4    . A   B 1 9  ? -4.177  8.002   1.586   1.00 33.02 ? 31  A   B C4    1 
ATOM   620  P P     . C   B 1 10 ? -4.352  7.374   -4.545  1.00 52.14 ? 32  C   B P     1 
ATOM   621  O OP1   . C   B 1 10 ? -4.559  7.774   -5.955  1.00 52.92 ? 32  C   B OP1   1 
ATOM   622  O OP2   . C   B 1 10 ? -4.268  5.931   -4.202  1.00 52.17 ? 32  C   B OP2   1 
ATOM   623  O "O5'" . C   B 1 10 ? -3.041  8.134   -4.053  1.00 51.20 ? 32  C   B "O5'" 1 
ATOM   624  C "C5'" . C   B 1 10 ? -2.867  9.491   -4.415  1.00 48.34 ? 32  C   B "C5'" 1 
ATOM   625  C "C4'" . C   B 1 10 ? -1.793  10.122  -3.586  1.00 46.40 ? 32  C   B "C4'" 1 
ATOM   626  O "O4'" . C   B 1 10 ? -2.122  9.932   -2.182  1.00 45.14 ? 32  C   B "O4'" 1 
ATOM   627  C "C3'" . C   B 1 10 ? -0.403  9.521   -3.707  1.00 46.15 ? 32  C   B "C3'" 1 
ATOM   628  O "O3'" . C   B 1 10 ? 0.282   10.024  -4.862  1.00 47.80 ? 32  C   B "O3'" 1 
ATOM   629  C "C2'" . C   B 1 10 ? 0.225   10.061  -2.430  1.00 44.60 ? 32  C   B "C2'" 1 
ATOM   630  O "O2'" . C   B 1 10 ? 0.472   11.437  -2.633  1.00 44.38 ? 32  C   B "O2'" 1 
ATOM   631  C "C1'" . C   B 1 10 ? -0.919  9.859   -1.420  1.00 42.53 ? 32  C   B "C1'" 1 
ATOM   632  N N1    . C   B 1 10 ? -0.902  8.545   -0.754  1.00 37.73 ? 32  C   B N1    1 
ATOM   633  C C2    . C   B 1 10 ? -0.066  8.337   0.356   1.00 37.50 ? 32  C   B C2    1 
ATOM   634  O O2    . C   B 1 10 ? 0.722   9.246   0.694   1.00 38.88 ? 32  C   B O2    1 
ATOM   635  N N3    . C   B 1 10 ? -0.122  7.147   1.019   1.00 33.25 ? 32  C   B N3    1 
ATOM   636  C C4    . C   B 1 10 ? -0.942  6.188   0.579   1.00 32.14 ? 32  C   B C4    1 
ATOM   637  N N4    . C   B 1 10 ? -1.013  5.063   1.257   1.00 28.60 ? 32  C   B N4    1 
ATOM   638  C C5    . C   B 1 10 ? -1.743  6.354   -0.586  1.00 31.95 ? 32  C   B C5    1 
ATOM   639  C C6    . C   B 1 10 ? -1.701  7.540   -1.211  1.00 34.03 ? 32  C   B C6    1 
ATOM   640  P P     . C   B 1 11 ? 1.354   9.086   -5.666  1.00 50.50 ? 33  C   B P     1 
ATOM   641  O OP1   . C   B 1 11 ? 1.760   9.933   -6.834  1.00 49.04 ? 33  C   B OP1   1 
ATOM   642  O OP2   . C   B 1 11 ? 0.868   7.705   -5.916  1.00 46.35 ? 33  C   B OP2   1 
ATOM   643  O "O5'" . C   B 1 11 ? 2.589   8.971   -4.655  1.00 47.47 ? 33  C   B "O5'" 1 
ATOM   644  C "C5'" . C   B 1 11 ? 3.438   10.088  -4.435  1.00 44.96 ? 33  C   B "C5'" 1 
ATOM   645  C "C4'" . C   B 1 11 ? 4.448   9.777   -3.369  1.00 43.42 ? 33  C   B "C4'" 1 
ATOM   646  O "O4'" . C   B 1 11 ? 3.730   9.471   -2.149  1.00 41.53 ? 33  C   B "O4'" 1 
ATOM   647  C "C3'" . C   B 1 11 ? 5.302   8.541   -3.563  1.00 42.62 ? 33  C   B "C3'" 1 
ATOM   648  O "O3'" . C   B 1 11 ? 6.409   8.809   -4.384  1.00 45.19 ? 33  C   B "O3'" 1 
ATOM   649  C "C2'" . C   B 1 11 ? 5.792   8.307   -2.141  1.00 41.96 ? 33  C   B "C2'" 1 
ATOM   650  O "O2'" . C   B 1 11 ? 6.822   9.184   -1.772  1.00 38.91 ? 33  C   B "O2'" 1 
ATOM   651  C "C1'" . C   B 1 11 ? 4.525   8.633   -1.331  1.00 39.69 ? 33  C   B "C1'" 1 
ATOM   652  N N1    . C   B 1 11 ? 3.772   7.412   -1.035  1.00 34.44 ? 33  C   B N1    1 
ATOM   653  C C2    . C   B 1 11 ? 4.180   6.623   0.026   1.00 34.55 ? 33  C   B C2    1 
ATOM   654  O O2    . C   B 1 11 ? 5.175   6.964   0.689   1.00 34.84 ? 33  C   B O2    1 
ATOM   655  N N3    . C   B 1 11 ? 3.498   5.493   0.312   1.00 35.02 ? 33  C   B N3    1 
ATOM   656  C C4    . C   B 1 11 ? 2.445   5.157   -0.418  1.00 33.99 ? 33  C   B C4    1 
ATOM   657  N N4    . C   B 1 11 ? 1.755   4.090   -0.037  1.00 35.38 ? 33  C   B N4    1 
ATOM   658  C C5    . C   B 1 11 ? 2.039   5.917   -1.540  1.00 33.30 ? 33  C   B C5    1 
ATOM   659  C C6    . C   B 1 11 ? 2.713   7.038   -1.801  1.00 33.85 ? 33  C   B C6    1 
ATOM   660  P P     . G   B 1 12 ? 6.906   7.703   -5.457  1.00 46.64 ? 34  G   B P     1 
ATOM   661  O OP1   . G   B 1 12 ? 7.868   8.499   -6.263  1.00 47.82 ? 34  G   B OP1   1 
ATOM   662  O OP2   . G   B 1 12 ? 5.754   7.045   -6.105  1.00 47.15 ? 34  G   B OP2   1 
ATOM   663  O "O5'" . G   B 1 12 ? 7.644   6.541   -4.650  1.00 41.07 ? 34  G   B "O5'" 1 
ATOM   664  C "C5'" . G   B 1 12 ? 8.812   6.820   -3.950  1.00 38.24 ? 34  G   B "C5'" 1 
ATOM   665  C "C4'" . G   B 1 12 ? 9.000   5.861   -2.806  1.00 38.00 ? 34  G   B "C4'" 1 
ATOM   666  O "O4'" . G   B 1 12 ? 7.826   5.892   -1.940  1.00 38.23 ? 34  G   B "O4'" 1 
ATOM   667  C "C3'" . G   B 1 12 ? 9.160   4.363   -3.020  1.00 36.18 ? 34  G   B "C3'" 1 
ATOM   668  O "O3'" . G   B 1 12 ? 10.442  4.020   -3.545  1.00 39.91 ? 34  G   B "O3'" 1 
ATOM   669  C "C2'" . G   B 1 12 ? 9.083   3.917   -1.565  1.00 34.69 ? 34  G   B "C2'" 1 
ATOM   670  O "O2'" . G   B 1 12 ? 10.255  4.271   -0.855  1.00 30.40 ? 34  G   B "O2'" 1 
ATOM   671  C "C1'" . G   B 1 12 ? 7.918   4.790   -1.052  1.00 33.84 ? 34  G   B "C1'" 1 
ATOM   672  N N9    . G   B 1 12 ? 6.677   4.047   -1.123  1.00 29.10 ? 34  G   B N9    1 
ATOM   673  C C8    . G   B 1 12 ? 5.660   4.174   -2.043  1.00 28.11 ? 34  G   B C8    1 
ATOM   674  N N7    . G   B 1 12 ? 4.713   3.285   -1.868  1.00 29.83 ? 34  G   B N7    1 
ATOM   675  C C5    . G   B 1 12 ? 5.133   2.560   -0.750  1.00 27.86 ? 34  G   B C5    1 
ATOM   676  C C6    . G   B 1 12 ? 4.530   1.469   -0.071  1.00 28.84 ? 34  G   B C6    1 
ATOM   677  O O6    . G   B 1 12 ? 3.440   0.936   -0.283  1.00 28.55 ? 34  G   B O6    1 
ATOM   678  N N1    . G   B 1 12 ? 5.328   1.015   0.975   1.00 27.01 ? 34  G   B N1    1 
ATOM   679  C C2    . G   B 1 12 ? 6.518   1.568   1.346   1.00 24.82 ? 34  G   B C2    1 
ATOM   680  N N2    . G   B 1 12 ? 7.120   1.015   2.413   1.00 20.41 ? 34  G   B N2    1 
ATOM   681  N N3    . G   B 1 12 ? 7.074   2.591   0.731   1.00 25.76 ? 34  G   B N3    1 
ATOM   682  C C4    . G   B 1 12 ? 6.337   3.026   -0.292  1.00 26.13 ? 34  G   B C4    1 
ATOM   683  P P     . G   B 1 13 ? 10.671  2.620   -4.336  1.00 40.97 ? 35  G   B P     1 
ATOM   684  O OP1   . G   B 1 13 ? 12.083  2.739   -4.749  1.00 44.77 ? 35  G   B OP1   1 
ATOM   685  O OP2   . G   B 1 13 ? 9.634   2.330   -5.365  1.00 37.61 ? 35  G   B OP2   1 
ATOM   686  O "O5'" . G   B 1 13 ? 10.689  1.501   -3.206  1.00 39.07 ? 35  G   B "O5'" 1 
ATOM   687  C "C5'" . G   B 1 13 ? 11.711  1.512   -2.243  1.00 36.95 ? 35  G   B "C5'" 1 
ATOM   688  C "C4'" . G   B 1 13 ? 11.380  0.581   -1.108  1.00 37.19 ? 35  G   B "C4'" 1 
ATOM   689  O "O4'" . G   B 1 13 ? 10.100  0.940   -0.513  1.00 36.13 ? 35  G   B "O4'" 1 
ATOM   690  C "C3'" . G   B 1 13 ? 11.219  -0.890  -1.435  1.00 35.18 ? 35  G   B "C3'" 1 
ATOM   691  O "O3'" . G   B 1 13 ? 12.516  -1.469  -1.553  1.00 35.82 ? 35  G   B "O3'" 1 
ATOM   692  C "C2'" . G   B 1 13 ? 10.473  -1.371  -0.183  1.00 32.84 ? 35  G   B "C2'" 1 
ATOM   693  O "O2'" . G   B 1 13 ? 11.286  -1.395  0.980   1.00 30.20 ? 35  G   B "O2'" 1 
ATOM   694  C "C1'" . G   B 1 13 ? 9.489   -0.226  0.016   1.00 30.99 ? 35  G   B "C1'" 1 
ATOM   695  N N9    . G   B 1 13 ? 8.263   -0.417  -0.721  1.00 28.24 ? 35  G   B N9    1 
ATOM   696  C C8    . G   B 1 13 ? 7.852   0.308   -1.802  1.00 26.56 ? 35  G   B C8    1 
ATOM   697  N N7    . G   B 1 13 ? 6.690   -0.073  -2.251  1.00 27.34 ? 35  G   B N7    1 
ATOM   698  C C5    . G   B 1 13 ? 6.320   -1.111  -1.418  1.00 25.72 ? 35  G   B C5    1 
ATOM   699  C C6    . G   B 1 13 ? 5.147   -1.881  -1.401  1.00 26.78 ? 35  G   B C6    1 
ATOM   700  O O6    . G   B 1 13 ? 4.148   -1.767  -2.123  1.00 28.36 ? 35  G   B O6    1 
ATOM   701  N N1    . G   B 1 13 ? 5.186   -2.851  -0.409  1.00 24.77 ? 35  G   B N1    1 
ATOM   702  C C2    . G   B 1 13 ? 6.215   -3.017  0.481   1.00 26.00 ? 35  G   B C2    1 
ATOM   703  N N2    . G   B 1 13 ? 6.079   -4.013  1.384   1.00 24.93 ? 35  G   B N2    1 
ATOM   704  N N3    . G   B 1 13 ? 7.305   -2.265  0.498   1.00 25.51 ? 35  G   B N3    1 
ATOM   705  C C4    . G   B 1 13 ? 7.288   -1.345  -0.476  1.00 27.23 ? 35  G   B C4    1 
ATOM   706  P P     . U   B 1 14 ? 12.760  -2.721  -2.531  1.00 34.17 ? 36  U   B P     1 
ATOM   707  O OP1   . U   B 1 14 ? 14.207  -3.008  -2.409  1.00 35.10 ? 36  U   B OP1   1 
ATOM   708  O OP2   . U   B 1 14 ? 12.150  -2.437  -3.833  1.00 33.85 ? 36  U   B OP2   1 
ATOM   709  O "O5'" . U   B 1 14 ? 12.005  -3.918  -1.838  1.00 33.43 ? 36  U   B "O5'" 1 
ATOM   710  C "C5'" . U   B 1 14 ? 12.456  -4.381  -0.576  1.00 34.03 ? 36  U   B "C5'" 1 
ATOM   711  C "C4'" . U   B 1 14 ? 11.528  -5.443  -0.038  1.00 33.15 ? 36  U   B "C4'" 1 
ATOM   712  O "O4'" . U   B 1 14 ? 10.236  -4.828  0.189   1.00 32.54 ? 36  U   B "O4'" 1 
ATOM   713  C "C3'" . U   B 1 14 ? 11.203  -6.572  -0.998  1.00 32.70 ? 36  U   B "C3'" 1 
ATOM   714  O "O3'" . U   B 1 14 ? 12.197  -7.592  -1.076  1.00 32.73 ? 36  U   B "O3'" 1 
ATOM   715  C "C2'" . U   B 1 14 ? 9.913   -7.098  -0.411  1.00 31.35 ? 36  U   B "C2'" 1 
ATOM   716  O "O2'" . U   B 1 14 ? 10.140  -7.831  0.752   1.00 30.41 ? 36  U   B "O2'" 1 
ATOM   717  C "C1'" . U   B 1 14 ? 9.221   -5.795  -0.036  1.00 32.60 ? 36  U   B "C1'" 1 
ATOM   718  N N1    . U   B 1 14 ? 8.334   -5.336  -1.118  1.00 29.34 ? 36  U   B N1    1 
ATOM   719  C C2    . U   B 1 14 ? 7.082   -5.866  -1.106  1.00 28.39 ? 36  U   B C2    1 
ATOM   720  O O2    . U   B 1 14 ? 6.760   -6.705  -0.275  1.00 23.58 ? 36  U   B O2    1 
ATOM   721  N N3    . U   B 1 14 ? 6.228   -5.394  -2.077  1.00 27.84 ? 36  U   B N3    1 
ATOM   722  C C4    . U   B 1 14 ? 6.529   -4.450  -3.033  1.00 31.47 ? 36  U   B C4    1 
ATOM   723  O O4    . U   B 1 14 ? 5.609   -3.947  -3.710  1.00 33.30 ? 36  U   B O4    1 
ATOM   724  C C5    . U   B 1 14 ? 7.881   -3.990  -2.997  1.00 28.15 ? 36  U   B C5    1 
ATOM   725  C C6    . U   B 1 14 ? 8.714   -4.441  -2.058  1.00 28.47 ? 36  U   B C6    1 
ATOM   726  P P     . G   B 1 15 ? 12.264  -8.527  -2.405  1.00 31.34 ? 37  G   B P     1 
ATOM   727  O OP1   . G   B 1 15 ? 13.459  -9.401  -2.247  1.00 34.81 ? 37  G   B OP1   1 
ATOM   728  O OP2   . G   B 1 15 ? 12.122  -7.694  -3.626  1.00 28.29 ? 37  G   B OP2   1 
ATOM   729  O "O5'" . G   B 1 15 ? 10.982  -9.441  -2.294  1.00 29.34 ? 37  G   B "O5'" 1 
ATOM   730  C "C5'" . G   B 1 15 ? 10.811  -10.290 -1.183  1.00 29.75 ? 37  G   B "C5'" 1 
ATOM   731  C "C4'" . G   B 1 15 ? 9.490   -11.000 -1.298  1.00 31.02 ? 37  G   B "C4'" 1 
ATOM   732  O "O4'" . G   B 1 15 ? 8.414   -10.041 -1.177  1.00 30.10 ? 37  G   B "O4'" 1 
ATOM   733  C "C3'" . G   B 1 15 ? 9.212   -11.644 -2.644  1.00 31.02 ? 37  G   B "C3'" 1 
ATOM   734  O "O3'" . G   B 1 15 ? 9.828   -12.908 -2.639  1.00 35.68 ? 37  G   B "O3'" 1 
ATOM   735  C "C2'" . G   B 1 15 ? 7.704   -11.816 -2.577  1.00 31.03 ? 37  G   B "C2'" 1 
ATOM   736  O "O2'" . G   B 1 15 ? 7.335   -12.921 -1.756  1.00 30.21 ? 37  G   B "O2'" 1 
ATOM   737  C "C1'" . G   B 1 15 ? 7.300   -10.493 -1.919  1.00 29.60 ? 37  G   B "C1'" 1 
ATOM   738  N N9    . G   B 1 15 ? 6.978   -9.462  -2.889  1.00 28.33 ? 37  G   B N9    1 
ATOM   739  C C8    . G   B 1 15 ? 7.809   -8.491  -3.405  1.00 27.87 ? 37  G   B C8    1 
ATOM   740  N N7    . G   B 1 15 ? 7.208   -7.716  -4.272  1.00 25.73 ? 37  G   B N7    1 
ATOM   741  C C5    . G   B 1 15 ? 5.921   -8.227  -4.335  1.00 27.00 ? 37  G   B C5    1 
ATOM   742  C C6    . G   B 1 15 ? 4.819   -7.853  -5.153  1.00 26.18 ? 37  G   B C6    1 
ATOM   743  O O6    . G   B 1 15 ? 4.776   -6.999  -6.036  1.00 26.54 ? 37  G   B O6    1 
ATOM   744  N N1    . G   B 1 15 ? 3.698   -8.626  -4.888  1.00 25.54 ? 37  G   B N1    1 
ATOM   745  C C2    . G   B 1 15 ? 3.660   -9.676  -3.995  1.00 28.07 ? 37  G   B C2    1 
ATOM   746  N N2    . G   B 1 15 ? 2.491   -10.340 -3.889  1.00 27.05 ? 37  G   B N2    1 
ATOM   747  N N3    . G   B 1 15 ? 4.698   -10.058 -3.257  1.00 28.09 ? 37  G   B N3    1 
ATOM   748  C C4    . G   B 1 15 ? 5.773   -9.293  -3.473  1.00 27.50 ? 37  G   B C4    1 
ATOM   749  P P     . A   B 1 16 ? 10.584  -13.441 -3.945  1.00 34.77 ? 38  A   B P     1 
ATOM   750  O OP1   . A   B 1 16 ? 11.800  -14.089 -3.430  1.00 41.13 ? 38  A   B OP1   1 
ATOM   751  O OP2   . A   B 1 16 ? 10.720  -12.419 -4.975  1.00 30.68 ? 38  A   B OP2   1 
ATOM   752  O "O5'" . A   B 1 16 ? 9.724   -14.729 -4.287  1.00 37.85 ? 38  A   B "O5'" 1 
ATOM   753  C "C5'" . A   B 1 16 ? 8.758   -14.769 -5.313  1.00 40.30 ? 38  A   B "C5'" 1 
ATOM   754  C "C4'" . A   B 1 16 ? 8.858   -16.112 -6.017  1.00 41.33 ? 38  A   B "C4'" 1 
ATOM   755  O "O4'" . A   B 1 16 ? 8.751   -17.225 -5.098  1.00 41.10 ? 38  A   B "O4'" 1 
ATOM   756  C "C3'" . A   B 1 16 ? 7.784   -16.398 -7.024  1.00 41.34 ? 38  A   B "C3'" 1 
ATOM   757  O "O3'" . A   B 1 16 ? 8.231   -15.738 -8.163  1.00 43.12 ? 38  A   B "O3'" 1 
ATOM   758  C "C2'" . A   B 1 16 ? 7.907   -17.902 -7.212  1.00 41.63 ? 38  A   B "C2'" 1 
ATOM   759  O "O2'" . A   B 1 16 ? 8.973   -18.222 -8.083  1.00 42.55 ? 38  A   B "O2'" 1 
ATOM   760  C "C1'" . A   B 1 16 ? 8.293   -18.366 -5.808  1.00 40.72 ? 38  A   B "C1'" 1 
ATOM   761  N N9    . A   B 1 16 ? 7.231   -19.022 -5.045  1.00 39.19 ? 38  A   B N9    1 
ATOM   762  C C8    . A   B 1 16 ? 6.362   -18.461 -4.162  1.00 37.48 ? 38  A   B C8    1 
ATOM   763  N N7    . A   B 1 16 ? 5.569   -19.332 -3.586  1.00 38.71 ? 38  A   B N7    1 
ATOM   764  C C5    . A   B 1 16 ? 5.935   -20.542 -4.142  1.00 37.27 ? 38  A   B C5    1 
ATOM   765  C C6    . A   B 1 16 ? 5.455   -21.841 -3.967  1.00 39.65 ? 38  A   B C6    1 
ATOM   766  N N6    . A   B 1 16 ? 4.505   -22.165 -3.087  1.00 40.79 ? 38  A   B N6    1 
ATOM   767  N N1    . A   B 1 16 ? 5.997   -22.825 -4.727  1.00 39.68 ? 38  A   B N1    1 
ATOM   768  C C2    . A   B 1 16 ? 6.956   -22.504 -5.570  1.00 38.31 ? 38  A   B C2    1 
ATOM   769  N N3    . A   B 1 16 ? 7.498   -21.313 -5.810  1.00 39.03 ? 38  A   B N3    1 
ATOM   770  C C4    . A   B 1 16 ? 6.935   -20.366 -5.056  1.00 37.71 ? 38  A   B C4    1 
ATOM   771  P P     . A   B 1 17 ? 7.292   -14.671 -8.862  1.00 45.56 ? 39  A   B P     1 
ATOM   772  O OP1   . A   B 1 17 ? 8.146   -13.587 -9.481  1.00 41.47 ? 39  A   B OP1   1 
ATOM   773  O OP2   . A   B 1 17 ? 6.228   -14.344 -7.865  1.00 43.19 ? 39  A   B OP2   1 
ATOM   774  O "O5'" . A   B 1 17 ? 6.636   -15.521 -10.022 1.00 44.70 ? 39  A   B "O5'" 1 
ATOM   775  C "C5'" . A   B 1 17 ? 7.438   -16.115 -11.012 1.00 41.36 ? 39  A   B "C5'" 1 
ATOM   776  C "C4'" . A   B 1 17 ? 6.826   -17.416 -11.374 1.00 41.91 ? 39  A   B "C4'" 1 
ATOM   777  O "O4'" . A   B 1 17 ? 6.665   -18.186 -10.148 1.00 39.60 ? 39  A   B "O4'" 1 
ATOM   778  C "C3'" . A   B 1 17 ? 5.407   -17.240 -11.876 1.00 41.24 ? 39  A   B "C3'" 1 
ATOM   779  O "O3'" . A   B 1 17 ? 5.472   -17.070 -13.284 1.00 45.60 ? 39  A   B "O3'" 1 
ATOM   780  C "C2'" . A   B 1 17 ? 4.793   -18.600 -11.549 1.00 40.32 ? 39  A   B "C2'" 1 
ATOM   781  O "O2'" . A   B 1 17 ? 5.108   -19.592 -12.508 1.00 43.01 ? 39  A   B "O2'" 1 
ATOM   782  C "C1'" . A   B 1 17 ? 5.523   -18.993 -10.266 1.00 38.31 ? 39  A   B "C1'" 1 
ATOM   783  N N9    . A   B 1 17 ? 4.739   -18.931 -9.032  1.00 38.49 ? 39  A   B N9    1 
ATOM   784  C C8    . A   B 1 17 ? 4.204   -17.856 -8.381  1.00 36.14 ? 39  A   B C8    1 
ATOM   785  N N7    . A   B 1 17 ? 3.593   -18.179 -7.259  1.00 38.88 ? 39  A   B N7    1 
ATOM   786  C C5    . A   B 1 17 ? 3.732   -19.560 -7.177  1.00 36.99 ? 39  A   B C5    1 
ATOM   787  C C6    . A   B 1 17 ? 3.298   -20.515 -6.229  1.00 37.59 ? 39  A   B C6    1 
ATOM   788  N N6    . A   B 1 17 ? 2.622   -20.230 -5.128  1.00 38.75 ? 39  A   B N6    1 
ATOM   789  N N1    . A   B 1 17 ? 3.587   -21.808 -6.463  1.00 38.54 ? 39  A   B N1    1 
ATOM   790  C C2    . A   B 1 17 ? 4.255   -22.124 -7.577  1.00 37.41 ? 39  A   B C2    1 
ATOM   791  N N3    . A   B 1 17 ? 4.701   -21.327 -8.540  1.00 37.46 ? 39  A   B N3    1 
ATOM   792  C C4    . A   B 1 17 ? 4.410   -20.038 -8.271  1.00 37.69 ? 39  A   B C4    1 
ATOM   793  P P     . G   B 1 18 ? 5.241   -15.614 -13.971 1.00 50.35 ? 40  G   B P     1 
ATOM   794  O OP1   . G   B 1 18 ? 5.509   -15.837 -15.424 1.00 50.71 ? 40  G   B OP1   1 
ATOM   795  O OP2   . G   B 1 18 ? 6.014   -14.563 -13.253 1.00 49.70 ? 40  G   B OP2   1 
ATOM   796  O "O5'" . G   B 1 18 ? 3.686   -15.274 -13.775 1.00 45.73 ? 40  G   B "O5'" 1 
ATOM   797  C "C5'" . G   B 1 18 ? 2.642   -16.149 -14.206 1.00 39.50 ? 40  G   B "C5'" 1 
ATOM   798  C "C4'" . G   B 1 18 ? 1.345   -15.366 -14.340 1.00 37.94 ? 40  G   B "C4'" 1 
ATOM   799  O "O4'" . G   B 1 18 ? 1.030   -14.669 -13.096 1.00 35.89 ? 40  G   B "O4'" 1 
ATOM   800  C "C3'" . G   B 1 18 ? 1.432   -14.250 -15.366 1.00 37.86 ? 40  G   B "C3'" 1 
ATOM   801  O "O3'" . G   B 1 18 ? 1.095   -14.768 -16.653 1.00 38.05 ? 40  G   B "O3'" 1 
ATOM   802  C "C2'" . G   B 1 18 ? 0.378   -13.269 -14.891 1.00 36.03 ? 40  G   B "C2'" 1 
ATOM   803  O "O2'" . G   B 1 18 ? -0.863  -13.754 -15.331 1.00 39.96 ? 40  G   B "O2'" 1 
ATOM   804  C "C1'" . G   B 1 18 ? 0.505   -13.365 -13.371 1.00 34.18 ? 40  G   B "C1'" 1 
ATOM   805  N N9    . G   B 1 18 ? 1.467   -12.387 -12.876 1.00 33.63 ? 40  G   B N9    1 
ATOM   806  C C8    . G   B 1 18 ? 2.683   -12.679 -12.290 1.00 30.93 ? 40  G   B C8    1 
ATOM   807  N N7    . G   B 1 18 ? 3.414   -11.617 -12.073 1.00 29.85 ? 40  G   B N7    1 
ATOM   808  C C5    . G   B 1 18 ? 2.628   -10.553 -12.496 1.00 30.71 ? 40  G   B C5    1 
ATOM   809  C C6    . G   B 1 18 ? 2.898   -9.155  -12.490 1.00 32.47 ? 40  G   B C6    1 
ATOM   810  O O6    . G   B 1 18 ? 3.917   -8.555  -12.086 1.00 32.66 ? 40  G   B O6    1 
ATOM   811  N N1    . G   B 1 18 ? 1.839   -8.431  -13.012 1.00 32.44 ? 40  G   B N1    1 
ATOM   812  C C2    . G   B 1 18 ? 0.671   -8.972  -13.467 1.00 33.18 ? 40  G   B C2    1 
ATOM   813  N N2    . G   B 1 18 ? -0.195  -8.083  -13.964 1.00 34.72 ? 40  G   B N2    1 
ATOM   814  N N3    . G   B 1 18 ? 0.385   -10.273 -13.452 1.00 31.11 ? 40  G   B N3    1 
ATOM   815  C C4    . G   B 1 18 ? 1.405   -11.000 -12.967 1.00 31.45 ? 40  G   B C4    1 
ATOM   816  P P     . U   B 1 19 ? 1.578   -13.999 -17.979 1.00 39.94 ? 41  U   B P     1 
ATOM   817  O OP1   . U   B 1 19 ? 1.005   -14.713 -19.156 1.00 42.91 ? 41  U   B OP1   1 
ATOM   818  O OP2   . U   B 1 19 ? 3.033   -13.673 -17.958 1.00 38.34 ? 41  U   B OP2   1 
ATOM   819  O "O5'" . U   B 1 19 ? 0.836   -12.608 -17.884 1.00 37.11 ? 41  U   B "O5'" 1 
ATOM   820  C "C5'" . U   B 1 19 ? -0.548  -12.511 -18.033 1.00 35.39 ? 41  U   B "C5'" 1 
ATOM   821  C "C4'" . U   B 1 19 ? -0.912  -11.069 -18.232 1.00 36.76 ? 41  U   B "C4'" 1 
ATOM   822  O "O4'" . U   B 1 19 ? -0.578  -10.287 -17.056 1.00 34.52 ? 41  U   B "O4'" 1 
ATOM   823  C "C3'" . U   B 1 19 ? -0.103  -10.409 -19.318 1.00 38.17 ? 41  U   B "C3'" 1 
ATOM   824  O "O3'" . U   B 1 19 ? -0.635  -10.830 -20.565 1.00 41.51 ? 41  U   B "O3'" 1 
ATOM   825  C "C2'" . U   B 1 19 ? -0.292  -8.940  -18.971 1.00 38.23 ? 41  U   B "C2'" 1 
ATOM   826  O "O2'" . U   B 1 19 ? -1.584  -8.486  -19.311 1.00 39.05 ? 41  U   B "O2'" 1 
ATOM   827  C "C1'" . U   B 1 19 ? -0.180  -8.990  -17.445 1.00 36.03 ? 41  U   B "C1'" 1 
ATOM   828  N N1    . U   B 1 19 ? 1.188   -8.778  -16.952 1.00 36.18 ? 41  U   B N1    1 
ATOM   829  C C2    . U   B 1 19 ? 1.613   -7.496  -16.856 1.00 36.61 ? 41  U   B C2    1 
ATOM   830  O O2    . U   B 1 19 ? 0.912   -6.554  -17.188 1.00 37.29 ? 41  U   B O2    1 
ATOM   831  N N3    . U   B 1 19 ? 2.888   -7.343  -16.366 1.00 36.89 ? 41  U   B N3    1 
ATOM   832  C C4    . U   B 1 19 ? 3.766   -8.346  -15.979 1.00 37.98 ? 41  U   B C4    1 
ATOM   833  O O4    . U   B 1 19 ? 4.895   -8.053  -15.532 1.00 38.20 ? 41  U   B O4    1 
ATOM   834  C C5    . U   B 1 19 ? 3.248   -9.653  -16.133 1.00 35.60 ? 41  U   B C5    1 
ATOM   835  C C6    . U   B 1 19 ? 2.005   -9.823  -16.601 1.00 36.10 ? 41  U   B C6    1 
ATOM   836  P P     . C   B 1 20 ? 0.167   -10.548 -21.934 1.00 41.22 ? 42  C   B P     1 
ATOM   837  O OP1   . C   B 1 20 ? -0.523  -11.387 -22.927 1.00 43.37 ? 42  C   B OP1   1 
ATOM   838  O OP2   . C   B 1 20 ? 1.639   -10.680 -21.796 1.00 41.25 ? 42  C   B OP2   1 
ATOM   839  O "O5'" . C   B 1 20 ? -0.201  -9.033  -22.175 1.00 40.41 ? 42  C   B "O5'" 1 
ATOM   840  C "C5'" . C   B 1 20 ? 0.721   -8.208  -22.803 1.00 45.09 ? 42  C   B "C5'" 1 
ATOM   841  C "C4'" . C   B 1 20 ? 0.321   -6.772  -22.686 1.00 46.82 ? 42  C   B "C4'" 1 
ATOM   842  O "O4'" . C   B 1 20 ? 0.289   -6.363  -21.297 1.00 48.88 ? 42  C   B "O4'" 1 
ATOM   843  C "C3'" . C   B 1 20 ? 1.401   -5.935  -23.322 1.00 48.29 ? 42  C   B "C3'" 1 
ATOM   844  O "O3'" . C   B 1 20 ? 1.048   -5.802  -24.680 1.00 50.29 ? 42  C   B "O3'" 1 
ATOM   845  C "C2'" . C   B 1 20 ? 1.396   -4.672  -22.480 1.00 48.13 ? 42  C   B "C2'" 1 
ATOM   846  O "O2'" . C   B 1 20 ? 0.306   -3.814  -22.781 1.00 48.90 ? 42  C   B "O2'" 1 
ATOM   847  C "C1'" . C   B 1 20 ? 1.194   -5.288  -21.101 1.00 46.14 ? 42  C   B "C1'" 1 
ATOM   848  N N1    . C   B 1 20 ? 2.397   -5.901  -20.541 1.00 43.55 ? 42  C   B N1    1 
ATOM   849  C C2    . C   B 1 20 ? 3.428   -5.099  -20.065 1.00 41.09 ? 42  C   B C2    1 
ATOM   850  O O2    . C   B 1 20 ? 3.321   -3.887  -20.162 1.00 41.40 ? 42  C   B O2    1 
ATOM   851  N N3    . C   B 1 20 ? 4.503   -5.678  -19.504 1.00 40.39 ? 42  C   B N3    1 
ATOM   852  C C4    . C   B 1 20 ? 4.550   -7.011  -19.379 1.00 40.96 ? 42  C   B C4    1 
ATOM   853  N N4    . C   B 1 20 ? 5.589   -7.557  -18.743 1.00 40.66 ? 42  C   B N4    1 
ATOM   854  C C5    . C   B 1 20 ? 3.521   -7.852  -19.887 1.00 41.56 ? 42  C   B C5    1 
ATOM   855  C C6    . C   B 1 20 ? 2.482   -7.264  -20.461 1.00 41.73 ? 42  C   B C6    1 
ATOM   856  P P     . G   B 1 21 ? 2.079   -6.273  -25.808 1.00 52.17 ? 43  G   B P     1 
ATOM   857  O OP1   . G   B 1 21 ? 1.317   -6.170  -27.083 1.00 53.02 ? 43  G   B OP1   1 
ATOM   858  O OP2   . G   B 1 21 ? 2.749   -7.555  -25.447 1.00 50.43 ? 43  G   B OP2   1 
ATOM   859  O "O5'" . G   B 1 21 ? 3.126   -5.086  -25.738 1.00 52.57 ? 43  G   B "O5'" 1 
ATOM   860  C "C5'" . G   B 1 21 ? 2.641   -3.761  -25.643 1.00 55.68 ? 43  G   B "C5'" 1 
ATOM   861  C "C4'" . G   B 1 21 ? 3.751   -2.848  -25.250 1.00 59.62 ? 43  G   B "C4'" 1 
ATOM   862  O "O4'" . G   B 1 21 ? 3.973   -2.946  -23.827 1.00 61.07 ? 43  G   B "O4'" 1 
ATOM   863  C "C3'" . G   B 1 21 ? 5.098   -3.230  -25.837 1.00 61.36 ? 43  G   B "C3'" 1 
ATOM   864  O "O3'" . G   B 1 21 ? 5.226   -2.776  -27.171 1.00 64.16 ? 43  G   B "O3'" 1 
ATOM   865  C "C2'" . G   B 1 21 ? 6.034   -2.487  -24.913 1.00 61.42 ? 43  G   B "C2'" 1 
ATOM   866  O "O2'" . G   B 1 21 ? 6.053   -1.113  -25.214 1.00 62.59 ? 43  G   B "O2'" 1 
ATOM   867  C "C1'" . G   B 1 21 ? 5.349   -2.713  -23.566 1.00 61.99 ? 43  G   B "C1'" 1 
ATOM   868  N N9    . G   B 1 21 ? 5.917   -3.877  -22.894 1.00 62.04 ? 43  G   B N9    1 
ATOM   869  C C8    . G   B 1 21 ? 5.386   -5.141  -22.775 1.00 62.57 ? 43  G   B C8    1 
ATOM   870  N N7    . G   B 1 21 ? 6.177   -5.970  -22.141 1.00 62.54 ? 43  G   B N7    1 
ATOM   871  C C5    . G   B 1 21 ? 7.295   -5.202  -21.827 1.00 61.04 ? 43  G   B C5    1 
ATOM   872  C C6    . G   B 1 21 ? 8.498   -5.556  -21.169 1.00 60.03 ? 43  G   B C6    1 
ATOM   873  O O6    . G   B 1 21 ? 8.847   -6.666  -20.745 1.00 58.34 ? 43  G   B O6    1 
ATOM   874  N N1    . G   B 1 21 ? 9.346   -4.460  -21.043 1.00 59.56 ? 43  G   B N1    1 
ATOM   875  C C2    . G   B 1 21 ? 9.079   -3.192  -21.512 1.00 60.22 ? 43  G   B C2    1 
ATOM   876  N N2    . G   B 1 21 ? 10.014  -2.251  -21.287 1.00 60.97 ? 43  G   B N2    1 
ATOM   877  N N3    . G   B 1 21 ? 7.978   -2.864  -22.151 1.00 59.84 ? 43  G   B N3    1 
ATOM   878  C C4    . G   B 1 21 ? 7.137   -3.906  -22.270 1.00 61.14 ? 43  G   B C4    1 
ATOM   879  P P     . C   B 1 22 ? 6.210   -3.547  -28.192 1.00 67.18 ? 44  C   B P     1 
ATOM   880  O OP1   . C   B 1 22 ? 5.980   -2.857  -29.491 1.00 68.18 ? 44  C   B OP1   1 
ATOM   881  O OP2   . C   B 1 22 ? 6.044   -5.030  -28.103 1.00 66.71 ? 44  C   B OP2   1 
ATOM   882  O "O5'" . C   B 1 22 ? 7.674   -3.165  -27.690 1.00 64.02 ? 44  C   B "O5'" 1 
ATOM   883  C "C5'" . C   B 1 22 ? 8.054   -1.807  -27.586 1.00 62.66 ? 44  C   B "C5'" 1 
ATOM   884  C "C4'" . C   B 1 22 ? 9.392   -1.698  -26.921 1.00 63.03 ? 44  C   B "C4'" 1 
ATOM   885  O "O4'" . C   B 1 22 ? 9.305   -2.124  -25.532 1.00 61.78 ? 44  C   B "O4'" 1 
ATOM   886  C "C3'" . C   B 1 22 ? 10.439  -2.625  -27.501 1.00 63.60 ? 44  C   B "C3'" 1 
ATOM   887  O "O3'" . C   B 1 22 ? 10.936  -2.201  -28.773 1.00 65.84 ? 44  C   B "O3'" 1 
ATOM   888  C "C2'" . C   B 1 22 ? 11.461  -2.657  -26.380 1.00 62.87 ? 44  C   B "C2'" 1 
ATOM   889  O "O2'" . C   B 1 22 ? 12.221  -1.466  -26.370 1.00 63.41 ? 44  C   B "O2'" 1 
ATOM   890  C "C1'" . C   B 1 22 ? 10.544  -2.719  -25.149 1.00 62.28 ? 44  C   B "C1'" 1 
ATOM   891  N N1    . C   B 1 22 ? 10.309  -4.115  -24.697 1.00 60.11 ? 44  C   B N1    1 
ATOM   892  C C2    . C   B 1 22 ? 11.242  -4.706  -23.820 1.00 59.19 ? 44  C   B C2    1 
ATOM   893  O O2    . C   B 1 22 ? 12.213  -4.040  -23.434 1.00 58.95 ? 44  C   B O2    1 
ATOM   894  N N3    . C   B 1 22 ? 11.060  -5.986  -23.425 1.00 58.27 ? 44  C   B N3    1 
ATOM   895  C C4    . C   B 1 22 ? 10.004  -6.676  -23.862 1.00 57.48 ? 44  C   B C4    1 
ATOM   896  N N4    . C   B 1 22 ? 9.868   -7.936  -23.443 1.00 56.08 ? 44  C   B N4    1 
ATOM   897  C C5    . C   B 1 22 ? 9.040   -6.104  -24.745 1.00 58.04 ? 44  C   B C5    1 
ATOM   898  C C6    . C   B 1 22 ? 9.229   -4.832  -25.131 1.00 59.38 ? 44  C   B C6    1 
HETATM 899  C C11   . PAR C 2 .  ? -6.462  9.826   9.518   1.00 41.60 ? 45  PAR A C11   1 
HETATM 900  O O11   . PAR C 2 .  ? -7.212  10.297  10.641  1.00 47.43 ? 45  PAR A O11   1 
HETATM 901  C C21   . PAR C 2 .  ? -5.265  10.793  9.352   1.00 40.70 ? 45  PAR A C21   1 
HETATM 902  N N21   . PAR C 2 .  ? -4.667  11.134  10.651  1.00 40.52 ? 45  PAR A N21   1 
HETATM 903  C C31   . PAR C 2 .  ? -5.704  12.094  8.707   1.00 40.36 ? 45  PAR A C31   1 
HETATM 904  O O31   . PAR C 2 .  ? -4.614  12.981  8.484   1.00 41.35 ? 45  PAR A O31   1 
HETATM 905  C C41   . PAR C 2 .  ? -6.400  11.762  7.399   1.00 39.92 ? 45  PAR A C41   1 
HETATM 906  O O41   . PAR C 2 .  ? -6.659  12.929  6.671   1.00 40.66 ? 45  PAR A O41   1 
HETATM 907  C C51   . PAR C 2 .  ? -7.698  11.010  7.712   1.00 39.30 ? 45  PAR A C51   1 
HETATM 908  O O51   . PAR C 2 .  ? -7.333  9.759   8.344   1.00 37.12 ? 45  PAR A O51   1 
HETATM 909  C C61   . PAR C 2 .  ? -8.502  10.724  6.471   1.00 38.50 ? 45  PAR A C61   1 
HETATM 910  O O61   . PAR C 2 .  ? -9.173  9.503   6.590   1.00 41.45 ? 45  PAR A O61   1 
HETATM 911  C C12   . PAR C 2 .  ? -9.274  8.620   13.973  1.00 54.39 ? 45  PAR A C12   1 
HETATM 912  N N12   . PAR C 2 .  ? -10.078 7.775   14.904  1.00 54.84 ? 45  PAR A N12   1 
HETATM 913  C C22   . PAR C 2 .  ? -10.147 9.118   12.777  1.00 52.16 ? 45  PAR A C22   1 
HETATM 914  C C32   . PAR C 2 .  ? -9.312  10.072  11.870  1.00 51.06 ? 45  PAR A C32   1 
HETATM 915  N N32   . PAR C 2 .  ? -10.148 10.546  10.739  1.00 49.81 ? 45  PAR A N32   1 
HETATM 916  C C42   . PAR C 2 .  ? -8.046  9.339   11.326  1.00 51.44 ? 45  PAR A C42   1 
HETATM 917  C C52   . PAR C 2 .  ? -7.187  8.694   12.404  1.00 53.59 ? 45  PAR A C52   1 
HETATM 918  O O52   . PAR C 2 .  ? -6.243  7.858   11.683  1.00 55.87 ? 45  PAR A O52   1 
HETATM 919  C C62   . PAR C 2 .  ? -8.026  7.842   13.437  1.00 54.19 ? 45  PAR A C62   1 
HETATM 920  O O62   . PAR C 2 .  ? -7.191  7.533   14.560  1.00 53.87 ? 45  PAR A O62   1 
HETATM 921  C C13   . PAR C 2 .  ? -5.039  7.394   12.333  1.00 59.17 ? 45  PAR A C13   1 
HETATM 922  C C23   . PAR C 2 .  ? -4.572  6.033   11.724  1.00 60.91 ? 45  PAR A C23   1 
HETATM 923  O O23   . PAR C 2 .  ? -5.091  4.883   12.422  1.00 60.51 ? 45  PAR A O23   1 
HETATM 924  C C33   . PAR C 2 .  ? -3.066  6.212   11.864  1.00 62.01 ? 45  PAR A C33   1 
HETATM 925  O O33   . PAR C 2 .  ? -2.642  6.024   13.252  1.00 66.42 ? 45  PAR A O33   1 
HETATM 926  C C43   . PAR C 2 .  ? -2.848  7.671   11.466  1.00 60.28 ? 45  PAR A C43   1 
HETATM 927  O O43   . PAR C 2 .  ? -3.952  8.312   12.101  1.00 60.76 ? 45  PAR A O43   1 
HETATM 928  C C53   . PAR C 2 .  ? -2.833  7.954   9.941   1.00 58.45 ? 45  PAR A C53   1 
HETATM 929  O O53   . PAR C 2 .  ? -2.154  9.175   9.691   1.00 57.94 ? 45  PAR A O53   1 
HETATM 930  C C14   . PAR C 2 .  ? -1.220  5.859   13.458  1.00 71.13 ? 45  PAR A C14   1 
HETATM 931  C C24   . PAR C 2 .  ? -0.870  4.930   14.662  1.00 72.98 ? 45  PAR A C24   1 
HETATM 932  N N24   . PAR C 2 .  ? -1.617  5.334   15.893  1.00 73.39 ? 45  PAR A N24   1 
HETATM 933  C C34   . PAR C 2 .  ? 0.698   4.938   14.914  1.00 74.48 ? 45  PAR A C34   1 
HETATM 934  O O34   . PAR C 2 .  ? 1.316   4.107   13.901  1.00 76.42 ? 45  PAR A O34   1 
HETATM 935  C C44   . PAR C 2 .  ? 1.357   6.383   14.899  1.00 74.33 ? 45  PAR A C44   1 
HETATM 936  O O44   . PAR C 2 .  ? 0.902   7.076   16.061  1.00 75.57 ? 45  PAR A O44   1 
HETATM 937  C C54   . PAR C 2 .  ? 0.927   7.170   13.619  1.00 73.51 ? 45  PAR A C54   1 
HETATM 938  O O54   . PAR C 2 .  ? -0.547  7.197   13.638  1.00 73.17 ? 45  PAR A O54   1 
HETATM 939  C C64   . PAR C 2 .  ? 1.515   8.630   13.531  1.00 73.10 ? 45  PAR A C64   1 
HETATM 940  N N64   . PAR C 2 .  ? 0.893   9.619   14.454  1.00 71.37 ? 45  PAR A N64   1 
HETATM 941  C C11   . PAR D 2 .  ? 6.554   -9.290  -8.568  1.00 27.66 ? 46  PAR B C11   1 
HETATM 942  O O11   . PAR D 2 .  ? 7.112   -10.086 -9.644  1.00 29.82 ? 46  PAR B O11   1 
HETATM 943  C C21   . PAR D 2 .  ? 7.509   -9.445  -7.350  1.00 28.24 ? 46  PAR B C21   1 
HETATM 944  N N21   . PAR D 2 .  ? 8.939   -9.136  -7.641  1.00 26.24 ? 46  PAR B N21   1 
HETATM 945  C C31   . PAR D 2 .  ? 7.429   -10.907 -6.861  1.00 27.93 ? 46  PAR B C31   1 
HETATM 946  O O31   . PAR D 2 .  ? 8.259   -11.103 -5.751  1.00 25.79 ? 46  PAR B O31   1 
HETATM 947  C C41   . PAR D 2 .  ? 5.965   -11.272 -6.518  1.00 26.48 ? 46  PAR B C41   1 
HETATM 948  O O41   . PAR D 2 .  ? 5.872   -12.602 -6.047  1.00 25.19 ? 46  PAR B O41   1 
HETATM 949  C C51   . PAR D 2 .  ? 5.095   -11.119 -7.747  1.00 27.78 ? 46  PAR B C51   1 
HETATM 950  O O51   . PAR D 2 .  ? 5.219   -9.794  -8.248  1.00 26.17 ? 46  PAR B O51   1 
HETATM 951  C C61   . PAR D 2 .  ? 3.627   -11.344 -7.466  1.00 30.98 ? 46  PAR B C61   1 
HETATM 952  O O61   . PAR D 2 .  ? 2.912   -11.370 -8.687  1.00 37.60 ? 46  PAR B O61   1 
HETATM 953  C C12   . PAR D 2 .  ? 7.604   -9.721  -13.824 1.00 26.17 ? 46  PAR B C12   1 
HETATM 954  N N12   . PAR D 2 .  ? 7.321   -9.454  -15.235 1.00 28.65 ? 46  PAR B N12   1 
HETATM 955  C C22   . PAR D 2 .  ? 6.671   -10.862 -13.299 1.00 23.30 ? 46  PAR B C22   1 
HETATM 956  C C32   . PAR D 2 .  ? 6.931   -11.113 -11.802 1.00 24.94 ? 46  PAR B C32   1 
HETATM 957  N N32   . PAR D 2 .  ? 6.028   -12.144 -11.280 1.00 26.14 ? 46  PAR B N32   1 
HETATM 958  C C42   . PAR D 2 .  ? 6.741   -9.811  -10.999 1.00 28.22 ? 46  PAR B C42   1 
HETATM 959  C C52   . PAR D 2 .  ? 7.628   -8.660  -11.512 1.00 31.55 ? 46  PAR B C52   1 
HETATM 960  O O52   . PAR D 2 .  ? 7.226   -7.488  -10.777 1.00 34.68 ? 46  PAR B O52   1 
HETATM 961  C C62   . PAR D 2 .  ? 7.401   -8.440  -13.030 1.00 29.31 ? 46  PAR B C62   1 
HETATM 962  O O62   . PAR D 2 .  ? 8.290   -7.460  -13.491 1.00 35.65 ? 46  PAR B O62   1 
HETATM 963  C C13   . PAR D 2 .  ? 8.056   -6.343  -10.607 1.00 41.82 ? 46  PAR B C13   1 
HETATM 964  C C23   . PAR D 2 .  ? 7.143   -5.106  -10.287 1.00 45.19 ? 46  PAR B C23   1 
HETATM 965  O O23   . PAR D 2 .  ? 6.672   -4.425  -11.437 1.00 46.57 ? 46  PAR B O23   1 
HETATM 966  C C33   . PAR D 2 .  ? 8.130   -4.316  -9.439  1.00 47.80 ? 46  PAR B C33   1 
HETATM 967  O O33   . PAR D 2 .  ? 9.233   -3.810  -10.249 1.00 54.67 ? 46  PAR B O33   1 
HETATM 968  C C43   . PAR D 2 .  ? 8.694   -5.379  -8.506  1.00 45.74 ? 46  PAR B C43   1 
HETATM 969  O O43   . PAR D 2 .  ? 8.887   -6.471  -9.421  1.00 43.65 ? 46  PAR B O43   1 
HETATM 970  C C53   . PAR D 2 .  ? 7.769   -5.757  -7.303  1.00 46.42 ? 46  PAR B C53   1 
HETATM 971  O O53   . PAR D 2 .  ? 8.506   -6.382  -6.244  1.00 47.00 ? 46  PAR B O53   1 
HETATM 972  C C14   . PAR D 2 .  ? 9.949   -2.735  -9.647  1.00 58.15 ? 46  PAR B C14   1 
HETATM 973  C C24   . PAR D 2 .  ? 10.393  -1.607  -10.639 1.00 59.94 ? 46  PAR B C24   1 
HETATM 974  N N24   . PAR D 2 .  ? 11.252  -2.117  -11.751 1.00 57.75 ? 46  PAR B N24   1 
HETATM 975  C C34   . PAR D 2 .  ? 11.134  -0.519  -9.794  1.00 60.95 ? 46  PAR B C34   1 
HETATM 976  O O34   . PAR D 2 .  ? 10.150  0.039   -8.840  1.00 62.53 ? 46  PAR B O34   1 
HETATM 977  C C44   . PAR D 2 .  ? 12.350  -1.109  -8.979  1.00 60.82 ? 46  PAR B C44   1 
HETATM 978  O O44   . PAR D 2 .  ? 13.329  -1.598  -9.911  1.00 59.54 ? 46  PAR B O44   1 
HETATM 979  C C54   . PAR D 2 .  ? 11.803  -2.264  -8.042  1.00 60.94 ? 46  PAR B C54   1 
HETATM 980  O O54   . PAR D 2 .  ? 11.138  -3.252  -8.899  1.00 60.12 ? 46  PAR B O54   1 
HETATM 981  C C64   . PAR D 2 .  ? 12.883  -2.961  -7.184  1.00 62.27 ? 46  PAR B C64   1 
HETATM 982  N N64   . PAR D 2 .  ? 13.640  -4.009  -7.922  1.00 64.76 ? 46  PAR B N64   1 
HETATM 983  O O     . HOH E 3 .  ? -3.069  -10.787 -10.770 1.00 49.15 ? 101 HOH A O     1 
HETATM 984  O O     . HOH E 3 .  ? 8.509   10.088  8.778   1.00 50.59 ? 105 HOH A O     1 
HETATM 985  O O     . HOH E 3 .  ? -19.017 1.401   23.964  1.00 61.99 ? 106 HOH A O     1 
HETATM 986  O O     . HOH E 3 .  ? -4.781  4.260   15.480  1.00 60.16 ? 107 HOH A O     1 
HETATM 987  O O     . HOH E 3 .  ? 6.855   -5.869  -14.998 1.00 40.62 ? 108 HOH A O     1 
HETATM 988  O O     . HOH E 3 .  ? 4.061   -4.825  -9.264  1.00 50.38 ? 109 HOH A O     1 
HETATM 989  O O     . HOH E 3 .  ? 11.350  0.213   9.434   1.00 42.46 ? 111 HOH A O     1 
HETATM 990  O O     . HOH E 3 .  ? 9.412   -8.295  -16.736 1.00 48.77 ? 113 HOH A O     1 
HETATM 991  O O     . HOH E 3 .  ? -0.316  3.345   5.245   1.00 57.19 ? 116 HOH A O     1 
HETATM 992  O O     . HOH E 3 .  ? 0.659   0.690   4.920   1.00 28.23 ? 117 HOH A O     1 
HETATM 993  O O     . HOH E 3 .  ? -1.692  0.822   3.960   1.00 56.55 ? 118 HOH A O     1 
HETATM 994  O O     . HOH E 3 .  ? 10.444  -5.994  -15.363 1.00 66.00 ? 119 HOH A O     1 
HETATM 995  O O     . HOH E 3 .  ? 8.673   4.941   5.461   1.00 64.78 ? 122 HOH A O     1 
HETATM 996  O O     . HOH E 3 .  ? 11.663  9.973   8.501   1.00 68.89 ? 124 HOH A O     1 
HETATM 997  O O     . HOH E 3 .  ? 9.648   7.850   10.537  1.00 59.00 ? 135 HOH A O     1 
HETATM 998  O O     . HOH E 3 .  ? 1.372   2.777   7.881   1.00 53.72 ? 136 HOH A O     1 
HETATM 999  O O     . HOH E 3 .  ? -10.665 12.881  13.614  1.00 50.03 ? 140 HOH A O     1 
HETATM 1000 O O     . HOH E 3 .  ? 12.995  -5.046  -13.714 1.00 55.23 ? 142 HOH A O     1 
HETATM 1001 O O     . HOH E 3 .  ? 4.762   11.318  1.971   1.00 58.23 ? 143 HOH A O     1 
HETATM 1002 O O     . HOH E 3 .  ? -1.185  4.633   8.150   1.00 49.20 ? 145 HOH A O     1 
HETATM 1003 O O     . HOH E 3 .  ? 6.259   9.823   4.164   1.00 61.37 ? 150 HOH A O     1 
HETATM 1004 O O     . HOH E 3 .  ? 2.673   -2.859  -7.982  1.00 63.30 ? 151 HOH A O     1 
HETATM 1005 O O     . HOH F 3 .  ? -5.042  4.072   9.064   1.00 51.65 ? 102 HOH B O     1 
HETATM 1006 O O     . HOH F 3 .  ? 1.512   -13.001 -2.531  1.00 47.52 ? 103 HOH B O     1 
HETATM 1007 O O     . HOH F 3 .  ? -3.448  -8.744  -14.877 1.00 45.73 ? 104 HOH B O     1 
HETATM 1008 O O     . HOH F 3 .  ? -6.785  2.622   -5.070  1.00 59.80 ? 110 HOH B O     1 
HETATM 1009 O O     . HOH F 3 .  ? 5.777   -10.049 -19.008 1.00 43.26 ? 112 HOH B O     1 
HETATM 1010 O O     . HOH F 3 .  ? 10.318  -11.725 -9.081  1.00 37.72 ? 114 HOH B O     1 
HETATM 1011 O O     . HOH F 3 .  ? 6.817   -0.968  -9.056  1.00 61.23 ? 115 HOH B O     1 
HETATM 1012 O O     . HOH F 3 .  ? 6.854   -11.456 -16.956 1.00 53.14 ? 120 HOH B O     1 
HETATM 1013 O O     . HOH F 3 .  ? 8.609   -9.273  2.218   1.00 55.22 ? 121 HOH B O     1 
HETATM 1014 O O     . HOH F 3 .  ? 15.048  -10.069 -7.081  1.00 67.34 ? 123 HOH B O     1 
HETATM 1015 O O     . HOH F 3 .  ? -2.517  -11.485 -14.491 1.00 56.22 ? 125 HOH B O     1 
HETATM 1016 O O     . HOH F 3 .  ? 13.170  -12.519 -7.898  1.00 52.84 ? 126 HOH B O     1 
HETATM 1017 O O     . HOH F 3 .  ? -1.625  -13.495 -10.260 1.00 48.87 ? 127 HOH B O     1 
HETATM 1018 O O     . HOH F 3 .  ? 1.050   -14.936 -10.134 1.00 58.05 ? 128 HOH B O     1 
HETATM 1019 O O     . HOH F 3 .  ? 9.815   1.607   3.770   1.00 42.89 ? 129 HOH B O     1 
HETATM 1020 O O     . HOH F 3 .  ? 11.998  1.984   2.322   1.00 57.62 ? 130 HOH B O     1 
HETATM 1021 O O     . HOH F 3 .  ? 9.390   3.751   2.114   1.00 44.87 ? 131 HOH B O     1 
HETATM 1022 O O     . HOH F 3 .  ? 3.707   -13.886 -9.526  1.00 46.00 ? 132 HOH B O     1 
HETATM 1023 O O     . HOH F 3 .  ? 2.468   2.301   -3.539  1.00 46.74 ? 133 HOH B O     1 
HETATM 1024 O O     . HOH F 3 .  ? 5.972   -8.457  0.917   1.00 31.79 ? 134 HOH B O     1 
HETATM 1025 O O     . HOH F 3 .  ? 2.043   -15.665 -3.887  1.00 57.20 ? 137 HOH B O     1 
HETATM 1026 O O     . HOH F 3 .  ? 6.197   -8.786  -22.165 1.00 43.15 ? 138 HOH B O     1 
HETATM 1027 O O     . HOH F 3 .  ? 1.905   -13.799 -22.650 1.00 61.80 ? 139 HOH B O     1 
HETATM 1028 O O     . HOH F 3 .  ? -3.609  11.552  0.787   1.00 57.60 ? 141 HOH B O     1 
HETATM 1029 O O     . HOH F 3 .  ? 11.636  -10.130 -5.706  1.00 46.71 ? 144 HOH B O     1 
HETATM 1030 O O     . HOH F 3 .  ? 12.407  -16.003 -9.511  1.00 54.70 ? 146 HOH B O     1 
HETATM 1031 O O     . HOH F 3 .  ? 4.962   -2.477  -6.129  1.00 58.74 ? 147 HOH B O     1 
HETATM 1032 O O     . HOH F 3 .  ? 3.969   0.108   -4.719  1.00 72.38 ? 148 HOH B O     1 
HETATM 1033 O O     . HOH F 3 .  ? 0.898   -4.075  -17.765 1.00 42.06 ? 149 HOH B O     1 
HETATM 1034 O O     . HOH F 3 .  ? 13.724  -11.756 -3.752  1.00 51.00 ? 152 HOH B O     1 
HETATM 1035 O O     . HOH F 3 .  ? 14.714  -7.048  -5.033  1.00 58.54 ? 153 HOH B O     1 
HETATM 1036 O O     . HOH F 3 .  ? -7.770  4.975   14.536  1.00 69.33 ? 154 HOH B O     1 
# 
